data_2PLD
# 
_entry.id   2PLD 
# 
_audit_conform.dict_name       mmcif_pdbx.dic 
_audit_conform.dict_version    5.398 
_audit_conform.dict_location   http://mmcif.pdb.org/dictionaries/ascii/mmcif_pdbx.dic 
# 
loop_
_database_2.database_id 
_database_2.database_code 
_database_2.pdbx_database_accession 
_database_2.pdbx_DOI 
PDB   2PLD         pdb_00002pld 10.2210/pdb2pld/pdb 
WWPDB D_1000178480 ?            ?                   
# 
loop_
_pdbx_audit_revision_history.ordinal 
_pdbx_audit_revision_history.data_content_type 
_pdbx_audit_revision_history.major_revision 
_pdbx_audit_revision_history.minor_revision 
_pdbx_audit_revision_history.revision_date 
1 'Structure model' 1 0 1995-01-26 
2 'Structure model' 1 1 2008-03-03 
3 'Structure model' 1 2 2011-07-13 
4 'Structure model' 1 3 2017-11-29 
5 'Structure model' 1 4 2024-10-30 
# 
_pdbx_audit_revision_details.ordinal             1 
_pdbx_audit_revision_details.revision_ordinal    1 
_pdbx_audit_revision_details.data_content_type   'Structure model' 
_pdbx_audit_revision_details.provider            repository 
_pdbx_audit_revision_details.type                'Initial release' 
_pdbx_audit_revision_details.description         ? 
_pdbx_audit_revision_details.details             ? 
# 
loop_
_pdbx_audit_revision_group.ordinal 
_pdbx_audit_revision_group.revision_ordinal 
_pdbx_audit_revision_group.data_content_type 
_pdbx_audit_revision_group.group 
1 2 'Structure model' 'Version format compliance' 
2 3 'Structure model' 'Version format compliance' 
3 4 'Structure model' 'Derived calculations'      
4 4 'Structure model' Other                       
5 5 'Structure model' 'Data collection'           
6 5 'Structure model' 'Database references'       
7 5 'Structure model' 'Derived calculations'      
8 5 'Structure model' 'Structure summary'         
# 
loop_
_pdbx_audit_revision_category.ordinal 
_pdbx_audit_revision_category.revision_ordinal 
_pdbx_audit_revision_category.data_content_type 
_pdbx_audit_revision_category.category 
1  4 'Structure model' pdbx_database_status      
2  4 'Structure model' pdbx_struct_assembly      
3  4 'Structure model' pdbx_struct_oper_list     
4  4 'Structure model' struct_conf               
5  4 'Structure model' struct_conf_type          
6  5 'Structure model' chem_comp_atom            
7  5 'Structure model' chem_comp_bond            
8  5 'Structure model' database_2                
9  5 'Structure model' pdbx_entry_details        
10 5 'Structure model' pdbx_modification_feature 
11 5 'Structure model' struct_conn               
# 
loop_
_pdbx_audit_revision_item.ordinal 
_pdbx_audit_revision_item.revision_ordinal 
_pdbx_audit_revision_item.data_content_type 
_pdbx_audit_revision_item.item 
1 4 'Structure model' '_pdbx_database_status.process_site'  
2 5 'Structure model' '_database_2.pdbx_DOI'                
3 5 'Structure model' '_database_2.pdbx_database_accession' 
4 5 'Structure model' '_struct_conn.pdbx_leaving_atom_flag' 
# 
_pdbx_database_status.status_code                     REL 
_pdbx_database_status.entry_id                        2PLD 
_pdbx_database_status.recvd_initial_deposition_date   1994-08-19 
_pdbx_database_status.deposit_site                    ? 
_pdbx_database_status.process_site                    BNL 
_pdbx_database_status.SG_entry                        . 
_pdbx_database_status.pdb_format_compatible           Y 
_pdbx_database_status.status_code_mr                  ? 
_pdbx_database_status.status_code_sf                  ? 
_pdbx_database_status.status_code_cs                  ? 
_pdbx_database_status.methods_development_category    ? 
_pdbx_database_status.status_code_nmr_data            ? 
# 
_pdbx_database_related.db_name        PDB 
_pdbx_database_related.db_id          2PLE 
_pdbx_database_related.details        . 
_pdbx_database_related.content_type   ensemble 
# 
loop_
_audit_author.name 
_audit_author.pdbx_ordinal 
'Pascal, S.M.'     1 
'Singer, A.U.'     2 
'Gish, G.'         3 
'Yamazaki, T.'     4 
'Shoelson, S.E.'   5 
'Pawson, T.'       6 
'Kay, L.E.'        7 
'Forman-Kay, J.D.' 8 
# 
_citation.id                        primary 
_citation.title                     
'Nuclear magnetic resonance structure of an SH2 domain of phospholipase C-gamma 1 complexed with a high affinity binding peptide.' 
_citation.journal_abbrev            'Cell(Cambridge,Mass.)' 
_citation.journal_volume            77 
_citation.page_first                461 
_citation.page_last                 472 
_citation.year                      1994 
_citation.journal_id_ASTM           CELLB5 
_citation.country                   US 
_citation.journal_id_ISSN           0092-8674 
_citation.journal_id_CSD            0998 
_citation.book_publisher            ? 
_citation.pdbx_database_id_PubMed   8181064 
_citation.pdbx_database_id_DOI      '10.1016/0092-8674(94)90160-0' 
# 
loop_
_citation_author.citation_id 
_citation_author.name 
_citation_author.ordinal 
_citation_author.identifier_ORCID 
primary 'Pascal, S.M.'     1 ? 
primary 'Singer, A.U.'     2 ? 
primary 'Gish, G.'         3 ? 
primary 'Yamazaki, T.'     4 ? 
primary 'Shoelson, S.E.'   5 ? 
primary 'Pawson, T.'       6 ? 
primary 'Kay, L.E.'        7 ? 
primary 'Forman-Kay, J.D.' 8 ? 
# 
loop_
_entity.id 
_entity.type 
_entity.src_method 
_entity.pdbx_description 
_entity.formula_weight 
_entity.pdbx_number_of_molecules 
_entity.pdbx_ec 
_entity.pdbx_mutation 
_entity.pdbx_fragment 
_entity.details 
1 polymer man 'PHOSPHOLIPASE C GAMMA-1, C-TERMINAL SH2 DOMAIN' 12275.924 1 3.1.4.11 ? ? ? 
2 polymer man 'PHOSPHOPEPTIDE FROM PDGF'                       1480.532  1 ?        ? ? ? 
# 
loop_
_entity_poly.entity_id 
_entity_poly.type 
_entity_poly.nstd_linkage 
_entity_poly.nstd_monomer 
_entity_poly.pdbx_seq_one_letter_code 
_entity_poly.pdbx_seq_one_letter_code_can 
_entity_poly.pdbx_strand_id 
_entity_poly.pdbx_target_identifier 
1 'polypeptide(L)' no no  
;GSPGIHESKEWYHASLTRAQAEHMLMRVPRDGAFLVRKRNEPNSYAISFRAEGKIKHCRVQQEGQTVMLGNSEFDSLVDL
ISYYEKHPLYRKMKLRYPINEENSS
;
;GSPGIHESKEWYHASLTRAQAEHMLMRVPRDGAFLVRKRNEPNSYAISFRAEGKIKHCRVQQEGQTVMLGNSEFDSLVDL
ISYYEKHPLYRKMKLRYPINEENSS
;
A ? 
2 'polypeptide(L)' no yes 'DND(PTR)IIPLPDPK' DNDYIIPLPDPK B ? 
# 
loop_
_entity_poly_seq.entity_id 
_entity_poly_seq.num 
_entity_poly_seq.mon_id 
_entity_poly_seq.hetero 
1 1   GLY n 
1 2   SER n 
1 3   PRO n 
1 4   GLY n 
1 5   ILE n 
1 6   HIS n 
1 7   GLU n 
1 8   SER n 
1 9   LYS n 
1 10  GLU n 
1 11  TRP n 
1 12  TYR n 
1 13  HIS n 
1 14  ALA n 
1 15  SER n 
1 16  LEU n 
1 17  THR n 
1 18  ARG n 
1 19  ALA n 
1 20  GLN n 
1 21  ALA n 
1 22  GLU n 
1 23  HIS n 
1 24  MET n 
1 25  LEU n 
1 26  MET n 
1 27  ARG n 
1 28  VAL n 
1 29  PRO n 
1 30  ARG n 
1 31  ASP n 
1 32  GLY n 
1 33  ALA n 
1 34  PHE n 
1 35  LEU n 
1 36  VAL n 
1 37  ARG n 
1 38  LYS n 
1 39  ARG n 
1 40  ASN n 
1 41  GLU n 
1 42  PRO n 
1 43  ASN n 
1 44  SER n 
1 45  TYR n 
1 46  ALA n 
1 47  ILE n 
1 48  SER n 
1 49  PHE n 
1 50  ARG n 
1 51  ALA n 
1 52  GLU n 
1 53  GLY n 
1 54  LYS n 
1 55  ILE n 
1 56  LYS n 
1 57  HIS n 
1 58  CYS n 
1 59  ARG n 
1 60  VAL n 
1 61  GLN n 
1 62  GLN n 
1 63  GLU n 
1 64  GLY n 
1 65  GLN n 
1 66  THR n 
1 67  VAL n 
1 68  MET n 
1 69  LEU n 
1 70  GLY n 
1 71  ASN n 
1 72  SER n 
1 73  GLU n 
1 74  PHE n 
1 75  ASP n 
1 76  SER n 
1 77  LEU n 
1 78  VAL n 
1 79  ASP n 
1 80  LEU n 
1 81  ILE n 
1 82  SER n 
1 83  TYR n 
1 84  TYR n 
1 85  GLU n 
1 86  LYS n 
1 87  HIS n 
1 88  PRO n 
1 89  LEU n 
1 90  TYR n 
1 91  ARG n 
1 92  LYS n 
1 93  MET n 
1 94  LYS n 
1 95  LEU n 
1 96  ARG n 
1 97  TYR n 
1 98  PRO n 
1 99  ILE n 
1 100 ASN n 
1 101 GLU n 
1 102 GLU n 
1 103 ASN n 
1 104 SER n 
1 105 SER n 
2 1   ASP n 
2 2   ASN n 
2 3   ASP n 
2 4   PTR n 
2 5   ILE n 
2 6   ILE n 
2 7   PRO n 
2 8   LEU n 
2 9   PRO n 
2 10  ASP n 
2 11  PRO n 
2 12  LYS n 
# 
loop_
_entity_src_gen.entity_id 
_entity_src_gen.pdbx_src_id 
_entity_src_gen.pdbx_alt_source_flag 
_entity_src_gen.pdbx_seq_type 
_entity_src_gen.pdbx_beg_seq_num 
_entity_src_gen.pdbx_end_seq_num 
_entity_src_gen.gene_src_common_name 
_entity_src_gen.gene_src_genus 
_entity_src_gen.pdbx_gene_src_gene 
_entity_src_gen.gene_src_species 
_entity_src_gen.gene_src_strain 
_entity_src_gen.gene_src_tissue 
_entity_src_gen.gene_src_tissue_fraction 
_entity_src_gen.gene_src_details 
_entity_src_gen.pdbx_gene_src_fragment 
_entity_src_gen.pdbx_gene_src_scientific_name 
_entity_src_gen.pdbx_gene_src_ncbi_taxonomy_id 
_entity_src_gen.pdbx_gene_src_variant 
_entity_src_gen.pdbx_gene_src_cell_line 
_entity_src_gen.pdbx_gene_src_atcc 
_entity_src_gen.pdbx_gene_src_organ 
_entity_src_gen.pdbx_gene_src_organelle 
_entity_src_gen.pdbx_gene_src_cell 
_entity_src_gen.pdbx_gene_src_cellular_location 
_entity_src_gen.host_org_common_name 
_entity_src_gen.pdbx_host_org_scientific_name 
_entity_src_gen.pdbx_host_org_ncbi_taxonomy_id 
_entity_src_gen.host_org_genus 
_entity_src_gen.pdbx_host_org_gene 
_entity_src_gen.pdbx_host_org_organ 
_entity_src_gen.host_org_species 
_entity_src_gen.pdbx_host_org_tissue 
_entity_src_gen.pdbx_host_org_tissue_fraction 
_entity_src_gen.pdbx_host_org_strain 
_entity_src_gen.pdbx_host_org_variant 
_entity_src_gen.pdbx_host_org_cell_line 
_entity_src_gen.pdbx_host_org_atcc 
_entity_src_gen.pdbx_host_org_culture_collection 
_entity_src_gen.pdbx_host_org_cell 
_entity_src_gen.pdbx_host_org_organelle 
_entity_src_gen.pdbx_host_org_cellular_location 
_entity_src_gen.pdbx_host_org_vector_type 
_entity_src_gen.pdbx_host_org_vector 
_entity_src_gen.host_org_details 
_entity_src_gen.expression_system_id 
_entity_src_gen.plasmid_name 
_entity_src_gen.plasmid_details 
_entity_src_gen.pdbx_description 
1 1 sample ? ? ? cattle Bos ? ? ? ? ? ? ? 'Bos taurus' 9913 ? ? ? ? ? ? ? ? ? ? ? ? ? ? ? ? ? ? ? ? ? ? ? ? ? ? ? ? ? ? ? 
2 1 sample ? ? ? cattle Bos ? ? ? ? ? ? ? 'Bos taurus' 9913 ? ? ? ? ? ? ? ? ? ? ? ? ? ? ? ? ? ? ? ? ? ? ? ? ? ? ? ? ? ? ? 
# 
loop_
_chem_comp.id 
_chem_comp.type 
_chem_comp.mon_nstd_flag 
_chem_comp.name 
_chem_comp.pdbx_synonyms 
_chem_comp.formula 
_chem_comp.formula_weight 
ALA 'L-peptide linking' y ALANINE           ?                 'C3 H7 N O2'     89.093  
ARG 'L-peptide linking' y ARGININE          ?                 'C6 H15 N4 O2 1' 175.209 
ASN 'L-peptide linking' y ASPARAGINE        ?                 'C4 H8 N2 O3'    132.118 
ASP 'L-peptide linking' y 'ASPARTIC ACID'   ?                 'C4 H7 N O4'     133.103 
CYS 'L-peptide linking' y CYSTEINE          ?                 'C3 H7 N O2 S'   121.158 
GLN 'L-peptide linking' y GLUTAMINE         ?                 'C5 H10 N2 O3'   146.144 
GLU 'L-peptide linking' y 'GLUTAMIC ACID'   ?                 'C5 H9 N O4'     147.129 
GLY 'peptide linking'   y GLYCINE           ?                 'C2 H5 N O2'     75.067  
HIS 'L-peptide linking' y HISTIDINE         ?                 'C6 H10 N3 O2 1' 156.162 
ILE 'L-peptide linking' y ISOLEUCINE        ?                 'C6 H13 N O2'    131.173 
LEU 'L-peptide linking' y LEUCINE           ?                 'C6 H13 N O2'    131.173 
LYS 'L-peptide linking' y LYSINE            ?                 'C6 H15 N2 O2 1' 147.195 
MET 'L-peptide linking' y METHIONINE        ?                 'C5 H11 N O2 S'  149.211 
PHE 'L-peptide linking' y PHENYLALANINE     ?                 'C9 H11 N O2'    165.189 
PRO 'L-peptide linking' y PROLINE           ?                 'C5 H9 N O2'     115.130 
PTR 'L-peptide linking' n O-PHOSPHOTYROSINE PHOSPHONOTYROSINE 'C9 H12 N O6 P'  261.168 
SER 'L-peptide linking' y SERINE            ?                 'C3 H7 N O3'     105.093 
THR 'L-peptide linking' y THREONINE         ?                 'C4 H9 N O3'     119.119 
TRP 'L-peptide linking' y TRYPTOPHAN        ?                 'C11 H12 N2 O2'  204.225 
TYR 'L-peptide linking' y TYROSINE          ?                 'C9 H11 N O3'    181.189 
VAL 'L-peptide linking' y VALINE            ?                 'C5 H11 N O2'    117.146 
# 
loop_
_pdbx_poly_seq_scheme.asym_id 
_pdbx_poly_seq_scheme.entity_id 
_pdbx_poly_seq_scheme.seq_id 
_pdbx_poly_seq_scheme.mon_id 
_pdbx_poly_seq_scheme.ndb_seq_num 
_pdbx_poly_seq_scheme.pdb_seq_num 
_pdbx_poly_seq_scheme.auth_seq_num 
_pdbx_poly_seq_scheme.pdb_mon_id 
_pdbx_poly_seq_scheme.auth_mon_id 
_pdbx_poly_seq_scheme.pdb_strand_id 
_pdbx_poly_seq_scheme.pdb_ins_code 
_pdbx_poly_seq_scheme.hetero 
A 1 1   GLY 1   1   1   GLY GLY A . n 
A 1 2   SER 2   2   2   SER SER A . n 
A 1 3   PRO 3   3   3   PRO PRO A . n 
A 1 4   GLY 4   4   4   GLY GLY A . n 
A 1 5   ILE 5   5   5   ILE ILE A . n 
A 1 6   HIS 6   6   6   HIS HIS A . n 
A 1 7   GLU 7   7   7   GLU GLU A . n 
A 1 8   SER 8   8   8   SER SER A . n 
A 1 9   LYS 9   9   9   LYS LYS A . n 
A 1 10  GLU 10  10  10  GLU GLU A . n 
A 1 11  TRP 11  11  11  TRP TRP A . n 
A 1 12  TYR 12  12  12  TYR TYR A . n 
A 1 13  HIS 13  13  13  HIS HIS A . n 
A 1 14  ALA 14  14  14  ALA ALA A . n 
A 1 15  SER 15  15  15  SER SER A . n 
A 1 16  LEU 16  16  16  LEU LEU A . n 
A 1 17  THR 17  17  17  THR THR A . n 
A 1 18  ARG 18  18  18  ARG ARG A . n 
A 1 19  ALA 19  19  19  ALA ALA A . n 
A 1 20  GLN 20  20  20  GLN GLN A . n 
A 1 21  ALA 21  21  21  ALA ALA A . n 
A 1 22  GLU 22  22  22  GLU GLU A . n 
A 1 23  HIS 23  23  23  HIS HIS A . n 
A 1 24  MET 24  24  24  MET MET A . n 
A 1 25  LEU 25  25  25  LEU LEU A . n 
A 1 26  MET 26  26  26  MET MET A . n 
A 1 27  ARG 27  27  27  ARG ARG A . n 
A 1 28  VAL 28  28  28  VAL VAL A . n 
A 1 29  PRO 29  29  29  PRO PRO A . n 
A 1 30  ARG 30  30  30  ARG ARG A . n 
A 1 31  ASP 31  31  31  ASP ASP A . n 
A 1 32  GLY 32  32  32  GLY GLY A . n 
A 1 33  ALA 33  33  33  ALA ALA A . n 
A 1 34  PHE 34  34  34  PHE PHE A . n 
A 1 35  LEU 35  35  35  LEU LEU A . n 
A 1 36  VAL 36  36  36  VAL VAL A . n 
A 1 37  ARG 37  37  37  ARG ARG A . n 
A 1 38  LYS 38  38  38  LYS LYS A . n 
A 1 39  ARG 39  39  39  ARG ARG A . n 
A 1 40  ASN 40  40  40  ASN ASN A . n 
A 1 41  GLU 41  41  41  GLU GLU A . n 
A 1 42  PRO 42  42  42  PRO PRO A . n 
A 1 43  ASN 43  43  43  ASN ASN A . n 
A 1 44  SER 44  44  44  SER SER A . n 
A 1 45  TYR 45  45  45  TYR TYR A . n 
A 1 46  ALA 46  46  46  ALA ALA A . n 
A 1 47  ILE 47  47  47  ILE ILE A . n 
A 1 48  SER 48  48  48  SER SER A . n 
A 1 49  PHE 49  49  49  PHE PHE A . n 
A 1 50  ARG 50  50  50  ARG ARG A . n 
A 1 51  ALA 51  51  51  ALA ALA A . n 
A 1 52  GLU 52  52  52  GLU GLU A . n 
A 1 53  GLY 53  53  53  GLY GLY A . n 
A 1 54  LYS 54  54  54  LYS LYS A . n 
A 1 55  ILE 55  55  55  ILE ILE A . n 
A 1 56  LYS 56  56  56  LYS LYS A . n 
A 1 57  HIS 57  57  57  HIS HIS A . n 
A 1 58  CYS 58  58  58  CYS CYS A . n 
A 1 59  ARG 59  59  59  ARG ARG A . n 
A 1 60  VAL 60  60  60  VAL VAL A . n 
A 1 61  GLN 61  61  61  GLN GLN A . n 
A 1 62  GLN 62  62  62  GLN GLN A . n 
A 1 63  GLU 63  63  63  GLU GLU A . n 
A 1 64  GLY 64  64  64  GLY GLY A . n 
A 1 65  GLN 65  65  65  GLN GLN A . n 
A 1 66  THR 66  66  66  THR THR A . n 
A 1 67  VAL 67  67  67  VAL VAL A . n 
A 1 68  MET 68  68  68  MET MET A . n 
A 1 69  LEU 69  69  69  LEU LEU A . n 
A 1 70  GLY 70  70  70  GLY GLY A . n 
A 1 71  ASN 71  71  71  ASN ASN A . n 
A 1 72  SER 72  72  72  SER SER A . n 
A 1 73  GLU 73  73  73  GLU GLU A . n 
A 1 74  PHE 74  74  74  PHE PHE A . n 
A 1 75  ASP 75  75  75  ASP ASP A . n 
A 1 76  SER 76  76  76  SER SER A . n 
A 1 77  LEU 77  77  77  LEU LEU A . n 
A 1 78  VAL 78  78  78  VAL VAL A . n 
A 1 79  ASP 79  79  79  ASP ASP A . n 
A 1 80  LEU 80  80  80  LEU LEU A . n 
A 1 81  ILE 81  81  81  ILE ILE A . n 
A 1 82  SER 82  82  82  SER SER A . n 
A 1 83  TYR 83  83  83  TYR TYR A . n 
A 1 84  TYR 84  84  84  TYR TYR A . n 
A 1 85  GLU 85  85  85  GLU GLU A . n 
A 1 86  LYS 86  86  86  LYS LYS A . n 
A 1 87  HIS 87  87  87  HIS HIS A . n 
A 1 88  PRO 88  88  88  PRO PRO A . n 
A 1 89  LEU 89  89  89  LEU LEU A . n 
A 1 90  TYR 90  90  90  TYR TYR A . n 
A 1 91  ARG 91  91  91  ARG ARG A . n 
A 1 92  LYS 92  92  92  LYS LYS A . n 
A 1 93  MET 93  93  93  MET MET A . n 
A 1 94  LYS 94  94  94  LYS LYS A . n 
A 1 95  LEU 95  95  95  LEU LEU A . n 
A 1 96  ARG 96  96  96  ARG ARG A . n 
A 1 97  TYR 97  97  97  TYR TYR A . n 
A 1 98  PRO 98  98  98  PRO PRO A . n 
A 1 99  ILE 99  99  99  ILE ILE A . n 
A 1 100 ASN 100 100 100 ASN ASN A . n 
A 1 101 GLU 101 101 101 GLU GLU A . n 
A 1 102 GLU 102 102 102 GLU GLU A . n 
A 1 103 ASN 103 103 103 ASN ASN A . n 
A 1 104 SER 104 104 104 SER SER A . n 
A 1 105 SER 105 105 105 SER SER A . n 
B 2 1   ASP 1   1   1   ASP ASP B . n 
B 2 2   ASN 2   2   2   ASN ASN B . n 
B 2 3   ASP 3   3   3   ASP ASP B . n 
B 2 4   PTR 4   4   4   PTR PTR B . n 
B 2 5   ILE 5   5   5   ILE ILE B . n 
B 2 6   ILE 6   6   6   ILE ILE B . n 
B 2 7   PRO 7   7   7   PRO PRO B . n 
B 2 8   LEU 8   8   8   LEU LEU B . n 
B 2 9   PRO 9   9   9   PRO PRO B . n 
B 2 10  ASP 10  10  10  ASP ASP B . n 
B 2 11  PRO 11  11  11  PRO PRO B . n 
B 2 12  LYS 12  12  12  LYS LYS B . n 
# 
loop_
_software.name 
_software.classification 
_software.version 
_software.citation_id 
_software.pdbx_ordinal 
X-PLOR 'model building' . ? 1 
X-PLOR refinement       . ? 2 
X-PLOR phasing          . ? 3 
# 
_cell.entry_id           2PLD 
_cell.length_a           1.000 
_cell.length_b           1.000 
_cell.length_c           1.000 
_cell.angle_alpha        90.00 
_cell.angle_beta         90.00 
_cell.angle_gamma        90.00 
_cell.Z_PDB              1 
_cell.pdbx_unique_axis   ? 
# 
_symmetry.entry_id                         2PLD 
_symmetry.space_group_name_H-M             'P 1' 
_symmetry.pdbx_full_space_group_name_H-M   ? 
_symmetry.cell_setting                     ? 
_symmetry.Int_Tables_number                1 
# 
_exptl.entry_id          2PLD 
_exptl.method            'SOLUTION NMR' 
_exptl.crystals_number   ? 
# 
_struct.entry_id                  2PLD 
_struct.title                     
'NUCLEAR MAGNETIC RESONANCE STRUCTURE OF AN SH2 DOMAIN OF PHOSPHOLIPASE C-GAMMA1 COMPLEXED WITH A HIGH AFFINITY BINDING PEPTIDE' 
_struct.pdbx_model_details        ? 
_struct.pdbx_CASP_flag            ? 
_struct.pdbx_model_type_details   ? 
# 
_struct_keywords.entry_id        2PLD 
_struct_keywords.pdbx_keywords   'PHOSPHORIC DIESTER HYDROLASE' 
_struct_keywords.text            'PHOSPHORIC DIESTER HYDROLASE' 
# 
loop_
_struct_asym.id 
_struct_asym.pdbx_blank_PDB_chainid_flag 
_struct_asym.pdbx_modified 
_struct_asym.entity_id 
_struct_asym.details 
A N N 1 ? 
B N N 2 ? 
# 
loop_
_struct_ref.id 
_struct_ref.db_name 
_struct_ref.db_code 
_struct_ref.entity_id 
_struct_ref.pdbx_db_accession 
_struct_ref.pdbx_align_begin 
_struct_ref.pdbx_seq_one_letter_code 
_struct_ref.pdbx_db_isoform 
1 UNP PLCG1_BOVIN 1 P08487 1 
;MAGAASPCANGCGPSAPSDAEVVHLCRSLEVGTVMTLFYSKKSQRPERKTFQVKLETRQITWSRGADKIEGAIDIREIKE
IRPGKTSRDFDRYQEDPAFRPDQSHCFVILYGMEFRLKTLSLQATSEDEVNMWIRGLTWLMEDTLQAATPLQIERWLRKQ
FYSVDRNREDRISAKDLKNMLSQVNYRVPNMRFLRERLTDLEQRTSDITYGQFAQLYRSLMYSAQKTMDLPFLEASALRA
GERPELCRVSLPEFQQFLLEYQGELWAVDRLQVQEFMLSFLRDPLREIEEPYFFLDEFVTFLFSKENSIWNSQLDEVCPD
TMNNPLSHYWISSSHNTYLTGDQFSSESSLEAYARCLRMGCRCIELDCWDGPDGMPVIYHGHTLTTKIKFSDVLHTIKEH
AFVASEYPVILSIEDHCSIAQQRNMAQYFKKVLGDTLLTKPVDIAADGLPSPNQLKRKILIKHKKLAEGSAYEEVPTSVM
YSENDISNSIKNGILYLEDPVNHEWYPHYFVLTSSKIYYSEETSSDQGNEDEEEPKEASGSTELHSNEKWFHGKLGAGRD
GRHIAERLLTEYCIETGAPDGSFLVRESETFVGDYTLSFWRNGKVQHCRIHSRQDAGTPKFFLTDNLVFDSLYDLITHYQ
QVPLRCNEFEMRLSEPVPQTNAHESKEWYHASLTRAQAEHMLMRVPRDGAFLVRKRNEPNSYAISFRAEGKIKHCRVQQE
GQTVMLGNSEFDSLVDLISYYEKHPLYRKMKLRYPINEEALEKIGTAEPDYGALYEGRNPGFYVEANPMPTFKCAVKALF
DYKAQREDELTFTKSAIIQNVEKQEGGWWRGDYGGKKQLWFPSNYVEEMVSPAALEPEREHLDENSPLGDLLRGVLDVPA
CQIAVRPEGKNNRLFVFSISMASVAHWSLDVAADSQEELQDWVKKIREVAQTADARLTEGKMMERRKKIALELSELVVYC
RPVPFDEEKIGTERACYRDMSSFPETKAEKYVNKAKGKKFLQYNRLQLSRIYPKGQRLDSSNYDPLPMWICGSQLVALNF
QTPDKPMQMNQALFLAGGHCGYVLQPSVMRDEAFDPFDKSSLRGLEPCAICIEVLGARHLPKNGRGIVCPFVEIEVAGAE
YDSIKQKTEFVVDNGLNPVWPAKPFHFQISNPEFAFLRFVVYEEDMFSDQNFLAQATFPVKGLKTGYRAVPLKNNYSEGL
ELASLLVKIDVFPAKQENGDLSPFGGASLRERSCDASGPLFHGRAREGSFEARYQQPFEDFRISQEHLADHFDGRDRRTP
RRTRVNGDNRL
;
? 
2 UNP PGDR_HUMAN  2 P09619 1 
;MRLPGAMPALALKGELLLLSLLLLLEPQISQGLVVTPPGPELVLNVSSTFVLTCSGSAPVVWERMSQEPPQEMAKAQDGT
FSSVLTLTNLTGLDTGEYFCTHNDSRGLETDERKRLYIFVPDPTVGFLPNDAEELFIFLTEITEITIPCRVTDPQLVVTL
HEKKGDVALPVPYDHQRGFSGIFEDRSYICKTTIGDREVDSDAYYVYRLQVSSINVSVNAVQTVVRQGENITLMCIVIGN
EVVNFEWTYPRKESGRLVEPVTDFLLDMPYHIRSILHIPSAELEDSGTYTCNVTESVNDHQDEKAINITVVESGYVRLLG
EVGTLQFAELHRSRTLQVVFEAYPPPTVLWFKDNRTLGDSSAGEIALSTRNVSETRYVSELTLVRVKVAEAGHYTMRAFH
EDAEVQLSFQLQINVPVRVLELSESHPDSGEQTVRCRGRGMPQPNIIWSACRDLKRCPRELPPTLLGNSSEEESQLETNV
TYWEEEQEFEVVSTLRLQHVDRPLSVRCTLRNAVGQDTQEVIVVPHSLPFKVVVISAILALVVLTIISLIILIMLWQKKP
RYEIRWKVIESVSSDGHEYIYVDPMQLPYDSTWELPRDQLVLGRTLGSGAFGQVVEATAHGLSHSQATMKVAVKMLKSTA
RSSEKQALMSELKIMSHLGPHLNVVNLLGACTKGGPIYIITEYCRYGDLVDYLHRNKHTFLQHHSDKRRPPSAELYSNAL
PVGLPLPSHVSLTGESDGGYMDMSKDESVDYVPMLDMKGDVKYADIESSNYMAPYDNYVPSAPERTCRATLINESPVLSY
MDLVGFSYQVANGMEFLASKNCVHRDLAARNVLICEGKLVKICDFGLARDIMRDSNYISKGSTFLPLKWMAPESIFNSLY
TTLSDVWSFGILLWEIFTLGGTPYPELPMNEQFYNAIKRGYRMAQPAHASDEIYEIMQKCWEEKFEIRPPFSQLVLLLER
LLGEGYKKKYQQVDEEFLRSDHPAILRSQARLPGFHGLRSPLDTSSVLYTAVQPNEGDNDYIIPLPDPKPEVADEGPLEG
SPSLASSTLNEVNTSSTISCDSPLEPQDEPEPEPQLELQVEPEPELEQLPDSGCPAPRAEAEDSFL
;
? 
# 
loop_
_struct_ref_seq.align_id 
_struct_ref_seq.ref_id 
_struct_ref_seq.pdbx_PDB_id_code 
_struct_ref_seq.pdbx_strand_id 
_struct_ref_seq.seq_align_beg 
_struct_ref_seq.pdbx_seq_align_beg_ins_code 
_struct_ref_seq.seq_align_end 
_struct_ref_seq.pdbx_seq_align_end_ins_code 
_struct_ref_seq.pdbx_db_accession 
_struct_ref_seq.db_align_beg 
_struct_ref_seq.pdbx_db_align_beg_ins_code 
_struct_ref_seq.db_align_end 
_struct_ref_seq.pdbx_db_align_end_ins_code 
_struct_ref_seq.pdbx_auth_seq_align_beg 
_struct_ref_seq.pdbx_auth_seq_align_end 
1 1 2PLD A 6 ? 102 ? P08487 663  ? 759  ? 6 102 
2 2 2PLD B 1 ? 12  ? P09619 1018 ? 1029 ? 1 12  
# 
_pdbx_struct_assembly.id                   1 
_pdbx_struct_assembly.details              author_defined_assembly 
_pdbx_struct_assembly.method_details       ? 
_pdbx_struct_assembly.oligomeric_details   dimeric 
_pdbx_struct_assembly.oligomeric_count     2 
# 
_pdbx_struct_assembly_gen.assembly_id       1 
_pdbx_struct_assembly_gen.oper_expression   1 
_pdbx_struct_assembly_gen.asym_id_list      A,B 
# 
_pdbx_struct_oper_list.id                   1 
_pdbx_struct_oper_list.type                 'identity operation' 
_pdbx_struct_oper_list.name                 1_555 
_pdbx_struct_oper_list.symmetry_operation   x,y,z 
_pdbx_struct_oper_list.matrix[1][1]         1.0000000000 
_pdbx_struct_oper_list.matrix[1][2]         0.0000000000 
_pdbx_struct_oper_list.matrix[1][3]         0.0000000000 
_pdbx_struct_oper_list.vector[1]            0.0000000000 
_pdbx_struct_oper_list.matrix[2][1]         0.0000000000 
_pdbx_struct_oper_list.matrix[2][2]         1.0000000000 
_pdbx_struct_oper_list.matrix[2][3]         0.0000000000 
_pdbx_struct_oper_list.vector[2]            0.0000000000 
_pdbx_struct_oper_list.matrix[3][1]         0.0000000000 
_pdbx_struct_oper_list.matrix[3][2]         0.0000000000 
_pdbx_struct_oper_list.matrix[3][3]         1.0000000000 
_pdbx_struct_oper_list.vector[3]            0.0000000000 
# 
_struct_biol.id   1 
# 
loop_
_struct_conf.conf_type_id 
_struct_conf.id 
_struct_conf.pdbx_PDB_helix_id 
_struct_conf.beg_label_comp_id 
_struct_conf.beg_label_asym_id 
_struct_conf.beg_label_seq_id 
_struct_conf.pdbx_beg_PDB_ins_code 
_struct_conf.end_label_comp_id 
_struct_conf.end_label_asym_id 
_struct_conf.end_label_seq_id 
_struct_conf.pdbx_end_PDB_ins_code 
_struct_conf.beg_auth_comp_id 
_struct_conf.beg_auth_asym_id 
_struct_conf.beg_auth_seq_id 
_struct_conf.end_auth_comp_id 
_struct_conf.end_auth_asym_id 
_struct_conf.end_auth_seq_id 
_struct_conf.pdbx_PDB_helix_class 
_struct_conf.details 
_struct_conf.pdbx_PDB_helix_length 
HELX_P HELX_P1 A THR A 17 ? VAL A 28 ? THR A 17 VAL A 28 1 ?                             12 
HELX_P HELX_P2 B LEU A 77 ? HIS A 87 ? LEU A 77 HIS A 87 1 'SL.IRR., BIFURCATED H-BONDS' 11 
# 
_struct_conf_type.id          HELX_P 
_struct_conf_type.criteria    ? 
_struct_conf_type.reference   ? 
# 
loop_
_struct_conn.id 
_struct_conn.conn_type_id 
_struct_conn.pdbx_leaving_atom_flag 
_struct_conn.pdbx_PDB_id 
_struct_conn.ptnr1_label_asym_id 
_struct_conn.ptnr1_label_comp_id 
_struct_conn.ptnr1_label_seq_id 
_struct_conn.ptnr1_label_atom_id 
_struct_conn.pdbx_ptnr1_label_alt_id 
_struct_conn.pdbx_ptnr1_PDB_ins_code 
_struct_conn.pdbx_ptnr1_standard_comp_id 
_struct_conn.ptnr1_symmetry 
_struct_conn.ptnr2_label_asym_id 
_struct_conn.ptnr2_label_comp_id 
_struct_conn.ptnr2_label_seq_id 
_struct_conn.ptnr2_label_atom_id 
_struct_conn.pdbx_ptnr2_label_alt_id 
_struct_conn.pdbx_ptnr2_PDB_ins_code 
_struct_conn.ptnr1_auth_asym_id 
_struct_conn.ptnr1_auth_comp_id 
_struct_conn.ptnr1_auth_seq_id 
_struct_conn.ptnr2_auth_asym_id 
_struct_conn.ptnr2_auth_comp_id 
_struct_conn.ptnr2_auth_seq_id 
_struct_conn.ptnr2_symmetry 
_struct_conn.pdbx_ptnr3_label_atom_id 
_struct_conn.pdbx_ptnr3_label_seq_id 
_struct_conn.pdbx_ptnr3_label_comp_id 
_struct_conn.pdbx_ptnr3_label_asym_id 
_struct_conn.pdbx_ptnr3_label_alt_id 
_struct_conn.pdbx_ptnr3_PDB_ins_code 
_struct_conn.details 
_struct_conn.pdbx_dist_value 
_struct_conn.pdbx_value_order 
_struct_conn.pdbx_role 
covale1 covale both ? B ASP 3 C ? ? ? 1_555 B PTR 4 N ? ? B ASP 3 B PTR 4 1_555 ? ? ? ? ? ? ? 1.307 ? ? 
covale2 covale both ? B PTR 4 C ? ? ? 1_555 B ILE 5 N ? ? B PTR 4 B ILE 5 1_555 ? ? ? ? ? ? ? 1.313 ? ? 
# 
_struct_conn_type.id          covale 
_struct_conn_type.criteria    ? 
_struct_conn_type.reference   ? 
# 
_pdbx_modification_feature.ordinal                            1 
_pdbx_modification_feature.label_comp_id                      PTR 
_pdbx_modification_feature.label_asym_id                      B 
_pdbx_modification_feature.label_seq_id                       4 
_pdbx_modification_feature.label_alt_id                       ? 
_pdbx_modification_feature.modified_residue_label_comp_id     . 
_pdbx_modification_feature.modified_residue_label_asym_id     . 
_pdbx_modification_feature.modified_residue_label_seq_id      . 
_pdbx_modification_feature.modified_residue_label_alt_id      . 
_pdbx_modification_feature.auth_comp_id                       PTR 
_pdbx_modification_feature.auth_asym_id                       B 
_pdbx_modification_feature.auth_seq_id                        4 
_pdbx_modification_feature.PDB_ins_code                       ? 
_pdbx_modification_feature.symmetry                           1_555 
_pdbx_modification_feature.modified_residue_auth_comp_id      . 
_pdbx_modification_feature.modified_residue_auth_asym_id      . 
_pdbx_modification_feature.modified_residue_auth_seq_id       . 
_pdbx_modification_feature.modified_residue_PDB_ins_code      . 
_pdbx_modification_feature.modified_residue_symmetry          . 
_pdbx_modification_feature.comp_id_linking_atom               . 
_pdbx_modification_feature.modified_residue_id_linking_atom   . 
_pdbx_modification_feature.modified_residue_id                TYR 
_pdbx_modification_feature.ref_pcm_id                         1 
_pdbx_modification_feature.ref_comp_id                        PTR 
_pdbx_modification_feature.type                               Phosphorylation 
_pdbx_modification_feature.category                           'Named protein modification' 
# 
loop_
_struct_sheet.id 
_struct_sheet.type 
_struct_sheet.number_strands 
_struct_sheet.details 
S1  ? 4 ? 
ASC ? 3 ? 
# 
loop_
_struct_sheet_order.sheet_id 
_struct_sheet_order.range_id_1 
_struct_sheet_order.range_id_2 
_struct_sheet_order.offset 
_struct_sheet_order.sense 
S1  1 2 ? parallel      
S1  2 3 ? anti-parallel 
S1  3 4 ? anti-parallel 
ASC 1 2 ? anti-parallel 
ASC 2 3 ? anti-parallel 
# 
loop_
_struct_sheet_range.sheet_id 
_struct_sheet_range.id 
_struct_sheet_range.beg_label_comp_id 
_struct_sheet_range.beg_label_asym_id 
_struct_sheet_range.beg_label_seq_id 
_struct_sheet_range.pdbx_beg_PDB_ins_code 
_struct_sheet_range.end_label_comp_id 
_struct_sheet_range.end_label_asym_id 
_struct_sheet_range.end_label_seq_id 
_struct_sheet_range.pdbx_end_PDB_ins_code 
_struct_sheet_range.beg_auth_comp_id 
_struct_sheet_range.beg_auth_asym_id 
_struct_sheet_range.beg_auth_seq_id 
_struct_sheet_range.end_auth_comp_id 
_struct_sheet_range.end_auth_asym_id 
_struct_sheet_range.end_auth_seq_id 
S1  1 TRP A 11 ? HIS A 13 ? TRP A 11 HIS A 13 
S1  2 PHE A 34 ? LYS A 38 ? PHE A 34 LYS A 38 
S1  3 TYR A 45 ? ALA A 51 ? TYR A 45 ALA A 51 
S1  4 LYS A 54 ? VAL A 60 ? LYS A 54 VAL A 60 
ASC 1 GLN A 61 ? GLU A 63 ? GLN A 61 GLU A 63 
ASC 2 THR A 66 ? LEU A 69 ? THR A 66 LEU A 69 
ASC 3 SER A 72 ? PHE A 74 ? SER A 72 PHE A 74 
# 
loop_
_pdbx_struct_sheet_hbond.sheet_id 
_pdbx_struct_sheet_hbond.range_id_1 
_pdbx_struct_sheet_hbond.range_id_2 
_pdbx_struct_sheet_hbond.range_1_label_atom_id 
_pdbx_struct_sheet_hbond.range_1_label_comp_id 
_pdbx_struct_sheet_hbond.range_1_label_asym_id 
_pdbx_struct_sheet_hbond.range_1_label_seq_id 
_pdbx_struct_sheet_hbond.range_1_PDB_ins_code 
_pdbx_struct_sheet_hbond.range_1_auth_atom_id 
_pdbx_struct_sheet_hbond.range_1_auth_comp_id 
_pdbx_struct_sheet_hbond.range_1_auth_asym_id 
_pdbx_struct_sheet_hbond.range_1_auth_seq_id 
_pdbx_struct_sheet_hbond.range_2_label_atom_id 
_pdbx_struct_sheet_hbond.range_2_label_comp_id 
_pdbx_struct_sheet_hbond.range_2_label_asym_id 
_pdbx_struct_sheet_hbond.range_2_label_seq_id 
_pdbx_struct_sheet_hbond.range_2_PDB_ins_code 
_pdbx_struct_sheet_hbond.range_2_auth_atom_id 
_pdbx_struct_sheet_hbond.range_2_auth_comp_id 
_pdbx_struct_sheet_hbond.range_2_auth_asym_id 
_pdbx_struct_sheet_hbond.range_2_auth_seq_id 
S1  1 2 N HIS A 13 ? N HIS A 13 O VAL A 36 ? O VAL A 36 
S1  2 3 N LEU A 35 ? N LEU A 35 O SER A 48 ? O SER A 48 
S1  3 4 N ILE A 47 ? N ILE A 47 O CYS A 58 ? O CYS A 58 
ASC 1 2 N GLN A 61 ? N GLN A 61 O MET A 68 ? O MET A 68 
ASC 2 3 O VAL A 67 ? O VAL A 67 N PHE A 74 ? N PHE A 74 
# 
_pdbx_entry_details.entry_id                   2PLD 
_pdbx_entry_details.compound_details           ? 
_pdbx_entry_details.source_details             ? 
_pdbx_entry_details.nonpolymer_details         ? 
_pdbx_entry_details.sequence_details           ? 
_pdbx_entry_details.has_ligand_of_interest     ? 
_pdbx_entry_details.has_protein_modification   Y 
# 
loop_
_pdbx_validate_torsion.id 
_pdbx_validate_torsion.PDB_model_num 
_pdbx_validate_torsion.auth_comp_id 
_pdbx_validate_torsion.auth_asym_id 
_pdbx_validate_torsion.auth_seq_id 
_pdbx_validate_torsion.PDB_ins_code 
_pdbx_validate_torsion.label_alt_id 
_pdbx_validate_torsion.phi 
_pdbx_validate_torsion.psi 
1  1 HIS A 6   ? ? -178.11 -142.09 
2  1 GLU A 7   ? ? 49.03   -125.21 
3  1 SER A 8   ? ? 47.61   -144.79 
4  1 LYS A 9   ? ? -171.89 -168.47 
5  1 GLU A 10  ? ? 49.75   11.93   
6  1 ARG A 30  ? ? 177.83  164.59  
7  1 ALA A 33  ? ? -170.20 121.55  
8  1 ARG A 39  ? ? -74.52  -166.10 
9  1 ASN A 40  ? ? -92.14  31.64   
10 1 PRO A 42  ? ? -77.83  24.43   
11 1 SER A 44  ? ? 166.75  144.81  
12 1 GLU A 52  ? ? 61.95   -118.08 
13 1 THR A 66  ? ? -152.40 -157.20 
14 1 TYR A 90  ? ? -110.25 -163.14 
15 1 ARG A 91  ? ? -77.67  25.23   
16 1 LYS A 92  ? ? -178.66 -43.22  
17 1 LEU A 95  ? ? -99.07  42.90   
18 1 PRO A 98  ? ? -77.68  -140.10 
19 1 GLU A 101 ? ? 171.94  173.71  
20 1 SER A 104 ? ? -82.80  -77.70  
21 1 PTR B 4   ? ? 176.87  137.73  
22 1 ASP B 10  ? ? 69.12   142.89  
# 
loop_
_pdbx_validate_planes.id 
_pdbx_validate_planes.PDB_model_num 
_pdbx_validate_planes.auth_comp_id 
_pdbx_validate_planes.auth_asym_id 
_pdbx_validate_planes.auth_seq_id 
_pdbx_validate_planes.PDB_ins_code 
_pdbx_validate_planes.label_alt_id 
_pdbx_validate_planes.rmsd 
_pdbx_validate_planes.type 
1 1 ARG A 18 ? ? 0.313 'SIDE CHAIN' 
2 1 ARG A 27 ? ? 0.308 'SIDE CHAIN' 
3 1 ARG A 30 ? ? 0.167 'SIDE CHAIN' 
4 1 ARG A 39 ? ? 0.231 'SIDE CHAIN' 
5 1 ARG A 50 ? ? 0.309 'SIDE CHAIN' 
6 1 ARG A 59 ? ? 0.279 'SIDE CHAIN' 
7 1 ARG A 91 ? ? 0.212 'SIDE CHAIN' 
# 
_pdbx_struct_mod_residue.id               1 
_pdbx_struct_mod_residue.label_asym_id    B 
_pdbx_struct_mod_residue.label_comp_id    PTR 
_pdbx_struct_mod_residue.label_seq_id     4 
_pdbx_struct_mod_residue.auth_asym_id     B 
_pdbx_struct_mod_residue.auth_comp_id     PTR 
_pdbx_struct_mod_residue.auth_seq_id      4 
_pdbx_struct_mod_residue.PDB_ins_code     ? 
_pdbx_struct_mod_residue.parent_comp_id   TYR 
_pdbx_struct_mod_residue.details          O-PHOSPHOTYROSINE 
# 
_pdbx_nmr_ensemble.entry_id                             2PLD 
_pdbx_nmr_ensemble.conformers_calculated_total_number   ? 
_pdbx_nmr_ensemble.conformers_submitted_total_number    1 
_pdbx_nmr_ensemble.conformer_selection_criteria         ? 
# 
_pdbx_nmr_software.classification   refinement 
_pdbx_nmr_software.name             X-PLOR 
_pdbx_nmr_software.version          ? 
_pdbx_nmr_software.authors          BRUNGER 
_pdbx_nmr_software.ordinal          1 
# 
loop_
_chem_comp_atom.comp_id 
_chem_comp_atom.atom_id 
_chem_comp_atom.type_symbol 
_chem_comp_atom.pdbx_aromatic_flag 
_chem_comp_atom.pdbx_stereo_config 
_chem_comp_atom.pdbx_ordinal 
ALA N    N N N 1   
ALA CA   C N S 2   
ALA C    C N N 3   
ALA O    O N N 4   
ALA CB   C N N 5   
ALA OXT  O N N 6   
ALA H    H N N 7   
ALA H2   H N N 8   
ALA HA   H N N 9   
ALA HB1  H N N 10  
ALA HB2  H N N 11  
ALA HB3  H N N 12  
ALA HXT  H N N 13  
ARG N    N N N 14  
ARG CA   C N S 15  
ARG C    C N N 16  
ARG O    O N N 17  
ARG CB   C N N 18  
ARG CG   C N N 19  
ARG CD   C N N 20  
ARG NE   N N N 21  
ARG CZ   C N N 22  
ARG NH1  N N N 23  
ARG NH2  N N N 24  
ARG OXT  O N N 25  
ARG H    H N N 26  
ARG H2   H N N 27  
ARG HA   H N N 28  
ARG HB2  H N N 29  
ARG HB3  H N N 30  
ARG HG2  H N N 31  
ARG HG3  H N N 32  
ARG HD2  H N N 33  
ARG HD3  H N N 34  
ARG HE   H N N 35  
ARG HH11 H N N 36  
ARG HH12 H N N 37  
ARG HH21 H N N 38  
ARG HH22 H N N 39  
ARG HXT  H N N 40  
ASN N    N N N 41  
ASN CA   C N S 42  
ASN C    C N N 43  
ASN O    O N N 44  
ASN CB   C N N 45  
ASN CG   C N N 46  
ASN OD1  O N N 47  
ASN ND2  N N N 48  
ASN OXT  O N N 49  
ASN H    H N N 50  
ASN H2   H N N 51  
ASN HA   H N N 52  
ASN HB2  H N N 53  
ASN HB3  H N N 54  
ASN HD21 H N N 55  
ASN HD22 H N N 56  
ASN HXT  H N N 57  
ASP N    N N N 58  
ASP CA   C N S 59  
ASP C    C N N 60  
ASP O    O N N 61  
ASP CB   C N N 62  
ASP CG   C N N 63  
ASP OD1  O N N 64  
ASP OD2  O N N 65  
ASP OXT  O N N 66  
ASP H    H N N 67  
ASP H2   H N N 68  
ASP HA   H N N 69  
ASP HB2  H N N 70  
ASP HB3  H N N 71  
ASP HD2  H N N 72  
ASP HXT  H N N 73  
CYS N    N N N 74  
CYS CA   C N R 75  
CYS C    C N N 76  
CYS O    O N N 77  
CYS CB   C N N 78  
CYS SG   S N N 79  
CYS OXT  O N N 80  
CYS H    H N N 81  
CYS H2   H N N 82  
CYS HA   H N N 83  
CYS HB2  H N N 84  
CYS HB3  H N N 85  
CYS HG   H N N 86  
CYS HXT  H N N 87  
GLN N    N N N 88  
GLN CA   C N S 89  
GLN C    C N N 90  
GLN O    O N N 91  
GLN CB   C N N 92  
GLN CG   C N N 93  
GLN CD   C N N 94  
GLN OE1  O N N 95  
GLN NE2  N N N 96  
GLN OXT  O N N 97  
GLN H    H N N 98  
GLN H2   H N N 99  
GLN HA   H N N 100 
GLN HB2  H N N 101 
GLN HB3  H N N 102 
GLN HG2  H N N 103 
GLN HG3  H N N 104 
GLN HE21 H N N 105 
GLN HE22 H N N 106 
GLN HXT  H N N 107 
GLU N    N N N 108 
GLU CA   C N S 109 
GLU C    C N N 110 
GLU O    O N N 111 
GLU CB   C N N 112 
GLU CG   C N N 113 
GLU CD   C N N 114 
GLU OE1  O N N 115 
GLU OE2  O N N 116 
GLU OXT  O N N 117 
GLU H    H N N 118 
GLU H2   H N N 119 
GLU HA   H N N 120 
GLU HB2  H N N 121 
GLU HB3  H N N 122 
GLU HG2  H N N 123 
GLU HG3  H N N 124 
GLU HE2  H N N 125 
GLU HXT  H N N 126 
GLY N    N N N 127 
GLY CA   C N N 128 
GLY C    C N N 129 
GLY O    O N N 130 
GLY OXT  O N N 131 
GLY H    H N N 132 
GLY H2   H N N 133 
GLY HA2  H N N 134 
GLY HA3  H N N 135 
GLY HXT  H N N 136 
HIS N    N N N 137 
HIS CA   C N S 138 
HIS C    C N N 139 
HIS O    O N N 140 
HIS CB   C N N 141 
HIS CG   C Y N 142 
HIS ND1  N Y N 143 
HIS CD2  C Y N 144 
HIS CE1  C Y N 145 
HIS NE2  N Y N 146 
HIS OXT  O N N 147 
HIS H    H N N 148 
HIS H2   H N N 149 
HIS HA   H N N 150 
HIS HB2  H N N 151 
HIS HB3  H N N 152 
HIS HD1  H N N 153 
HIS HD2  H N N 154 
HIS HE1  H N N 155 
HIS HE2  H N N 156 
HIS HXT  H N N 157 
ILE N    N N N 158 
ILE CA   C N S 159 
ILE C    C N N 160 
ILE O    O N N 161 
ILE CB   C N S 162 
ILE CG1  C N N 163 
ILE CG2  C N N 164 
ILE CD1  C N N 165 
ILE OXT  O N N 166 
ILE H    H N N 167 
ILE H2   H N N 168 
ILE HA   H N N 169 
ILE HB   H N N 170 
ILE HG12 H N N 171 
ILE HG13 H N N 172 
ILE HG21 H N N 173 
ILE HG22 H N N 174 
ILE HG23 H N N 175 
ILE HD11 H N N 176 
ILE HD12 H N N 177 
ILE HD13 H N N 178 
ILE HXT  H N N 179 
LEU N    N N N 180 
LEU CA   C N S 181 
LEU C    C N N 182 
LEU O    O N N 183 
LEU CB   C N N 184 
LEU CG   C N N 185 
LEU CD1  C N N 186 
LEU CD2  C N N 187 
LEU OXT  O N N 188 
LEU H    H N N 189 
LEU H2   H N N 190 
LEU HA   H N N 191 
LEU HB2  H N N 192 
LEU HB3  H N N 193 
LEU HG   H N N 194 
LEU HD11 H N N 195 
LEU HD12 H N N 196 
LEU HD13 H N N 197 
LEU HD21 H N N 198 
LEU HD22 H N N 199 
LEU HD23 H N N 200 
LEU HXT  H N N 201 
LYS N    N N N 202 
LYS CA   C N S 203 
LYS C    C N N 204 
LYS O    O N N 205 
LYS CB   C N N 206 
LYS CG   C N N 207 
LYS CD   C N N 208 
LYS CE   C N N 209 
LYS NZ   N N N 210 
LYS OXT  O N N 211 
LYS H    H N N 212 
LYS H2   H N N 213 
LYS HA   H N N 214 
LYS HB2  H N N 215 
LYS HB3  H N N 216 
LYS HG2  H N N 217 
LYS HG3  H N N 218 
LYS HD2  H N N 219 
LYS HD3  H N N 220 
LYS HE2  H N N 221 
LYS HE3  H N N 222 
LYS HZ1  H N N 223 
LYS HZ2  H N N 224 
LYS HZ3  H N N 225 
LYS HXT  H N N 226 
MET N    N N N 227 
MET CA   C N S 228 
MET C    C N N 229 
MET O    O N N 230 
MET CB   C N N 231 
MET CG   C N N 232 
MET SD   S N N 233 
MET CE   C N N 234 
MET OXT  O N N 235 
MET H    H N N 236 
MET H2   H N N 237 
MET HA   H N N 238 
MET HB2  H N N 239 
MET HB3  H N N 240 
MET HG2  H N N 241 
MET HG3  H N N 242 
MET HE1  H N N 243 
MET HE2  H N N 244 
MET HE3  H N N 245 
MET HXT  H N N 246 
PHE N    N N N 247 
PHE CA   C N S 248 
PHE C    C N N 249 
PHE O    O N N 250 
PHE CB   C N N 251 
PHE CG   C Y N 252 
PHE CD1  C Y N 253 
PHE CD2  C Y N 254 
PHE CE1  C Y N 255 
PHE CE2  C Y N 256 
PHE CZ   C Y N 257 
PHE OXT  O N N 258 
PHE H    H N N 259 
PHE H2   H N N 260 
PHE HA   H N N 261 
PHE HB2  H N N 262 
PHE HB3  H N N 263 
PHE HD1  H N N 264 
PHE HD2  H N N 265 
PHE HE1  H N N 266 
PHE HE2  H N N 267 
PHE HZ   H N N 268 
PHE HXT  H N N 269 
PRO N    N N N 270 
PRO CA   C N S 271 
PRO C    C N N 272 
PRO O    O N N 273 
PRO CB   C N N 274 
PRO CG   C N N 275 
PRO CD   C N N 276 
PRO OXT  O N N 277 
PRO H    H N N 278 
PRO HA   H N N 279 
PRO HB2  H N N 280 
PRO HB3  H N N 281 
PRO HG2  H N N 282 
PRO HG3  H N N 283 
PRO HD2  H N N 284 
PRO HD3  H N N 285 
PRO HXT  H N N 286 
PTR N    N N N 287 
PTR CA   C N S 288 
PTR C    C N N 289 
PTR O    O N N 290 
PTR OXT  O N N 291 
PTR CB   C N N 292 
PTR CG   C Y N 293 
PTR CD1  C Y N 294 
PTR CD2  C Y N 295 
PTR CE1  C Y N 296 
PTR CE2  C Y N 297 
PTR CZ   C Y N 298 
PTR OH   O N N 299 
PTR P    P N N 300 
PTR O1P  O N N 301 
PTR O2P  O N N 302 
PTR O3P  O N N 303 
PTR H    H N N 304 
PTR H2   H N N 305 
PTR HA   H N N 306 
PTR HXT  H N N 307 
PTR HB2  H N N 308 
PTR HB3  H N N 309 
PTR HD1  H N N 310 
PTR HD2  H N N 311 
PTR HE1  H N N 312 
PTR HE2  H N N 313 
PTR HO2P H N N 314 
PTR HO3P H N N 315 
SER N    N N N 316 
SER CA   C N S 317 
SER C    C N N 318 
SER O    O N N 319 
SER CB   C N N 320 
SER OG   O N N 321 
SER OXT  O N N 322 
SER H    H N N 323 
SER H2   H N N 324 
SER HA   H N N 325 
SER HB2  H N N 326 
SER HB3  H N N 327 
SER HG   H N N 328 
SER HXT  H N N 329 
THR N    N N N 330 
THR CA   C N S 331 
THR C    C N N 332 
THR O    O N N 333 
THR CB   C N R 334 
THR OG1  O N N 335 
THR CG2  C N N 336 
THR OXT  O N N 337 
THR H    H N N 338 
THR H2   H N N 339 
THR HA   H N N 340 
THR HB   H N N 341 
THR HG1  H N N 342 
THR HG21 H N N 343 
THR HG22 H N N 344 
THR HG23 H N N 345 
THR HXT  H N N 346 
TRP N    N N N 347 
TRP CA   C N S 348 
TRP C    C N N 349 
TRP O    O N N 350 
TRP CB   C N N 351 
TRP CG   C Y N 352 
TRP CD1  C Y N 353 
TRP CD2  C Y N 354 
TRP NE1  N Y N 355 
TRP CE2  C Y N 356 
TRP CE3  C Y N 357 
TRP CZ2  C Y N 358 
TRP CZ3  C Y N 359 
TRP CH2  C Y N 360 
TRP OXT  O N N 361 
TRP H    H N N 362 
TRP H2   H N N 363 
TRP HA   H N N 364 
TRP HB2  H N N 365 
TRP HB3  H N N 366 
TRP HD1  H N N 367 
TRP HE1  H N N 368 
TRP HE3  H N N 369 
TRP HZ2  H N N 370 
TRP HZ3  H N N 371 
TRP HH2  H N N 372 
TRP HXT  H N N 373 
TYR N    N N N 374 
TYR CA   C N S 375 
TYR C    C N N 376 
TYR O    O N N 377 
TYR CB   C N N 378 
TYR CG   C Y N 379 
TYR CD1  C Y N 380 
TYR CD2  C Y N 381 
TYR CE1  C Y N 382 
TYR CE2  C Y N 383 
TYR CZ   C Y N 384 
TYR OH   O N N 385 
TYR OXT  O N N 386 
TYR H    H N N 387 
TYR H2   H N N 388 
TYR HA   H N N 389 
TYR HB2  H N N 390 
TYR HB3  H N N 391 
TYR HD1  H N N 392 
TYR HD2  H N N 393 
TYR HE1  H N N 394 
TYR HE2  H N N 395 
TYR HH   H N N 396 
TYR HXT  H N N 397 
VAL N    N N N 398 
VAL CA   C N S 399 
VAL C    C N N 400 
VAL O    O N N 401 
VAL CB   C N N 402 
VAL CG1  C N N 403 
VAL CG2  C N N 404 
VAL OXT  O N N 405 
VAL H    H N N 406 
VAL H2   H N N 407 
VAL HA   H N N 408 
VAL HB   H N N 409 
VAL HG11 H N N 410 
VAL HG12 H N N 411 
VAL HG13 H N N 412 
VAL HG21 H N N 413 
VAL HG22 H N N 414 
VAL HG23 H N N 415 
VAL HXT  H N N 416 
# 
loop_
_chem_comp_bond.comp_id 
_chem_comp_bond.atom_id_1 
_chem_comp_bond.atom_id_2 
_chem_comp_bond.value_order 
_chem_comp_bond.pdbx_aromatic_flag 
_chem_comp_bond.pdbx_stereo_config 
_chem_comp_bond.pdbx_ordinal 
ALA N   CA   sing N N 1   
ALA N   H    sing N N 2   
ALA N   H2   sing N N 3   
ALA CA  C    sing N N 4   
ALA CA  CB   sing N N 5   
ALA CA  HA   sing N N 6   
ALA C   O    doub N N 7   
ALA C   OXT  sing N N 8   
ALA CB  HB1  sing N N 9   
ALA CB  HB2  sing N N 10  
ALA CB  HB3  sing N N 11  
ALA OXT HXT  sing N N 12  
ARG N   CA   sing N N 13  
ARG N   H    sing N N 14  
ARG N   H2   sing N N 15  
ARG CA  C    sing N N 16  
ARG CA  CB   sing N N 17  
ARG CA  HA   sing N N 18  
ARG C   O    doub N N 19  
ARG C   OXT  sing N N 20  
ARG CB  CG   sing N N 21  
ARG CB  HB2  sing N N 22  
ARG CB  HB3  sing N N 23  
ARG CG  CD   sing N N 24  
ARG CG  HG2  sing N N 25  
ARG CG  HG3  sing N N 26  
ARG CD  NE   sing N N 27  
ARG CD  HD2  sing N N 28  
ARG CD  HD3  sing N N 29  
ARG NE  CZ   sing N N 30  
ARG NE  HE   sing N N 31  
ARG CZ  NH1  sing N N 32  
ARG CZ  NH2  doub N N 33  
ARG NH1 HH11 sing N N 34  
ARG NH1 HH12 sing N N 35  
ARG NH2 HH21 sing N N 36  
ARG NH2 HH22 sing N N 37  
ARG OXT HXT  sing N N 38  
ASN N   CA   sing N N 39  
ASN N   H    sing N N 40  
ASN N   H2   sing N N 41  
ASN CA  C    sing N N 42  
ASN CA  CB   sing N N 43  
ASN CA  HA   sing N N 44  
ASN C   O    doub N N 45  
ASN C   OXT  sing N N 46  
ASN CB  CG   sing N N 47  
ASN CB  HB2  sing N N 48  
ASN CB  HB3  sing N N 49  
ASN CG  OD1  doub N N 50  
ASN CG  ND2  sing N N 51  
ASN ND2 HD21 sing N N 52  
ASN ND2 HD22 sing N N 53  
ASN OXT HXT  sing N N 54  
ASP N   CA   sing N N 55  
ASP N   H    sing N N 56  
ASP N   H2   sing N N 57  
ASP CA  C    sing N N 58  
ASP CA  CB   sing N N 59  
ASP CA  HA   sing N N 60  
ASP C   O    doub N N 61  
ASP C   OXT  sing N N 62  
ASP CB  CG   sing N N 63  
ASP CB  HB2  sing N N 64  
ASP CB  HB3  sing N N 65  
ASP CG  OD1  doub N N 66  
ASP CG  OD2  sing N N 67  
ASP OD2 HD2  sing N N 68  
ASP OXT HXT  sing N N 69  
CYS N   CA   sing N N 70  
CYS N   H    sing N N 71  
CYS N   H2   sing N N 72  
CYS CA  C    sing N N 73  
CYS CA  CB   sing N N 74  
CYS CA  HA   sing N N 75  
CYS C   O    doub N N 76  
CYS C   OXT  sing N N 77  
CYS CB  SG   sing N N 78  
CYS CB  HB2  sing N N 79  
CYS CB  HB3  sing N N 80  
CYS SG  HG   sing N N 81  
CYS OXT HXT  sing N N 82  
GLN N   CA   sing N N 83  
GLN N   H    sing N N 84  
GLN N   H2   sing N N 85  
GLN CA  C    sing N N 86  
GLN CA  CB   sing N N 87  
GLN CA  HA   sing N N 88  
GLN C   O    doub N N 89  
GLN C   OXT  sing N N 90  
GLN CB  CG   sing N N 91  
GLN CB  HB2  sing N N 92  
GLN CB  HB3  sing N N 93  
GLN CG  CD   sing N N 94  
GLN CG  HG2  sing N N 95  
GLN CG  HG3  sing N N 96  
GLN CD  OE1  doub N N 97  
GLN CD  NE2  sing N N 98  
GLN NE2 HE21 sing N N 99  
GLN NE2 HE22 sing N N 100 
GLN OXT HXT  sing N N 101 
GLU N   CA   sing N N 102 
GLU N   H    sing N N 103 
GLU N   H2   sing N N 104 
GLU CA  C    sing N N 105 
GLU CA  CB   sing N N 106 
GLU CA  HA   sing N N 107 
GLU C   O    doub N N 108 
GLU C   OXT  sing N N 109 
GLU CB  CG   sing N N 110 
GLU CB  HB2  sing N N 111 
GLU CB  HB3  sing N N 112 
GLU CG  CD   sing N N 113 
GLU CG  HG2  sing N N 114 
GLU CG  HG3  sing N N 115 
GLU CD  OE1  doub N N 116 
GLU CD  OE2  sing N N 117 
GLU OE2 HE2  sing N N 118 
GLU OXT HXT  sing N N 119 
GLY N   CA   sing N N 120 
GLY N   H    sing N N 121 
GLY N   H2   sing N N 122 
GLY CA  C    sing N N 123 
GLY CA  HA2  sing N N 124 
GLY CA  HA3  sing N N 125 
GLY C   O    doub N N 126 
GLY C   OXT  sing N N 127 
GLY OXT HXT  sing N N 128 
HIS N   CA   sing N N 129 
HIS N   H    sing N N 130 
HIS N   H2   sing N N 131 
HIS CA  C    sing N N 132 
HIS CA  CB   sing N N 133 
HIS CA  HA   sing N N 134 
HIS C   O    doub N N 135 
HIS C   OXT  sing N N 136 
HIS CB  CG   sing N N 137 
HIS CB  HB2  sing N N 138 
HIS CB  HB3  sing N N 139 
HIS CG  ND1  sing Y N 140 
HIS CG  CD2  doub Y N 141 
HIS ND1 CE1  doub Y N 142 
HIS ND1 HD1  sing N N 143 
HIS CD2 NE2  sing Y N 144 
HIS CD2 HD2  sing N N 145 
HIS CE1 NE2  sing Y N 146 
HIS CE1 HE1  sing N N 147 
HIS NE2 HE2  sing N N 148 
HIS OXT HXT  sing N N 149 
ILE N   CA   sing N N 150 
ILE N   H    sing N N 151 
ILE N   H2   sing N N 152 
ILE CA  C    sing N N 153 
ILE CA  CB   sing N N 154 
ILE CA  HA   sing N N 155 
ILE C   O    doub N N 156 
ILE C   OXT  sing N N 157 
ILE CB  CG1  sing N N 158 
ILE CB  CG2  sing N N 159 
ILE CB  HB   sing N N 160 
ILE CG1 CD1  sing N N 161 
ILE CG1 HG12 sing N N 162 
ILE CG1 HG13 sing N N 163 
ILE CG2 HG21 sing N N 164 
ILE CG2 HG22 sing N N 165 
ILE CG2 HG23 sing N N 166 
ILE CD1 HD11 sing N N 167 
ILE CD1 HD12 sing N N 168 
ILE CD1 HD13 sing N N 169 
ILE OXT HXT  sing N N 170 
LEU N   CA   sing N N 171 
LEU N   H    sing N N 172 
LEU N   H2   sing N N 173 
LEU CA  C    sing N N 174 
LEU CA  CB   sing N N 175 
LEU CA  HA   sing N N 176 
LEU C   O    doub N N 177 
LEU C   OXT  sing N N 178 
LEU CB  CG   sing N N 179 
LEU CB  HB2  sing N N 180 
LEU CB  HB3  sing N N 181 
LEU CG  CD1  sing N N 182 
LEU CG  CD2  sing N N 183 
LEU CG  HG   sing N N 184 
LEU CD1 HD11 sing N N 185 
LEU CD1 HD12 sing N N 186 
LEU CD1 HD13 sing N N 187 
LEU CD2 HD21 sing N N 188 
LEU CD2 HD22 sing N N 189 
LEU CD2 HD23 sing N N 190 
LEU OXT HXT  sing N N 191 
LYS N   CA   sing N N 192 
LYS N   H    sing N N 193 
LYS N   H2   sing N N 194 
LYS CA  C    sing N N 195 
LYS CA  CB   sing N N 196 
LYS CA  HA   sing N N 197 
LYS C   O    doub N N 198 
LYS C   OXT  sing N N 199 
LYS CB  CG   sing N N 200 
LYS CB  HB2  sing N N 201 
LYS CB  HB3  sing N N 202 
LYS CG  CD   sing N N 203 
LYS CG  HG2  sing N N 204 
LYS CG  HG3  sing N N 205 
LYS CD  CE   sing N N 206 
LYS CD  HD2  sing N N 207 
LYS CD  HD3  sing N N 208 
LYS CE  NZ   sing N N 209 
LYS CE  HE2  sing N N 210 
LYS CE  HE3  sing N N 211 
LYS NZ  HZ1  sing N N 212 
LYS NZ  HZ2  sing N N 213 
LYS NZ  HZ3  sing N N 214 
LYS OXT HXT  sing N N 215 
MET N   CA   sing N N 216 
MET N   H    sing N N 217 
MET N   H2   sing N N 218 
MET CA  C    sing N N 219 
MET CA  CB   sing N N 220 
MET CA  HA   sing N N 221 
MET C   O    doub N N 222 
MET C   OXT  sing N N 223 
MET CB  CG   sing N N 224 
MET CB  HB2  sing N N 225 
MET CB  HB3  sing N N 226 
MET CG  SD   sing N N 227 
MET CG  HG2  sing N N 228 
MET CG  HG3  sing N N 229 
MET SD  CE   sing N N 230 
MET CE  HE1  sing N N 231 
MET CE  HE2  sing N N 232 
MET CE  HE3  sing N N 233 
MET OXT HXT  sing N N 234 
PHE N   CA   sing N N 235 
PHE N   H    sing N N 236 
PHE N   H2   sing N N 237 
PHE CA  C    sing N N 238 
PHE CA  CB   sing N N 239 
PHE CA  HA   sing N N 240 
PHE C   O    doub N N 241 
PHE C   OXT  sing N N 242 
PHE CB  CG   sing N N 243 
PHE CB  HB2  sing N N 244 
PHE CB  HB3  sing N N 245 
PHE CG  CD1  doub Y N 246 
PHE CG  CD2  sing Y N 247 
PHE CD1 CE1  sing Y N 248 
PHE CD1 HD1  sing N N 249 
PHE CD2 CE2  doub Y N 250 
PHE CD2 HD2  sing N N 251 
PHE CE1 CZ   doub Y N 252 
PHE CE1 HE1  sing N N 253 
PHE CE2 CZ   sing Y N 254 
PHE CE2 HE2  sing N N 255 
PHE CZ  HZ   sing N N 256 
PHE OXT HXT  sing N N 257 
PRO N   CA   sing N N 258 
PRO N   CD   sing N N 259 
PRO N   H    sing N N 260 
PRO CA  C    sing N N 261 
PRO CA  CB   sing N N 262 
PRO CA  HA   sing N N 263 
PRO C   O    doub N N 264 
PRO C   OXT  sing N N 265 
PRO CB  CG   sing N N 266 
PRO CB  HB2  sing N N 267 
PRO CB  HB3  sing N N 268 
PRO CG  CD   sing N N 269 
PRO CG  HG2  sing N N 270 
PRO CG  HG3  sing N N 271 
PRO CD  HD2  sing N N 272 
PRO CD  HD3  sing N N 273 
PRO OXT HXT  sing N N 274 
PTR N   CA   sing N N 275 
PTR N   H    sing N N 276 
PTR N   H2   sing N N 277 
PTR CA  C    sing N N 278 
PTR CA  CB   sing N N 279 
PTR CA  HA   sing N N 280 
PTR C   O    doub N N 281 
PTR C   OXT  sing N N 282 
PTR OXT HXT  sing N N 283 
PTR CB  CG   sing N N 284 
PTR CB  HB2  sing N N 285 
PTR CB  HB3  sing N N 286 
PTR CG  CD1  doub Y N 287 
PTR CG  CD2  sing Y N 288 
PTR CD1 CE1  sing Y N 289 
PTR CD1 HD1  sing N N 290 
PTR CD2 CE2  doub Y N 291 
PTR CD2 HD2  sing N N 292 
PTR CE1 CZ   doub Y N 293 
PTR CE1 HE1  sing N N 294 
PTR CE2 CZ   sing Y N 295 
PTR CE2 HE2  sing N N 296 
PTR CZ  OH   sing N N 297 
PTR OH  P    sing N N 298 
PTR P   O1P  doub N N 299 
PTR P   O2P  sing N N 300 
PTR P   O3P  sing N N 301 
PTR O2P HO2P sing N N 302 
PTR O3P HO3P sing N N 303 
SER N   CA   sing N N 304 
SER N   H    sing N N 305 
SER N   H2   sing N N 306 
SER CA  C    sing N N 307 
SER CA  CB   sing N N 308 
SER CA  HA   sing N N 309 
SER C   O    doub N N 310 
SER C   OXT  sing N N 311 
SER CB  OG   sing N N 312 
SER CB  HB2  sing N N 313 
SER CB  HB3  sing N N 314 
SER OG  HG   sing N N 315 
SER OXT HXT  sing N N 316 
THR N   CA   sing N N 317 
THR N   H    sing N N 318 
THR N   H2   sing N N 319 
THR CA  C    sing N N 320 
THR CA  CB   sing N N 321 
THR CA  HA   sing N N 322 
THR C   O    doub N N 323 
THR C   OXT  sing N N 324 
THR CB  OG1  sing N N 325 
THR CB  CG2  sing N N 326 
THR CB  HB   sing N N 327 
THR OG1 HG1  sing N N 328 
THR CG2 HG21 sing N N 329 
THR CG2 HG22 sing N N 330 
THR CG2 HG23 sing N N 331 
THR OXT HXT  sing N N 332 
TRP N   CA   sing N N 333 
TRP N   H    sing N N 334 
TRP N   H2   sing N N 335 
TRP CA  C    sing N N 336 
TRP CA  CB   sing N N 337 
TRP CA  HA   sing N N 338 
TRP C   O    doub N N 339 
TRP C   OXT  sing N N 340 
TRP CB  CG   sing N N 341 
TRP CB  HB2  sing N N 342 
TRP CB  HB3  sing N N 343 
TRP CG  CD1  doub Y N 344 
TRP CG  CD2  sing Y N 345 
TRP CD1 NE1  sing Y N 346 
TRP CD1 HD1  sing N N 347 
TRP CD2 CE2  doub Y N 348 
TRP CD2 CE3  sing Y N 349 
TRP NE1 CE2  sing Y N 350 
TRP NE1 HE1  sing N N 351 
TRP CE2 CZ2  sing Y N 352 
TRP CE3 CZ3  doub Y N 353 
TRP CE3 HE3  sing N N 354 
TRP CZ2 CH2  doub Y N 355 
TRP CZ2 HZ2  sing N N 356 
TRP CZ3 CH2  sing Y N 357 
TRP CZ3 HZ3  sing N N 358 
TRP CH2 HH2  sing N N 359 
TRP OXT HXT  sing N N 360 
TYR N   CA   sing N N 361 
TYR N   H    sing N N 362 
TYR N   H2   sing N N 363 
TYR CA  C    sing N N 364 
TYR CA  CB   sing N N 365 
TYR CA  HA   sing N N 366 
TYR C   O    doub N N 367 
TYR C   OXT  sing N N 368 
TYR CB  CG   sing N N 369 
TYR CB  HB2  sing N N 370 
TYR CB  HB3  sing N N 371 
TYR CG  CD1  doub Y N 372 
TYR CG  CD2  sing Y N 373 
TYR CD1 CE1  sing Y N 374 
TYR CD1 HD1  sing N N 375 
TYR CD2 CE2  doub Y N 376 
TYR CD2 HD2  sing N N 377 
TYR CE1 CZ   doub Y N 378 
TYR CE1 HE1  sing N N 379 
TYR CE2 CZ   sing Y N 380 
TYR CE2 HE2  sing N N 381 
TYR CZ  OH   sing N N 382 
TYR OH  HH   sing N N 383 
TYR OXT HXT  sing N N 384 
VAL N   CA   sing N N 385 
VAL N   H    sing N N 386 
VAL N   H2   sing N N 387 
VAL CA  C    sing N N 388 
VAL CA  CB   sing N N 389 
VAL CA  HA   sing N N 390 
VAL C   O    doub N N 391 
VAL C   OXT  sing N N 392 
VAL CB  CG1  sing N N 393 
VAL CB  CG2  sing N N 394 
VAL CB  HB   sing N N 395 
VAL CG1 HG11 sing N N 396 
VAL CG1 HG12 sing N N 397 
VAL CG1 HG13 sing N N 398 
VAL CG2 HG21 sing N N 399 
VAL CG2 HG22 sing N N 400 
VAL CG2 HG23 sing N N 401 
VAL OXT HXT  sing N N 402 
# 
_atom_sites.entry_id                    2PLD 
_atom_sites.fract_transf_matrix[1][1]   1.000000 
_atom_sites.fract_transf_matrix[1][2]   0.000000 
_atom_sites.fract_transf_matrix[1][3]   0.000000 
_atom_sites.fract_transf_matrix[2][1]   0.000000 
_atom_sites.fract_transf_matrix[2][2]   1.000000 
_atom_sites.fract_transf_matrix[2][3]   0.000000 
_atom_sites.fract_transf_matrix[3][1]   0.000000 
_atom_sites.fract_transf_matrix[3][2]   0.000000 
_atom_sites.fract_transf_matrix[3][3]   1.000000 
_atom_sites.fract_transf_vector[1]      0.00000 
_atom_sites.fract_transf_vector[2]      0.00000 
_atom_sites.fract_transf_vector[3]      0.00000 
# 
_atom_sites_footnote.id     1 
_atom_sites_footnote.text   
;RESIDUES A 1 - A 10, A 99 - A 105, B 1 - B 2, AND B 11 - B 12 ARE DISORDERED IN SOLUTION;  THEREFORE, COORDINATES DISPLAY LARGE RMSD VALUES FOR THESE ATOMS.
;
# 
loop_
_atom_type.symbol 
C 
H 
N 
O 
P 
S 
# 
loop_
_atom_site.group_PDB 
_atom_site.id 
_atom_site.type_symbol 
_atom_site.label_atom_id 
_atom_site.label_alt_id 
_atom_site.label_comp_id 
_atom_site.label_asym_id 
_atom_site.label_entity_id 
_atom_site.label_seq_id 
_atom_site.pdbx_PDB_ins_code 
_atom_site.Cartn_x 
_atom_site.Cartn_y 
_atom_site.Cartn_z 
_atom_site.occupancy 
_atom_site.B_iso_or_equiv 
_atom_site.pdbx_formal_charge 
_atom_site.auth_seq_id 
_atom_site.auth_comp_id 
_atom_site.auth_asym_id 
_atom_site.auth_atom_id 
_atom_site.pdbx_PDB_model_num 
ATOM   1    N N    . GLY A 1 1   ? -15.464 -21.905 -3.770  1.00 11.64 ? 1   GLY A N    1 
ATOM   2    C CA   . GLY A 1 1   ? -14.661 -22.617 -2.740  1.00 11.03 ? 1   GLY A CA   1 
ATOM   3    C C    . GLY A 1 1   ? -14.263 -21.635 -1.643  1.00 10.19 ? 1   GLY A C    1 
ATOM   4    O O    . GLY A 1 1   ? -15.010 -21.413 -0.707  1.00 10.03 ? 1   GLY A O    1 
ATOM   5    H H1   . GLY A 1 1   ? -15.590 -20.914 -3.485  1.00 12.00 ? 1   GLY A H1   1 
ATOM   6    H H2   . GLY A 1 1   ? -14.968 -21.948 -4.682  1.00 11.67 ? 1   GLY A H2   1 
ATOM   7    H H3   . GLY A 1 1   ? -16.394 -22.359 -3.858  1.00 11.85 ? 1   GLY A H3   1 
ATOM   8    H HA2  . GLY A 1 1   ? -15.255 -23.416 -2.316  1.00 11.21 ? 1   GLY A HA2  1 
ATOM   9    H HA3  . GLY A 1 1   ? -13.773 -23.024 -3.193  1.00 11.19 ? 1   GLY A HA3  1 
ATOM   10   N N    . SER A 1 2   ? -13.106 -21.036 -1.753  1.00 9.85  ? 2   SER A N    1 
ATOM   11   C CA   . SER A 1 2   ? -12.674 -20.058 -0.714  1.00 9.25  ? 2   SER A CA   1 
ATOM   12   C C    . SER A 1 2   ? -12.076 -18.797 -1.353  1.00 8.35  ? 2   SER A C    1 
ATOM   13   O O    . SER A 1 2   ? -10.977 -18.404 -1.011  1.00 8.06  ? 2   SER A O    1 
ATOM   14   C CB   . SER A 1 2   ? -11.628 -20.709 0.195   1.00 9.58  ? 2   SER A CB   1 
ATOM   15   O OG   . SER A 1 2   ? -12.228 -21.784 0.901   1.00 9.99  ? 2   SER A OG   1 
ATOM   16   H H    . SER A 1 2   ? -12.528 -21.221 -2.524  1.00 10.14 ? 2   SER A H    1 
ATOM   17   H HA   . SER A 1 2   ? -13.526 -19.770 -0.119  1.00 9.45  ? 2   SER A HA   1 
ATOM   18   H HB2  . SER A 1 2   ? -10.812 -21.085 -0.398  1.00 9.86  ? 2   SER A HB2  1 
ATOM   19   H HB3  . SER A 1 2   ? -11.251 -19.971 0.894   1.00 9.46  ? 2   SER A HB3  1 
ATOM   20   H HG   . SER A 1 2   ? -12.803 -22.253 0.294   1.00 10.14 ? 2   SER A HG   1 
ATOM   21   N N    . PRO A 1 3   ? -12.828 -18.158 -2.225  1.00 8.16  ? 3   PRO A N    1 
ATOM   22   C CA   . PRO A 1 3   ? -12.448 -16.892 -2.894  1.00 7.53  ? 3   PRO A CA   1 
ATOM   23   C C    . PRO A 1 3   ? -12.849 -15.798 -1.944  1.00 7.07  ? 3   PRO A C    1 
ATOM   24   O O    . PRO A 1 3   ? -13.249 -16.063 -0.830  1.00 7.45  ? 3   PRO A O    1 
ATOM   25   C CB   . PRO A 1 3   ? -13.301 -16.796 -4.149  1.00 7.99  ? 3   PRO A CB   1 
ATOM   26   C CG   . PRO A 1 3   ? -14.546 -17.640 -3.862  1.00 8.74  ? 3   PRO A CG   1 
ATOM   27   C CD   . PRO A 1 3   ? -14.185 -18.578 -2.696  1.00 8.85  ? 3   PRO A CD   1 
ATOM   28   H HA   . PRO A 1 3   ? -11.400 -16.839 -3.127  1.00 7.43  ? 3   PRO A HA   1 
ATOM   29   H HB2  . PRO A 1 3   ? -13.575 -15.763 -4.333  1.00 7.77  ? 3   PRO A HB2  1 
ATOM   30   H HB3  . PRO A 1 3   ? -12.771 -17.201 -4.994  1.00 8.26  ? 3   PRO A HB3  1 
ATOM   31   H HG2  . PRO A 1 3   ? -15.372 -17.001 -3.584  1.00 8.81  ? 3   PRO A HG2  1 
ATOM   32   H HG3  . PRO A 1 3   ? -14.805 -18.226 -4.729  1.00 9.32  ? 3   PRO A HG3  1 
ATOM   33   H HD2  . PRO A 1 3   ? -14.911 -18.476 -1.894  1.00 9.10  ? 3   PRO A HD2  1 
ATOM   34   H HD3  . PRO A 1 3   ? -14.162 -19.592 -3.048  1.00 9.38  ? 3   PRO A HD3  1 
ATOM   35   N N    . GLY A 1 4   ? -12.795 -14.580 -2.343  1.00 6.52  ? 4   GLY A N    1 
ATOM   36   C CA   . GLY A 1 4   ? -13.246 -13.549 -1.379  1.00 6.32  ? 4   GLY A CA   1 
ATOM   37   C C    . GLY A 1 4   ? -12.847 -12.132 -1.772  1.00 5.68  ? 4   GLY A C    1 
ATOM   38   O O    . GLY A 1 4   ? -12.155 -11.886 -2.742  1.00 5.92  ? 4   GLY A O    1 
ATOM   39   H H    . GLY A 1 4   ? -12.489 -14.359 -3.252  1.00 6.43  ? 4   GLY A H    1 
ATOM   40   H HA2  . GLY A 1 4   ? -14.320 -13.601 -1.297  1.00 6.61  ? 4   GLY A HA2  1 
ATOM   41   H HA3  . GLY A 1 4   ? -12.813 -13.777 -0.414  1.00 6.67  ? 4   GLY A HA3  1 
ATOM   42   N N    . ILE A 1 5   ? -13.260 -11.214 -0.945  1.00 5.20  ? 5   ILE A N    1 
ATOM   43   C CA   . ILE A 1 5   ? -12.936 -9.784  -1.101  1.00 4.93  ? 5   ILE A CA   1 
ATOM   44   C C    . ILE A 1 5   ? -11.928 -9.500  0.022   1.00 4.29  ? 5   ILE A C    1 
ATOM   45   O O    . ILE A 1 5   ? -11.968 -8.495  0.702   1.00 4.37  ? 5   ILE A O    1 
ATOM   46   C CB   . ILE A 1 5   ? -14.231 -8.986  -0.903  1.00 5.35  ? 5   ILE A CB   1 
ATOM   47   C CG1  . ILE A 1 5   ? -15.377 -9.664  -1.678  1.00 6.06  ? 5   ILE A CG1  1 
ATOM   48   C CG2  . ILE A 1 5   ? -14.062 -7.557  -1.412  1.00 5.51  ? 5   ILE A CG2  1 
ATOM   49   C CD1  . ILE A 1 5   ? -16.033 -10.757 -0.821  1.00 6.93  ? 5   ILE A CD1  1 
ATOM   50   H H    . ILE A 1 5   ? -13.770 -11.482 -0.160  1.00 5.29  ? 5   ILE A H    1 
ATOM   51   H HA   . ILE A 1 5   ? -12.505 -9.590  -2.064  1.00 5.29  ? 5   ILE A HA   1 
ATOM   52   H HB   . ILE A 1 5   ? -14.469 -8.962  0.147   1.00 5.51  ? 5   ILE A HB   1 
ATOM   53   H HG12 . ILE A 1 5   ? -16.114 -8.923  -1.935  1.00 6.10  ? 5   ILE A HG12 1 
ATOM   54   H HG13 . ILE A 1 5   ? -14.992 -10.109 -2.584  1.00 6.25  ? 5   ILE A HG13 1 
ATOM   55   H HG21 . ILE A 1 5   ? -13.116 -7.167  -1.081  1.00 5.84  ? 5   ILE A HG21 1 
ATOM   56   H HG22 . ILE A 1 5   ? -14.099 -7.550  -2.490  1.00 5.36  ? 5   ILE A HG22 1 
ATOM   57   H HG23 . ILE A 1 5   ? -14.861 -6.943  -1.019  1.00 5.85  ? 5   ILE A HG23 1 
ATOM   58   H HD11 . ILE A 1 5   ? -15.922 -10.514 0.225   1.00 7.23  ? 5   ILE A HD11 1 
ATOM   59   H HD12 . ILE A 1 5   ? -17.084 -10.828 -1.065  1.00 7.36  ? 5   ILE A HD12 1 
ATOM   60   H HD13 . ILE A 1 5   ? -15.557 -11.708 -1.022  1.00 7.09  ? 5   ILE A HD13 1 
ATOM   61   N N    . HIS A 1 6   ? -11.067 -10.464 0.224   1.00 4.11  ? 6   HIS A N    1 
ATOM   62   C CA   . HIS A 1 6   ? -10.042 -10.448 1.293   1.00 3.88  ? 6   HIS A CA   1 
ATOM   63   C C    . HIS A 1 6   ? -9.264  -11.757 1.084   1.00 3.83  ? 6   HIS A C    1 
ATOM   64   O O    . HIS A 1 6   ? -9.094  -12.173 -0.044  1.00 4.14  ? 6   HIS A O    1 
ATOM   65   C CB   . HIS A 1 6   ? -10.767 -10.462 2.644   1.00 4.23  ? 6   HIS A CB   1 
ATOM   66   C CG   . HIS A 1 6   ? -9.915  -9.867  3.727   1.00 4.83  ? 6   HIS A CG   1 
ATOM   67   N ND1  . HIS A 1 6   ? -10.228 -10.024 5.068   1.00 5.35  ? 6   HIS A ND1  1 
ATOM   68   C CD2  . HIS A 1 6   ? -8.775  -9.106  3.693   1.00 5.45  ? 6   HIS A CD2  1 
ATOM   69   C CE1  . HIS A 1 6   ? -9.296  -9.371  5.781   1.00 6.13  ? 6   HIS A CE1  1 
ATOM   70   N NE2  . HIS A 1 6   ? -8.384  -8.793  4.993   1.00 6.22  ? 6   HIS A NE2  1 
ATOM   71   H H    . HIS A 1 6   ? -11.123 -11.259 -0.332  1.00 4.45  ? 6   HIS A H    1 
ATOM   72   H HA   . HIS A 1 6   ? -9.393  -9.591  1.200   1.00 3.96  ? 6   HIS A HA   1 
ATOM   73   H HB2  . HIS A 1 6   ? -11.681 -9.893  2.564   1.00 4.47  ? 6   HIS A HB2  1 
ATOM   74   H HB3  . HIS A 1 6   ? -11.008 -11.483 2.904   1.00 4.34  ? 6   HIS A HB3  1 
ATOM   75   H HD1  . HIS A 1 6   ? -10.993 -10.518 5.429   1.00 5.40  ? 6   HIS A HD1  1 
ATOM   76   H HD2  . HIS A 1 6   ? -8.262  -8.796  2.796   1.00 5.61  ? 6   HIS A HD2  1 
ATOM   77   H HE1  . HIS A 1 6   ? -9.284  -9.322  6.860   1.00 6.82  ? 6   HIS A HE1  1 
ATOM   78   N N    . GLU A 1 7   ? -8.848  -12.444 2.127   1.00 3.93  ? 7   GLU A N    1 
ATOM   79   C CA   . GLU A 1 7   ? -8.145  -13.761 1.911   1.00 4.22  ? 7   GLU A CA   1 
ATOM   80   C C    . GLU A 1 7   ? -7.022  -13.601 0.844   1.00 3.80  ? 7   GLU A C    1 
ATOM   81   O O    . GLU A 1 7   ? -6.173  -12.741 0.977   1.00 3.91  ? 7   GLU A O    1 
ATOM   82   C CB   . GLU A 1 7   ? -9.217  -14.777 1.472   1.00 4.96  ? 7   GLU A CB   1 
ATOM   83   C CG   . GLU A 1 7   ? -10.489 -14.576 2.300   1.00 5.54  ? 7   GLU A CG   1 
ATOM   84   C CD   . GLU A 1 7   ? -10.148 -14.539 3.789   1.00 6.51  ? 7   GLU A CD   1 
ATOM   85   O OE1  . GLU A 1 7   ? -9.822  -15.585 4.328   1.00 7.10  ? 7   GLU A OE1  1 
ATOM   86   O OE2  . GLU A 1 7   ? -10.227 -13.469 4.367   1.00 6.91  ? 7   GLU A OE2  1 
ATOM   87   H H    . GLU A 1 7   ? -9.031  -12.124 3.037   1.00 4.13  ? 7   GLU A H    1 
ATOM   88   H HA   . GLU A 1 7   ? -7.709  -14.100 2.830   1.00 4.63  ? 7   GLU A HA   1 
ATOM   89   H HB2  . GLU A 1 7   ? -9.456  -14.628 0.429   1.00 5.26  ? 7   GLU A HB2  1 
ATOM   90   H HB3  . GLU A 1 7   ? -8.853  -15.783 1.620   1.00 5.21  ? 7   GLU A HB3  1 
ATOM   91   H HG2  . GLU A 1 7   ? -10.960 -13.648 2.014   1.00 5.57  ? 7   GLU A HG2  1 
ATOM   92   H HG3  . GLU A 1 7   ? -11.167 -15.388 2.112   1.00 5.62  ? 7   GLU A HG3  1 
ATOM   93   N N    . SER A 1 8   ? -7.031  -14.404 -0.209  1.00 3.75  ? 8   SER A N    1 
ATOM   94   C CA   . SER A 1 8   ? -5.999  -14.299 -1.310  1.00 3.59  ? 8   SER A CA   1 
ATOM   95   C C    . SER A 1 8   ? -4.570  -14.210 -0.754  1.00 3.40  ? 8   SER A C    1 
ATOM   96   O O    . SER A 1 8   ? -4.242  -14.868 0.212   1.00 3.67  ? 8   SER A O    1 
ATOM   97   C CB   . SER A 1 8   ? -6.318  -13.101 -2.210  1.00 4.08  ? 8   SER A CB   1 
ATOM   98   O OG   . SER A 1 8   ? -5.819  -13.362 -3.518  1.00 4.45  ? 8   SER A OG   1 
ATOM   99   H H    . SER A 1 8   ? -7.731  -15.072 -0.291  1.00 4.11  ? 8   SER A H    1 
ATOM   100  H HA   . SER A 1 8   ? -6.050  -15.193 -1.912  1.00 3.62  ? 8   SER A HA   1 
ATOM   101  H HB2  . SER A 1 8   ? -7.382  -12.955 -2.260  1.00 4.42  ? 8   SER A HB2  1 
ATOM   102  H HB3  . SER A 1 8   ? -5.852  -12.209 -1.807  1.00 4.33  ? 8   SER A HB3  1 
ATOM   103  H HG   . SER A 1 8   ? -5.541  -14.281 -3.557  1.00 4.83  ? 8   SER A HG   1 
ATOM   104  N N    . LYS A 1 9   ? -3.692  -13.462 -1.385  1.00 3.38  ? 9   LYS A N    1 
ATOM   105  C CA   . LYS A 1 9   ? -2.288  -13.439 -0.889  1.00 3.37  ? 9   LYS A CA   1 
ATOM   106  C C    . LYS A 1 9   ? -1.415  -12.379 -1.589  1.00 2.78  ? 9   LYS A C    1 
ATOM   107  O O    . LYS A 1 9   ? -1.871  -11.547 -2.339  1.00 3.09  ? 9   LYS A O    1 
ATOM   108  C CB   . LYS A 1 9   ? -1.701  -14.799 -1.243  1.00 4.25  ? 9   LYS A CB   1 
ATOM   109  C CG   . LYS A 1 9   ? -1.316  -15.582 0.009   1.00 5.03  ? 9   LYS A CG   1 
ATOM   110  C CD   . LYS A 1 9   ? -1.321  -17.064 -0.341  1.00 5.77  ? 9   LYS A CD   1 
ATOM   111  C CE   . LYS A 1 9   ? -0.258  -17.363 -1.409  1.00 6.44  ? 9   LYS A CE   1 
ATOM   112  N NZ   . LYS A 1 9   ? 1.074   -17.506 -0.760  1.00 7.31  ? 9   LYS A NZ   1 
ATOM   113  H H    . LYS A 1 9   ? -3.939  -12.977 -2.198  1.00 3.67  ? 9   LYS A H    1 
ATOM   114  H HA   . LYS A 1 9   ? -2.255  -13.310 0.176   1.00 3.61  ? 9   LYS A HA   1 
ATOM   115  H HB2  . LYS A 1 9   ? -2.433  -15.361 -1.801  1.00 4.53  ? 9   LYS A HB2  1 
ATOM   116  H HB3  . LYS A 1 9   ? -0.824  -14.657 -1.857  1.00 4.43  ? 9   LYS A HB3  1 
ATOM   117  H HG2  . LYS A 1 9   ? -0.330  -15.281 0.336   1.00 5.20  ? 9   LYS A HG2  1 
ATOM   118  H HG3  . LYS A 1 9   ? -2.034  -15.404 0.797   1.00 5.29  ? 9   LYS A HG3  1 
ATOM   119  H HD2  . LYS A 1 9   ? -1.115  -17.636 0.547   1.00 6.17  ? 9   LYS A HD2  1 
ATOM   120  H HD3  . LYS A 1 9   ? -2.294  -17.326 -0.726  1.00 5.78  ? 9   LYS A HD3  1 
ATOM   121  H HE2  . LYS A 1 9   ? -0.510  -18.282 -1.918  1.00 6.51  ? 9   LYS A HE2  1 
ATOM   122  H HE3  . LYS A 1 9   ? -0.223  -16.557 -2.127  1.00 6.53  ? 9   LYS A HE3  1 
ATOM   123  H HZ1  . LYS A 1 9   ? 0.947   -17.651 0.263   1.00 7.40  ? 9   LYS A HZ1  1 
ATOM   124  H HZ2  . LYS A 1 9   ? 1.571   -18.324 -1.168  1.00 7.79  ? 9   LYS A HZ2  1 
ATOM   125  H HZ3  . LYS A 1 9   ? 1.634   -16.647 -0.923  1.00 7.60  ? 9   LYS A HZ3  1 
ATOM   126  N N    . GLU A 1 10  ? -0.137  -12.513 -1.334  1.00 2.53  ? 10  GLU A N    1 
ATOM   127  C CA   . GLU A 1 10  ? 0.973   -11.680 -1.930  1.00 2.58  ? 10  GLU A CA   1 
ATOM   128  C C    . GLU A 1 10  ? 0.830   -10.153 -1.892  1.00 1.91  ? 10  GLU A C    1 
ATOM   129  O O    . GLU A 1 10  ? 1.639   -9.492  -2.514  1.00 2.36  ? 10  GLU A O    1 
ATOM   130  C CB   . GLU A 1 10  ? 1.265   -12.137 -3.363  1.00 3.15  ? 10  GLU A CB   1 
ATOM   131  C CG   . GLU A 1 10  ? 0.185   -11.654 -4.323  1.00 4.08  ? 10  GLU A CG   1 
ATOM   132  C CD   . GLU A 1 10  ? -0.737  -12.823 -4.680  1.00 4.85  ? 10  GLU A CD   1 
ATOM   133  O OE1  . GLU A 1 10  ? -0.222  -13.895 -4.949  1.00 5.59  ? 10  GLU A OE1  1 
ATOM   134  O OE2  . GLU A 1 10  ? -1.942  -12.627 -4.680  1.00 5.00  ? 10  GLU A OE2  1 
ATOM   135  H H    . GLU A 1 10  ? 0.121   -13.246 -0.737  1.00 2.78  ? 10  GLU A H    1 
ATOM   136  H HA   . GLU A 1 10  ? 1.855   -11.901 -1.366  1.00 3.32  ? 10  GLU A HA   1 
ATOM   137  H HB2  . GLU A 1 10  ? 2.218   -11.733 -3.676  1.00 3.20  ? 10  GLU A HB2  1 
ATOM   138  H HB3  . GLU A 1 10  ? 1.310   -13.215 -3.392  1.00 3.45  ? 10  GLU A HB3  1 
ATOM   139  H HG2  . GLU A 1 10  ? -0.383  -10.862 -3.868  1.00 4.52  ? 10  GLU A HG2  1 
ATOM   140  H HG3  . GLU A 1 10  ? 0.655   -11.287 -5.217  1.00 4.18  ? 10  GLU A HG3  1 
ATOM   141  N N    . TRP A 1 11  ? -0.089  -9.552  -1.171  1.00 1.44  ? 11  TRP A N    1 
ATOM   142  C CA   . TRP A 1 11  ? -0.070  -8.043  -1.157  1.00 0.93  ? 11  TRP A CA   1 
ATOM   143  C C    . TRP A 1 11  ? -0.193  -7.459  0.255   1.00 0.67  ? 11  TRP A C    1 
ATOM   144  O O    . TRP A 1 11  ? -0.297  -6.263  0.422   1.00 0.80  ? 11  TRP A O    1 
ATOM   145  C CB   . TRP A 1 11  ? -1.033  -7.386  -2.181  1.00 1.22  ? 11  TRP A CB   1 
ATOM   146  C CG   . TRP A 1 11  ? -2.510  -7.663  -2.020  1.00 0.91  ? 11  TRP A CG   1 
ATOM   147  C CD1  . TRP A 1 11  ? -3.215  -8.566  -2.743  1.00 1.30  ? 11  TRP A CD1  1 
ATOM   148  C CD2  . TRP A 1 11  ? -3.492  -6.956  -1.199  1.00 0.81  ? 11  TRP A CD2  1 
ATOM   149  N NE1  . TRP A 1 11  ? -4.561  -8.456  -2.418  1.00 1.45  ? 11  TRP A NE1  1 
ATOM   150  C CE2  . TRP A 1 11  ? -4.781  -7.479  -1.467  1.00 0.91  ? 11  TRP A CE2  1 
ATOM   151  C CE3  . TRP A 1 11  ? -3.386  -5.932  -0.255  1.00 1.33  ? 11  TRP A CE3  1 
ATOM   152  C CZ2  . TRP A 1 11  ? -5.926  -6.978  -0.825  1.00 0.91  ? 11  TRP A CZ2  1 
ATOM   153  C CZ3  . TRP A 1 11  ? -4.526  -5.433  0.398   1.00 1.40  ? 11  TRP A CZ3  1 
ATOM   154  C CH2  . TRP A 1 11  ? -5.793  -5.952  0.107   1.00 0.93  ? 11  TRP A CH2  1 
ATOM   155  H H    . TRP A 1 11  ? -0.721  -10.067 -0.628  1.00 1.95  ? 11  TRP A H    1 
ATOM   156  H HA   . TRP A 1 11  ? 0.926   -7.757  -1.467  1.00 1.18  ? 11  TRP A HA   1 
ATOM   157  H HB2  . TRP A 1 11  ? -0.896  -6.319  -2.126  1.00 1.74  ? 11  TRP A HB2  1 
ATOM   158  H HB3  . TRP A 1 11  ? -0.732  -7.707  -3.169  1.00 1.76  ? 11  TRP A HB3  1 
ATOM   159  H HD1  . TRP A 1 11  ? -2.797  -9.257  -3.459  1.00 1.71  ? 11  TRP A HD1  1 
ATOM   160  H HE1  . TRP A 1 11  ? -5.280  -8.998  -2.802  1.00 2.01  ? 11  TRP A HE1  1 
ATOM   161  H HE3  . TRP A 1 11  ? -2.418  -5.538  -0.021  1.00 1.87  ? 11  TRP A HE3  1 
ATOM   162  H HZ2  . TRP A 1 11  ? -6.911  -7.359  -1.063  1.00 1.36  ? 11  TRP A HZ2  1 
ATOM   163  H HZ3  . TRP A 1 11  ? -4.428  -4.639  1.121   1.00 1.99  ? 11  TRP A HZ3  1 
ATOM   164  H HH2  . TRP A 1 11  ? -6.667  -5.562  0.606   1.00 1.07  ? 11  TRP A HH2  1 
ATOM   165  N N    . TYR A 1 12  ? -0.079  -8.268  1.276   1.00 0.72  ? 12  TYR A N    1 
ATOM   166  C CA   . TYR A 1 12  ? -0.107  -7.712  2.665   1.00 0.78  ? 12  TYR A CA   1 
ATOM   167  C C    . TYR A 1 12  ? 0.783   -8.568  3.613   1.00 0.69  ? 12  TYR A C    1 
ATOM   168  O O    . TYR A 1 12  ? 0.523   -9.727  3.879   1.00 0.83  ? 12  TYR A O    1 
ATOM   169  C CB   . TYR A 1 12  ? -1.577  -7.589  3.145   1.00 1.25  ? 12  TYR A CB   1 
ATOM   170  C CG   . TYR A 1 12  ? -1.931  -8.615  4.197   1.00 0.94  ? 12  TYR A CG   1 
ATOM   171  C CD1  . TYR A 1 12  ? -1.658  -8.358  5.545   1.00 1.11  ? 12  TYR A CD1  1 
ATOM   172  C CD2  . TYR A 1 12  ? -2.539  -9.819  3.822   1.00 1.43  ? 12  TYR A CD2  1 
ATOM   173  C CE1  . TYR A 1 12  ? -1.989  -9.306  6.517   1.00 1.39  ? 12  TYR A CE1  1 
ATOM   174  C CE2  . TYR A 1 12  ? -2.870  -10.766 4.795   1.00 1.73  ? 12  TYR A CE2  1 
ATOM   175  C CZ   . TYR A 1 12  ? -2.596  -10.511 6.143   1.00 1.60  ? 12  TYR A CZ   1 
ATOM   176  O OH   . TYR A 1 12  ? -2.922  -11.448 7.103   1.00 2.18  ? 12  TYR A OH   1 
ATOM   177  H H    . TYR A 1 12  ? 0.081   -9.217  1.131   1.00 0.97  ? 12  TYR A H    1 
ATOM   178  H HA   . TYR A 1 12  ? 0.315   -6.721  2.628   1.00 0.85  ? 12  TYR A HA   1 
ATOM   179  H HB2  . TYR A 1 12  ? -1.727  -6.604  3.560   1.00 1.72  ? 12  TYR A HB2  1 
ATOM   180  H HB3  . TYR A 1 12  ? -2.234  -7.713  2.296   1.00 1.78  ? 12  TYR A HB3  1 
ATOM   181  H HD1  . TYR A 1 12  ? -1.192  -7.431  5.836   1.00 1.54  ? 12  TYR A HD1  1 
ATOM   182  H HD2  . TYR A 1 12  ? -2.754  -10.017 2.784   1.00 1.92  ? 12  TYR A HD2  1 
ATOM   183  H HE1  . TYR A 1 12  ? -1.780  -9.105  7.556   1.00 1.87  ? 12  TYR A HE1  1 
ATOM   184  H HE2  . TYR A 1 12  ? -3.339  -11.694 4.503   1.00 2.35  ? 12  TYR A HE2  1 
ATOM   185  H HH   . TYR A 1 12  ? -2.243  -11.425 7.782   1.00 2.22  ? 12  TYR A HH   1 
ATOM   186  N N    . HIS A 1 13  ? 1.869   -7.988  4.100   1.00 0.69  ? 13  HIS A N    1 
ATOM   187  C CA   . HIS A 1 13  ? 2.798   -8.726  5.018   1.00 0.76  ? 13  HIS A CA   1 
ATOM   188  C C    . HIS A 1 13  ? 2.422   -8.384  6.468   1.00 0.77  ? 13  HIS A C    1 
ATOM   189  O O    . HIS A 1 13  ? 2.409   -7.232  6.864   1.00 0.77  ? 13  HIS A O    1 
ATOM   190  C CB   . HIS A 1 13  ? 4.242   -8.292  4.748   1.00 0.93  ? 13  HIS A CB   1 
ATOM   191  C CG   . HIS A 1 13  ? 4.486   -8.248  3.265   1.00 1.02  ? 13  HIS A CG   1 
ATOM   192  N ND1  . HIS A 1 13  ? 4.731   -9.391  2.521   1.00 1.61  ? 13  HIS A ND1  1 
ATOM   193  C CD2  . HIS A 1 13  ? 4.528   -7.203  2.377   1.00 1.12  ? 13  HIS A CD2  1 
ATOM   194  C CE1  . HIS A 1 13  ? 4.909   -9.011  1.242   1.00 1.73  ? 13  HIS A CE1  1 
ATOM   195  N NE2  . HIS A 1 13  ? 4.796   -7.686  1.099   1.00 1.36  ? 13  HIS A NE2  1 
ATOM   196  H H    . HIS A 1 13  ? 2.078   -7.077  3.853   1.00 0.80  ? 13  HIS A H    1 
ATOM   197  H HA   . HIS A 1 13  ? 2.699   -9.792  4.862   1.00 0.82  ? 13  HIS A HA   1 
ATOM   198  H HB2  . HIS A 1 13  ? 4.407   -7.310  5.166   1.00 1.07  ? 13  HIS A HB2  1 
ATOM   199  H HB3  . HIS A 1 13  ? 4.924   -8.997  5.203   1.00 1.12  ? 13  HIS A HB3  1 
ATOM   200  H HD1  . HIS A 1 13  ? 4.768   -10.309 2.863   1.00 2.05  ? 13  HIS A HD1  1 
ATOM   201  H HD2  . HIS A 1 13  ? 4.379   -6.162  2.633   1.00 1.45  ? 13  HIS A HD2  1 
ATOM   202  H HE1  . HIS A 1 13  ? 5.120   -9.692  0.431   1.00 2.27  ? 13  HIS A HE1  1 
ATOM   203  N N    . ALA A 1 14  ? 2.059   -9.370  7.237   1.00 0.99  ? 14  ALA A N    1 
ATOM   204  C CA   . ALA A 1 14  ? 1.619   -9.120  8.635   1.00 1.09  ? 14  ALA A CA   1 
ATOM   205  C C    . ALA A 1 14  ? 2.741   -9.138  9.680   1.00 1.30  ? 14  ALA A C    1 
ATOM   206  O O    . ALA A 1 14  ? 2.454   -8.992  10.851  1.00 2.12  ? 14  ALA A O    1 
ATOM   207  C CB   . ALA A 1 14  ? 0.634   -10.204 9.026   1.00 1.52  ? 14  ALA A CB   1 
ATOM   208  H H    . ALA A 1 14  ? 2.032   -10.276 6.882   1.00 1.18  ? 14  ALA A H    1 
ATOM   209  H HA   . ALA A 1 14  ? 1.117   -8.177  8.672   1.00 1.41  ? 14  ALA A HA   1 
ATOM   210  H HB1  . ALA A 1 14  ? 1.015   -11.160 8.703   1.00 1.85  ? 14  ALA A HB1  1 
ATOM   211  H HB2  . ALA A 1 14  ? 0.518   -10.205 10.100  1.00 2.03  ? 14  ALA A HB2  1 
ATOM   212  H HB3  . ALA A 1 14  ? -0.315  -10.011 8.559   1.00 1.96  ? 14  ALA A HB3  1 
ATOM   213  N N    . SER A 1 15  ? 3.982   -9.367  9.342   1.00 1.47  ? 15  SER A N    1 
ATOM   214  C CA   . SER A 1 15  ? 4.984   -9.436  10.449  1.00 2.09  ? 15  SER A CA   1 
ATOM   215  C C    . SER A 1 15  ? 6.417   -9.085  10.034  1.00 1.86  ? 15  SER A C    1 
ATOM   216  O O    . SER A 1 15  ? 7.131   -9.869  9.441   1.00 2.21  ? 15  SER A O    1 
ATOM   217  C CB   . SER A 1 15  ? 4.971   -10.851 11.024  1.00 3.07  ? 15  SER A CB   1 
ATOM   218  O OG   . SER A 1 15  ? 3.659   -11.388 10.930  1.00 3.55  ? 15  SER A OG   1 
ATOM   219  H H    . SER A 1 15  ? 4.233   -9.534  8.419   1.00 1.77  ? 15  SER A H    1 
ATOM   220  H HA   . SER A 1 15  ? 4.688   -8.754  11.229  1.00 2.40  ? 15  SER A HA   1 
ATOM   221  H HB2  . SER A 1 15  ? 5.648   -11.475 10.466  1.00 3.55  ? 15  SER A HB2  1 
ATOM   222  H HB3  . SER A 1 15  ? 5.283   -10.819 12.058  1.00 3.44  ? 15  SER A HB3  1 
ATOM   223  H HG   . SER A 1 15  ? 3.631   -12.198 11.445  1.00 3.80  ? 15  SER A HG   1 
ATOM   224  N N    . LEU A 1 16  ? 6.849   -7.929  10.451  1.00 1.72  ? 16  LEU A N    1 
ATOM   225  C CA   . LEU A 1 16  ? 8.257   -7.479  10.227  1.00 1.74  ? 16  LEU A CA   1 
ATOM   226  C C    . LEU A 1 16  ? 8.446   -6.108  10.876  1.00 1.66  ? 16  LEU A C    1 
ATOM   227  O O    . LEU A 1 16  ? 7.497   -5.388  11.120  1.00 1.86  ? 16  LEU A O    1 
ATOM   228  C CB   . LEU A 1 16  ? 8.654   -7.424  8.749   1.00 2.10  ? 16  LEU A CB   1 
ATOM   229  C CG   . LEU A 1 16  ? 7.493   -6.998  7.853   1.00 1.64  ? 16  LEU A CG   1 
ATOM   230  C CD1  . LEU A 1 16  ? 7.106   -5.546  8.132   1.00 1.83  ? 16  LEU A CD1  1 
ATOM   231  C CD2  . LEU A 1 16  ? 7.960   -7.108  6.404   1.00 2.23  ? 16  LEU A CD2  1 
ATOM   232  H H    . LEU A 1 16  ? 6.249   -7.371  10.981  1.00 1.92  ? 16  LEU A H    1 
ATOM   233  H HA   . LEU A 1 16  ? 8.913   -8.178  10.733  1.00 1.83  ? 16  LEU A HA   1 
ATOM   234  H HB2  . LEU A 1 16  ? 9.463   -6.718  8.632   1.00 2.65  ? 16  LEU A HB2  1 
ATOM   235  H HB3  . LEU A 1 16  ? 8.997   -8.402  8.443   1.00 2.68  ? 16  LEU A HB3  1 
ATOM   236  H HG   . LEU A 1 16  ? 6.645   -7.645  8.013   1.00 2.00  ? 16  LEU A HG   1 
ATOM   237  H HD11 . LEU A 1 16  ? 7.998   -4.957  8.287   1.00 2.36  ? 16  LEU A HD11 1 
ATOM   238  H HD12 . LEU A 1 16  ? 6.559   -5.151  7.286   1.00 2.19  ? 16  LEU A HD12 1 
ATOM   239  H HD13 . LEU A 1 16  ? 6.485   -5.499  9.012   1.00 2.16  ? 16  LEU A HD13 1 
ATOM   240  H HD21 . LEU A 1 16  ? 9.019   -6.889  6.354   1.00 2.78  ? 16  LEU A HD21 1 
ATOM   241  H HD22 . LEU A 1 16  ? 7.782   -8.108  6.044   1.00 2.52  ? 16  LEU A HD22 1 
ATOM   242  H HD23 . LEU A 1 16  ? 7.420   -6.400  5.797   1.00 2.65  ? 16  LEU A HD23 1 
ATOM   243  N N    . THR A 1 17  ? 9.662   -5.755  11.184  1.00 1.72  ? 17  THR A N    1 
ATOM   244  C CA   . THR A 1 17  ? 9.921   -4.443  11.847  1.00 1.79  ? 17  THR A CA   1 
ATOM   245  C C    . THR A 1 17  ? 9.406   -3.297  10.979  1.00 1.75  ? 17  THR A C    1 
ATOM   246  O O    . THR A 1 17  ? 9.492   -3.324  9.767   1.00 1.85  ? 17  THR A O    1 
ATOM   247  C CB   . THR A 1 17  ? 11.412  -4.260  12.132  1.00 2.07  ? 17  THR A CB   1 
ATOM   248  O OG1  . THR A 1 17  ? 12.172  -5.244  11.447  1.00 2.33  ? 17  THR A OG1  1 
ATOM   249  C CG2  . THR A 1 17  ? 11.678  -4.374  13.637  1.00 2.52  ? 17  THR A CG2  1 
ATOM   250  H H    . THR A 1 17  ? 10.398  -6.363  10.993  1.00 1.91  ? 17  THR A H    1 
ATOM   251  H HA   . THR A 1 17  ? 9.398   -4.414  12.774  1.00 1.89  ? 17  THR A HA   1 
ATOM   252  H HB   . THR A 1 17  ? 11.699  -3.285  11.804  1.00 2.28  ? 17  THR A HB   1 
ATOM   253  H HG1  . THR A 1 17  ? 12.985  -5.390  11.938  1.00 2.63  ? 17  THR A HG1  1 
ATOM   254  H HG21 . THR A 1 17  ? 10.775  -4.682  14.143  1.00 2.90  ? 17  THR A HG21 1 
ATOM   255  H HG22 . THR A 1 17  ? 12.454  -5.106  13.813  1.00 2.82  ? 17  THR A HG22 1 
ATOM   256  H HG23 . THR A 1 17  ? 11.997  -3.417  14.020  1.00 2.87  ? 17  THR A HG23 1 
ATOM   257  N N    . ARG A 1 18  ? 8.849   -2.296  11.606  1.00 1.88  ? 18  ARG A N    1 
ATOM   258  C CA   . ARG A 1 18  ? 8.299   -1.136  10.847  1.00 1.97  ? 18  ARG A CA   1 
ATOM   259  C C    . ARG A 1 18  ? 9.407   -0.467  10.026  1.00 1.81  ? 18  ARG A C    1 
ATOM   260  O O    . ARG A 1 18  ? 9.141   0.213   9.055   1.00 2.36  ? 18  ARG A O    1 
ATOM   261  C CB   . ARG A 1 18  ? 7.671   -0.128  11.826  1.00 2.26  ? 18  ARG A CB   1 
ATOM   262  C CG   . ARG A 1 18  ? 8.545   1.119   11.949  1.00 2.82  ? 18  ARG A CG   1 
ATOM   263  C CD   . ARG A 1 18  ? 7.933   2.037   13.003  1.00 3.06  ? 18  ARG A CD   1 
ATOM   264  N NE   . ARG A 1 18  ? 8.065   1.405   14.347  1.00 3.69  ? 18  ARG A NE   1 
ATOM   265  C CZ   . ARG A 1 18  ? 7.864   2.113   15.424  1.00 4.12  ? 18  ARG A CZ   1 
ATOM   266  N NH1  . ARG A 1 18  ? 8.811   2.881   15.887  1.00 4.94  ? 18  ARG A NH1  1 
ATOM   267  N NH2  . ARG A 1 18  ? 6.715   2.050   16.040  1.00 4.05  ? 18  ARG A NH2  1 
ATOM   268  H H    . ARG A 1 18  ? 8.786   -2.316  12.583  1.00 2.08  ? 18  ARG A H    1 
ATOM   269  H HA   . ARG A 1 18  ? 7.540   -1.491  10.178  1.00 2.06  ? 18  ARG A HA   1 
ATOM   270  H HB2  . ARG A 1 18  ? 6.690   0.163   11.471  1.00 2.51  ? 18  ARG A HB2  1 
ATOM   271  H HB3  . ARG A 1 18  ? 7.574   -0.587  12.799  1.00 2.54  ? 18  ARG A HB3  1 
ATOM   272  H HG2  . ARG A 1 18  ? 9.545   0.839   12.247  1.00 3.35  ? 18  ARG A HG2  1 
ATOM   273  H HG3  . ARG A 1 18  ? 8.578   1.639   11.003  1.00 3.20  ? 18  ARG A HG3  1 
ATOM   274  H HD2  . ARG A 1 18  ? 8.445   2.985   12.995  1.00 3.18  ? 18  ARG A HD2  1 
ATOM   275  H HD3  . ARG A 1 18  ? 6.887   2.189   12.776  1.00 3.30  ? 18  ARG A HD3  1 
ATOM   276  H HE   . ARG A 1 18  ? 8.304   0.458   14.420  1.00 4.07  ? 18  ARG A HE   1 
ATOM   277  H HH11 . ARG A 1 18  ? 9.692   2.928   15.415  1.00 5.28  ? 18  ARG A HH11 1 
ATOM   278  H HH12 . ARG A 1 18  ? 8.657   3.423   16.713  1.00 5.40  ? 18  ARG A HH12 1 
ATOM   279  H HH21 . ARG A 1 18  ? 5.990   1.460   15.686  1.00 3.79  ? 18  ARG A HH21 1 
ATOM   280  H HH22 . ARG A 1 18  ? 6.561   2.591   16.867  1.00 4.49  ? 18  ARG A HH22 1 
ATOM   281  N N    . ALA A 1 19  ? 10.643  -0.650  10.411  1.00 1.33  ? 19  ALA A N    1 
ATOM   282  C CA   . ALA A 1 19  ? 11.766  -0.029  9.672   1.00 1.23  ? 19  ALA A CA   1 
ATOM   283  C C    . ALA A 1 19  ? 12.445  -1.046  8.753   1.00 1.09  ? 19  ALA A C    1 
ATOM   284  O O    . ALA A 1 19  ? 13.126  -0.677  7.817   1.00 1.13  ? 19  ALA A O    1 
ATOM   285  C CB   . ALA A 1 19  ? 12.788  0.523   10.666  1.00 1.36  ? 19  ALA A CB   1 
ATOM   286  H H    . ALA A 1 19  ? 10.828  -1.182  11.187  1.00 1.39  ? 19  ALA A H    1 
ATOM   287  H HA   . ALA A 1 19  ? 11.385  0.765   9.080   1.00 1.27  ? 19  ALA A HA   1 
ATOM   288  H HB1  . ALA A 1 19  ? 12.272  0.947   11.515  1.00 1.49  ? 19  ALA A HB1  1 
ATOM   289  H HB2  . ALA A 1 19  ? 13.435  -0.274  10.999  1.00 1.87  ? 19  ALA A HB2  1 
ATOM   290  H HB3  . ALA A 1 19  ? 13.379  1.290   10.186  1.00 1.57  ? 19  ALA A HB3  1 
ATOM   291  N N    . GLN A 1 20  ? 12.269  -2.317  8.986   1.00 1.07  ? 20  GLN A N    1 
ATOM   292  C CA   . GLN A 1 20  ? 12.914  -3.306  8.086   1.00 1.03  ? 20  GLN A CA   1 
ATOM   293  C C    . GLN A 1 20  ? 12.201  -3.292  6.751   1.00 0.98  ? 20  GLN A C    1 
ATOM   294  O O    . GLN A 1 20  ? 12.769  -3.654  5.751   1.00 0.99  ? 20  GLN A O    1 
ATOM   295  C CB   . GLN A 1 20  ? 12.842  -4.721  8.665   1.00 1.17  ? 20  GLN A CB   1 
ATOM   296  C CG   . GLN A 1 20  ? 14.122  -5.033  9.435   1.00 1.39  ? 20  GLN A CG   1 
ATOM   297  C CD   . GLN A 1 20  ? 14.325  -6.548  9.491   1.00 1.77  ? 20  GLN A CD   1 
ATOM   298  O OE1  . GLN A 1 20  ? 13.973  -7.186  10.464  1.00 2.25  ? 20  GLN A OE1  1 
ATOM   299  N NE2  . GLN A 1 20  ? 14.880  -7.157  8.478   1.00 2.48  ? 20  GLN A NE2  1 
ATOM   300  H H    . GLN A 1 20  ? 11.714  -2.613  9.727   1.00 1.17  ? 20  GLN A H    1 
ATOM   301  H HA   . GLN A 1 20  ? 13.938  -3.022  7.937   1.00 1.02  ? 20  GLN A HA   1 
ATOM   302  H HB2  . GLN A 1 20  ? 11.992  -4.801  9.319   1.00 1.38  ? 20  GLN A HB2  1 
ATOM   303  H HB3  . GLN A 1 20  ? 12.737  -5.432  7.856   1.00 1.34  ? 20  GLN A HB3  1 
ATOM   304  H HG2  . GLN A 1 20  ? 14.960  -4.575  8.934   1.00 1.90  ? 20  GLN A HG2  1 
ATOM   305  H HG3  . GLN A 1 20  ? 14.045  -4.643  10.438  1.00 1.80  ? 20  GLN A HG3  1 
ATOM   306  H HE21 . GLN A 1 20  ? 15.163  -6.644  7.693   1.00 2.80  ? 20  GLN A HE21 1 
ATOM   307  H HE22 . GLN A 1 20  ? 15.014  -8.128  8.503   1.00 3.03  ? 20  GLN A HE22 1 
ATOM   308  N N    . ALA A 1 21  ? 10.962  -2.881  6.726   1.00 1.03  ? 21  ALA A N    1 
ATOM   309  C CA   . ALA A 1 21  ? 10.219  -2.844  5.434   1.00 1.05  ? 21  ALA A CA   1 
ATOM   310  C C    . ALA A 1 21  ? 10.863  -1.820  4.503   1.00 0.83  ? 21  ALA A C    1 
ATOM   311  O O    . ALA A 1 21  ? 10.774  -1.917  3.296   1.00 0.85  ? 21  ALA A O    1 
ATOM   312  C CB   . ALA A 1 21  ? 8.769   -2.456  5.680   1.00 1.21  ? 21  ALA A CB   1 
ATOM   313  H H    . ALA A 1 21  ? 10.523  -2.597  7.559   1.00 1.10  ? 21  ALA A H    1 
ATOM   314  H HA   . ALA A 1 21  ? 10.253  -3.811  4.980   1.00 1.18  ? 21  ALA A HA   1 
ATOM   315  H HB1  . ALA A 1 21  ? 8.689   -2.019  6.655   1.00 1.58  ? 21  ALA A HB1  1 
ATOM   316  H HB2  . ALA A 1 21  ? 8.454   -1.738  4.935   1.00 1.45  ? 21  ALA A HB2  1 
ATOM   317  H HB3  . ALA A 1 21  ? 8.142   -3.334  5.623   1.00 1.66  ? 21  ALA A HB3  1 
ATOM   318  N N    . GLU A 1 22  ? 11.530  -0.848  5.057   1.00 0.72  ? 22  GLU A N    1 
ATOM   319  C CA   . GLU A 1 22  ? 12.200  0.171   4.205   1.00 0.60  ? 22  GLU A CA   1 
ATOM   320  C C    . GLU A 1 22  ? 13.457  -0.475  3.598   1.00 0.59  ? 22  GLU A C    1 
ATOM   321  O O    . GLU A 1 22  ? 13.891  -0.122  2.517   1.00 0.62  ? 22  GLU A O    1 
ATOM   322  C CB   . GLU A 1 22  ? 12.622  1.393   5.061   1.00 0.70  ? 22  GLU A CB   1 
ATOM   323  C CG   . GLU A 1 22  ? 11.403  2.161   5.613   1.00 0.78  ? 22  GLU A CG   1 
ATOM   324  C CD   . GLU A 1 22  ? 11.818  2.914   6.879   1.00 1.94  ? 22  GLU A CD   1 
ATOM   325  O OE1  . GLU A 1 22  ? 12.746  3.702   6.796   1.00 2.65  ? 22  GLU A OE1  1 
ATOM   326  O OE2  . GLU A 1 22  ? 11.202  2.691   7.908   1.00 2.74  ? 22  GLU A OE2  1 
ATOM   327  H H    . GLU A 1 22  ? 11.607  -0.802  6.030   1.00 0.79  ? 22  GLU A H    1 
ATOM   328  H HA   . GLU A 1 22  ? 11.533  0.482   3.408   1.00 0.59  ? 22  GLU A HA   1 
ATOM   329  H HB2  . GLU A 1 22  ? 13.222  1.053   5.893   1.00 0.89  ? 22  GLU A HB2  1 
ATOM   330  H HB3  . GLU A 1 22  ? 13.213  2.065   4.454   1.00 0.87  ? 22  GLU A HB3  1 
ATOM   331  H HG2  . GLU A 1 22  ? 11.051  2.875   4.880   1.00 1.18  ? 22  GLU A HG2  1 
ATOM   332  H HG3  . GLU A 1 22  ? 10.610  1.474   5.858   1.00 1.10  ? 22  GLU A HG3  1 
ATOM   333  N N    . HIS A 1 23  ? 14.035  -1.430  4.292   1.00 0.69  ? 23  HIS A N    1 
ATOM   334  C CA   . HIS A 1 23  ? 15.258  -2.100  3.788   1.00 0.78  ? 23  HIS A CA   1 
ATOM   335  C C    . HIS A 1 23  ? 14.891  -3.195  2.795   1.00 0.81  ? 23  HIS A C    1 
ATOM   336  O O    . HIS A 1 23  ? 15.698  -3.589  1.990   1.00 0.93  ? 23  HIS A O    1 
ATOM   337  C CB   . HIS A 1 23  ? 16.038  -2.716  4.958   1.00 0.97  ? 23  HIS A CB   1 
ATOM   338  C CG   . HIS A 1 23  ? 17.362  -2.014  5.113   1.00 1.22  ? 23  HIS A CG   1 
ATOM   339  N ND1  . HIS A 1 23  ? 17.779  -1.487  6.327   1.00 1.89  ? 23  HIS A ND1  1 
ATOM   340  C CD2  . HIS A 1 23  ? 18.379  -1.756  4.225   1.00 1.80  ? 23  HIS A CD2  1 
ATOM   341  C CE1  . HIS A 1 23  ? 18.996  -0.946  6.137   1.00 2.26  ? 23  HIS A CE1  1 
ATOM   342  N NE2  . HIS A 1 23  ? 19.408  -1.082  4.874   1.00 2.21  ? 23  HIS A NE2  1 
ATOM   343  H H    . HIS A 1 23  ? 13.662  -1.707  5.137   1.00 0.79  ? 23  HIS A H    1 
ATOM   344  H HA   . HIS A 1 23  ? 15.869  -1.371  3.303   1.00 0.79  ? 23  HIS A HA   1 
ATOM   345  H HB2  . HIS A 1 23  ? 15.468  -2.609  5.869   1.00 1.23  ? 23  HIS A HB2  1 
ATOM   346  H HB3  . HIS A 1 23  ? 16.209  -3.765  4.764   1.00 1.22  ? 23  HIS A HB3  1 
ATOM   347  H HD1  . HIS A 1 23  ? 17.278  -1.505  7.169   1.00 2.41  ? 23  HIS A HD1  1 
ATOM   348  H HD2  . HIS A 1 23  ? 18.381  -2.034  3.180   1.00 2.36  ? 23  HIS A HD2  1 
ATOM   349  H HE1  . HIS A 1 23  ? 19.570  -0.461  6.913   1.00 2.91  ? 23  HIS A HE1  1 
ATOM   350  N N    . MET A 1 24  ? 13.682  -3.676  2.816   1.00 0.86  ? 24  MET A N    1 
ATOM   351  C CA   . MET A 1 24  ? 13.317  -4.724  1.828   1.00 0.96  ? 24  MET A CA   1 
ATOM   352  C C    . MET A 1 24  ? 12.954  -4.035  0.525   1.00 0.87  ? 24  MET A C    1 
ATOM   353  O O    . MET A 1 24  ? 13.172  -4.544  -0.556  1.00 0.97  ? 24  MET A O    1 
ATOM   354  C CB   . MET A 1 24  ? 12.141  -5.592  2.287   1.00 1.12  ? 24  MET A CB   1 
ATOM   355  C CG   . MET A 1 24  ? 11.999  -5.535  3.794   1.00 1.57  ? 24  MET A CG   1 
ATOM   356  S SD   . MET A 1 24  ? 10.785  -6.763  4.338   1.00 2.25  ? 24  MET A SD   1 
ATOM   357  C CE   . MET A 1 24  ? 11.957  -7.981  4.982   1.00 2.65  ? 24  MET A CE   1 
ATOM   358  H H    . MET A 1 24  ? 13.030  -3.332  3.442   1.00 0.93  ? 24  MET A H    1 
ATOM   359  H HA   . MET A 1 24  ? 14.164  -5.333  1.679   1.00 1.07  ? 24  MET A HA   1 
ATOM   360  H HB2  . MET A 1 24  ? 11.232  -5.231  1.832   1.00 1.46  ? 24  MET A HB2  1 
ATOM   361  H HB3  . MET A 1 24  ? 12.314  -6.613  1.987   1.00 1.40  ? 24  MET A HB3  1 
ATOM   362  H HG2  . MET A 1 24  ? 12.952  -5.724  4.265   1.00 1.73  ? 24  MET A HG2  1 
ATOM   363  H HG3  . MET A 1 24  ? 11.661  -4.562  4.055   1.00 1.84  ? 24  MET A HG3  1 
ATOM   364  H HE1  . MET A 1 24  ? 12.881  -7.920  4.428   1.00 2.97  ? 24  MET A HE1  1 
ATOM   365  H HE2  . MET A 1 24  ? 12.151  -7.776  6.026   1.00 3.05  ? 24  MET A HE2  1 
ATOM   366  H HE3  . MET A 1 24  ? 11.539  -8.972  4.874   1.00 3.00  ? 24  MET A HE3  1 
ATOM   367  N N    . LEU A 1 25  ? 12.420  -2.861  0.640   1.00 0.77  ? 25  LEU A N    1 
ATOM   368  C CA   . LEU A 1 25  ? 12.044  -2.074  -0.550  1.00 0.77  ? 25  LEU A CA   1 
ATOM   369  C C    . LEU A 1 25  ? 13.281  -1.301  -1.026  1.00 0.82  ? 25  LEU A C    1 
ATOM   370  O O    . LEU A 1 25  ? 13.356  -0.883  -2.162  1.00 0.98  ? 25  LEU A O    1 
ATOM   371  C CB   . LEU A 1 25  ? 10.893  -1.126  -0.172  1.00 0.74  ? 25  LEU A CB   1 
ATOM   372  C CG   . LEU A 1 25  ? 9.564   -1.914  -0.172  1.00 0.80  ? 25  LEU A CG   1 
ATOM   373  C CD1  . LEU A 1 25  ? 8.408   -1.019  0.288   1.00 1.28  ? 25  LEU A CD1  1 
ATOM   374  C CD2  . LEU A 1 25  ? 9.260   -2.441  -1.580  1.00 1.15  ? 25  LEU A CD2  1 
ATOM   375  H H    . LEU A 1 25  ? 12.283  -2.485  1.523   1.00 0.77  ? 25  LEU A H    1 
ATOM   376  H HA   . LEU A 1 25  ? 11.725  -2.747  -1.334  1.00 0.87  ? 25  LEU A HA   1 
ATOM   377  H HB2  . LEU A 1 25  ? 11.075  -0.731  0.815   1.00 0.93  ? 25  LEU A HB2  1 
ATOM   378  H HB3  . LEU A 1 25  ? 10.839  -0.311  -0.875  1.00 0.91  ? 25  LEU A HB3  1 
ATOM   379  H HG   . LEU A 1 25  ? 9.649   -2.749  0.510   1.00 1.21  ? 25  LEU A HG   1 
ATOM   380  H HD11 . LEU A 1 25  ? 8.771   -0.290  0.995   1.00 1.54  ? 25  LEU A HD11 1 
ATOM   381  H HD12 . LEU A 1 25  ? 7.981   -0.515  -0.566  1.00 1.78  ? 25  LEU A HD12 1 
ATOM   382  H HD13 . LEU A 1 25  ? 7.649   -1.630  0.758   1.00 1.89  ? 25  LEU A HD13 1 
ATOM   383  H HD21 . LEU A 1 25  ? 10.061  -2.173  -2.249  1.00 1.75  ? 25  LEU A HD21 1 
ATOM   384  H HD22 . LEU A 1 25  ? 9.163   -3.516  -1.549  1.00 1.36  ? 25  LEU A HD22 1 
ATOM   385  H HD23 . LEU A 1 25  ? 8.334   -2.009  -1.934  1.00 1.81  ? 25  LEU A HD23 1 
ATOM   386  N N    . MET A 1 26  ? 14.273  -1.130  -0.182  1.00 0.79  ? 26  MET A N    1 
ATOM   387  C CA   . MET A 1 26  ? 15.495  -0.435  -0.620  1.00 0.93  ? 26  MET A CA   1 
ATOM   388  C C    . MET A 1 26  ? 16.424  -1.468  -1.284  1.00 1.07  ? 26  MET A C    1 
ATOM   389  O O    . MET A 1 26  ? 17.234  -1.141  -2.128  1.00 1.21  ? 26  MET A O    1 
ATOM   390  C CB   . MET A 1 26  ? 16.172  0.198   0.597   1.00 0.99  ? 26  MET A CB   1 
ATOM   391  C CG   . MET A 1 26  ? 17.670  0.130   0.422   1.00 1.63  ? 26  MET A CG   1 
ATOM   392  S SD   . MET A 1 26  ? 18.472  1.192   1.652   1.00 1.77  ? 26  MET A SD   1 
ATOM   393  C CE   . MET A 1 26  ? 19.869  1.726   0.634   1.00 2.36  ? 26  MET A CE   1 
ATOM   394  H H    . MET A 1 26  ? 14.231  -1.480  0.723   1.00 0.75  ? 26  MET A H    1 
ATOM   395  H HA   . MET A 1 26  ? 15.237  0.322   -1.330  1.00 1.00  ? 26  MET A HA   1 
ATOM   396  H HB2  . MET A 1 26  ? 15.867  1.230   0.691   1.00 1.28  ? 26  MET A HB2  1 
ATOM   397  H HB3  . MET A 1 26  ? 15.900  -0.344  1.486   1.00 1.49  ? 26  MET A HB3  1 
ATOM   398  H HG2  . MET A 1 26  ? 17.985  -0.887  0.556   1.00 2.28  ? 26  MET A HG2  1 
ATOM   399  H HG3  . MET A 1 26  ? 17.920  0.460   -0.566  1.00 2.21  ? 26  MET A HG3  1 
ATOM   400  H HE1  . MET A 1 26  ? 19.525  1.958   -0.361  1.00 2.96  ? 26  MET A HE1  1 
ATOM   401  H HE2  . MET A 1 26  ? 20.316  2.608   1.073   1.00 2.61  ? 26  MET A HE2  1 
ATOM   402  H HE3  . MET A 1 26  ? 20.601  0.932   0.584   1.00 2.74  ? 26  MET A HE3  1 
ATOM   403  N N    . ARG A 1 27  ? 16.298  -2.720  -0.907  1.00 1.11  ? 27  ARG A N    1 
ATOM   404  C CA   . ARG A 1 27  ? 17.133  -3.791  -1.492  1.00 1.31  ? 27  ARG A CA   1 
ATOM   405  C C    . ARG A 1 27  ? 16.715  -4.049  -2.930  1.00 1.47  ? 27  ARG A C    1 
ATOM   406  O O    . ARG A 1 27  ? 17.505  -4.463  -3.743  1.00 1.72  ? 27  ARG A O    1 
ATOM   407  C CB   . ARG A 1 27  ? 16.922  -5.082  -0.704  1.00 1.49  ? 27  ARG A CB   1 
ATOM   408  C CG   . ARG A 1 27  ? 17.942  -5.164  0.426   1.00 1.86  ? 27  ARG A CG   1 
ATOM   409  C CD   . ARG A 1 27  ? 18.274  -6.626  0.740   1.00 2.36  ? 27  ARG A CD   1 
ATOM   410  N NE   . ARG A 1 27  ? 19.755  -6.788  0.794   1.00 2.83  ? 27  ARG A NE   1 
ATOM   411  C CZ   . ARG A 1 27  ? 20.277  -7.877  1.291   1.00 3.53  ? 27  ARG A CZ   1 
ATOM   412  N NH1  . ARG A 1 27  ? 20.282  -8.975  0.585   1.00 4.08  ? 27  ARG A NH1  1 
ATOM   413  N NH2  . ARG A 1 27  ? 20.793  -7.869  2.489   1.00 4.12  ? 27  ARG A NH2  1 
ATOM   414  H H    . ARG A 1 27  ? 15.650  -2.960  -0.242  1.00 1.05  ? 27  ARG A H    1 
ATOM   415  H HA   . ARG A 1 27  ? 18.158  -3.500  -1.450  1.00 1.36  ? 27  ARG A HA   1 
ATOM   416  H HB2  . ARG A 1 27  ? 15.922  -5.087  -0.292  1.00 1.56  ? 27  ARG A HB2  1 
ATOM   417  H HB3  . ARG A 1 27  ? 17.041  -5.925  -1.369  1.00 1.95  ? 27  ARG A HB3  1 
ATOM   418  H HG2  . ARG A 1 27  ? 18.837  -4.646  0.138   1.00 2.31  ? 27  ARG A HG2  1 
ATOM   419  H HG3  . ARG A 1 27  ? 17.536  -4.696  1.294   1.00 2.06  ? 27  ARG A HG3  1 
ATOM   420  H HD2  . ARG A 1 27  ? 17.850  -6.898  1.694   1.00 2.68  ? 27  ARG A HD2  1 
ATOM   421  H HD3  . ARG A 1 27  ? 17.866  -7.264  -0.030  1.00 2.78  ? 27  ARG A HD3  1 
ATOM   422  H HE   . ARG A 1 27  ? 20.338  -6.073  0.462   1.00 3.01  ? 27  ARG A HE   1 
ATOM   423  H HH11 . ARG A 1 27  ? 19.888  -8.980  -0.335  1.00 4.08  ? 27  ARG A HH11 1 
ATOM   424  H HH12 . ARG A 1 27  ? 20.683  -9.810  0.962   1.00 4.75  ? 27  ARG A HH12 1 
ATOM   425  H HH21 . ARG A 1 27  ? 20.788  -7.028  3.031   1.00 4.15  ? 27  ARG A HH21 1 
ATOM   426  H HH22 . ARG A 1 27  ? 21.192  -8.705  2.867   1.00 4.78  ? 27  ARG A HH22 1 
ATOM   427  N N    . VAL A 1 28  ? 15.469  -3.825  -3.229  1.00 1.45  ? 28  VAL A N    1 
ATOM   428  C CA   . VAL A 1 28  ? 14.955  -4.069  -4.610  1.00 1.72  ? 28  VAL A CA   1 
ATOM   429  C C    . VAL A 1 28  ? 15.317  -2.853  -5.490  1.00 1.91  ? 28  VAL A C    1 
ATOM   430  O O    . VAL A 1 28  ? 14.837  -1.765  -5.257  1.00 1.93  ? 28  VAL A O    1 
ATOM   431  C CB   . VAL A 1 28  ? 13.421  -4.282  -4.551  1.00 1.63  ? 28  VAL A CB   1 
ATOM   432  C CG1  . VAL A 1 28  ? 12.752  -3.272  -3.634  1.00 2.35  ? 28  VAL A CG1  1 
ATOM   433  C CG2  . VAL A 1 28  ? 12.830  -4.154  -5.952  1.00 2.28  ? 28  VAL A CG2  1 
ATOM   434  H H    . VAL A 1 28  ? 14.867  -3.512  -2.531  1.00 1.33  ? 28  VAL A H    1 
ATOM   435  H HA   . VAL A 1 28  ? 15.418  -4.954  -5.002  1.00 2.02  ? 28  VAL A HA   1 
ATOM   436  H HB   . VAL A 1 28  ? 13.209  -5.260  -4.164  1.00 1.43  ? 28  VAL A HB   1 
ATOM   437  H HG11 . VAL A 1 28  ? 13.023  -2.280  -3.935  1.00 2.93  ? 28  VAL A HG11 1 
ATOM   438  H HG12 . VAL A 1 28  ? 11.690  -3.391  -3.699  1.00 2.58  ? 28  VAL A HG12 1 
ATOM   439  H HG13 . VAL A 1 28  ? 13.066  -3.450  -2.614  1.00 2.79  ? 28  VAL A HG13 1 
ATOM   440  H HG21 . VAL A 1 28  ? 13.319  -4.853  -6.612  1.00 2.44  ? 28  VAL A HG21 1 
ATOM   441  H HG22 . VAL A 1 28  ? 11.773  -4.372  -5.912  1.00 2.70  ? 28  VAL A HG22 1 
ATOM   442  H HG23 . VAL A 1 28  ? 12.977  -3.149  -6.315  1.00 2.89  ? 28  VAL A HG23 1 
ATOM   443  N N    . PRO A 1 29  ? 16.208  -3.051  -6.452  1.00 2.37  ? 29  PRO A N    1 
ATOM   444  C CA   . PRO A 1 29  ? 16.715  -1.988  -7.354  1.00 2.79  ? 29  PRO A CA   1 
ATOM   445  C C    . PRO A 1 29  ? 15.794  -1.733  -8.547  1.00 2.65  ? 29  PRO A C    1 
ATOM   446  O O    . PRO A 1 29  ? 15.949  -2.341  -9.584  1.00 2.80  ? 29  PRO A O    1 
ATOM   447  C CB   . PRO A 1 29  ? 18.055  -2.493  -7.877  1.00 3.50  ? 29  PRO A CB   1 
ATOM   448  C CG   . PRO A 1 29  ? 17.999  -4.017  -7.773  1.00 3.53  ? 29  PRO A CG   1 
ATOM   449  C CD   . PRO A 1 29  ? 16.862  -4.342  -6.798  1.00 2.81  ? 29  PRO A CD   1 
ATOM   450  H HA   . PRO A 1 29  ? 16.862  -1.091  -6.798  1.00 2.89  ? 29  PRO A HA   1 
ATOM   451  H HB2  . PRO A 1 29  ? 18.191  -2.188  -8.907  1.00 3.79  ? 29  PRO A HB2  1 
ATOM   452  H HB3  . PRO A 1 29  ? 18.860  -2.114  -7.266  1.00 3.81  ? 29  PRO A HB3  1 
ATOM   453  H HG2  . PRO A 1 29  ? 17.795  -4.448  -8.745  1.00 3.76  ? 29  PRO A HG2  1 
ATOM   454  H HG3  . PRO A 1 29  ? 18.931  -4.399  -7.386  1.00 3.93  ? 29  PRO A HG3  1 
ATOM   455  H HD2  . PRO A 1 29  ? 16.149  -4.997  -7.259  1.00 2.80  ? 29  PRO A HD2  1 
ATOM   456  H HD3  . PRO A 1 29  ? 17.266  -4.793  -5.922  1.00 2.84  ? 29  PRO A HD3  1 
ATOM   457  N N    . ARG A 1 30  ? 14.889  -0.796  -8.428  1.00 2.76  ? 30  ARG A N    1 
ATOM   458  C CA   . ARG A 1 30  ? 13.997  -0.440  -9.574  1.00 2.77  ? 30  ARG A CA   1 
ATOM   459  C C    . ARG A 1 30  ? 13.009  0.641   -9.138  1.00 1.93  ? 30  ARG A C    1 
ATOM   460  O O    . ARG A 1 30  ? 12.848  0.924   -7.970  1.00 2.20  ? 30  ARG A O    1 
ATOM   461  C CB   . ARG A 1 30  ? 13.221  -1.661  -10.112 1.00 3.61  ? 30  ARG A CB   1 
ATOM   462  C CG   . ARG A 1 30  ? 13.082  -1.572  -11.646 1.00 4.41  ? 30  ARG A CG   1 
ATOM   463  C CD   . ARG A 1 30  ? 14.457  -1.461  -12.334 1.00 5.11  ? 30  ARG A CD   1 
ATOM   464  N NE   . ARG A 1 30  ? 14.785  -0.030  -12.617 1.00 5.97  ? 30  ARG A NE   1 
ATOM   465  C CZ   . ARG A 1 30  ? 16.021  0.326   -12.847 1.00 6.76  ? 30  ARG A CZ   1 
ATOM   466  N NH1  . ARG A 1 30  ? 16.841  -0.492  -13.447 1.00 7.19  ? 30  ARG A NH1  1 
ATOM   467  N NH2  . ARG A 1 30  ? 16.438  1.505   -12.475 1.00 7.36  ? 30  ARG A NH2  1 
ATOM   468  H H    . ARG A 1 30  ? 14.831  -0.288  -7.596  1.00 3.09  ? 30  ARG A H    1 
ATOM   469  H HA   . ARG A 1 30  ? 14.607  -0.031  -10.355 1.00 3.18  ? 30  ARG A HA   1 
ATOM   470  H HB2  . ARG A 1 30  ? 13.726  -2.574  -9.849  1.00 3.96  ? 30  ARG A HB2  1 
ATOM   471  H HB3  . ARG A 1 30  ? 12.232  -1.671  -9.673  1.00 3.77  ? 30  ARG A HB3  1 
ATOM   472  H HG2  . ARG A 1 30  ? 12.583  -2.464  -12.004 1.00 4.70  ? 30  ARG A HG2  1 
ATOM   473  H HG3  . ARG A 1 30  ? 12.490  -0.704  -11.900 1.00 4.60  ? 30  ARG A HG3  1 
ATOM   474  H HD2  . ARG A 1 30  ? 15.219  -1.887  -11.695 1.00 5.25  ? 30  ARG A HD2  1 
ATOM   475  H HD3  . ARG A 1 30  ? 14.429  -1.995  -13.273 1.00 5.23  ? 30  ARG A HD3  1 
ATOM   476  H HE   . ARG A 1 30  ? 14.073  0.639   -12.638 1.00 6.10  ? 30  ARG A HE   1 
ATOM   477  H HH11 . ARG A 1 30  ? 16.526  -1.396  -13.733 1.00 6.96  ? 30  ARG A HH11 1 
ATOM   478  H HH12 . ARG A 1 30  ? 17.785  -0.215  -13.619 1.00 7.88  ? 30  ARG A HH12 1 
ATOM   479  H HH21 . ARG A 1 30  ? 15.811  2.132   -12.013 1.00 7.26  ? 30  ARG A HH21 1 
ATOM   480  H HH22 . ARG A 1 30  ? 17.384  1.779   -12.649 1.00 8.05  ? 30  ARG A HH22 1 
ATOM   481  N N    . ASP A 1 31  ? 12.380  1.273   -10.084 1.00 1.72  ? 31  ASP A N    1 
ATOM   482  C CA   . ASP A 1 31  ? 11.428  2.374   -9.755  1.00 1.57  ? 31  ASP A CA   1 
ATOM   483  C C    . ASP A 1 31  ? 9.973   1.909   -9.826  1.00 1.12  ? 31  ASP A C    1 
ATOM   484  O O    . ASP A 1 31  ? 9.436   1.736   -10.904 1.00 1.68  ? 31  ASP A O    1 
ATOM   485  C CB   . ASP A 1 31  ? 11.612  3.494   -10.782 1.00 2.50  ? 31  ASP A CB   1 
ATOM   486  C CG   . ASP A 1 31  ? 13.081  3.573   -11.212 1.00 3.40  ? 31  ASP A CG   1 
ATOM   487  O OD1  . ASP A 1 31  ? 13.919  3.826   -10.361 1.00 3.80  ? 31  ASP A OD1  1 
ATOM   488  O OD2  . ASP A 1 31  ? 13.342  3.378   -12.388 1.00 4.09  ? 31  ASP A OD2  1 
ATOM   489  H H    . ASP A 1 31  ? 12.559  1.043   -11.019 1.00 2.31  ? 31  ASP A H    1 
ATOM   490  H HA   . ASP A 1 31  ? 11.637  2.758   -8.769  1.00 2.17  ? 31  ASP A HA   1 
ATOM   491  H HB2  . ASP A 1 31  ? 11.001  3.281   -11.649 1.00 2.75  ? 31  ASP A HB2  1 
ATOM   492  H HB3  . ASP A 1 31  ? 11.304  4.434   -10.356 1.00 3.00  ? 31  ASP A HB3  1 
ATOM   493  N N    . GLY A 1 32  ? 9.303   1.760   -8.701  1.00 1.16  ? 32  GLY A N    1 
ATOM   494  C CA   . GLY A 1 32  ? 7.874   1.382   -8.752  1.00 1.35  ? 32  GLY A CA   1 
ATOM   495  C C    . GLY A 1 32  ? 7.615   -0.014  -8.197  1.00 1.08  ? 32  GLY A C    1 
ATOM   496  O O    . GLY A 1 32  ? 7.952   -1.017  -8.796  1.00 1.48  ? 32  GLY A O    1 
ATOM   497  H H    . GLY A 1 32  ? 9.721   1.940   -7.834  1.00 1.72  ? 32  GLY A H    1 
ATOM   498  H HA2  . GLY A 1 32  ? 7.307   2.095   -8.175  1.00 1.67  ? 32  GLY A HA2  1 
ATOM   499  H HA3  . GLY A 1 32  ? 7.529   1.418   -9.774  1.00 1.92  ? 32  GLY A HA3  1 
ATOM   500  N N    . ALA A 1 33  ? 6.959   -0.066  -7.075  1.00 0.69  ? 33  ALA A N    1 
ATOM   501  C CA   . ALA A 1 33  ? 6.555   -1.387  -6.476  1.00 0.49  ? 33  ALA A CA   1 
ATOM   502  C C    . ALA A 1 33  ? 5.601   -1.123  -5.312  1.00 0.50  ? 33  ALA A C    1 
ATOM   503  O O    . ALA A 1 33  ? 5.948   -0.427  -4.390  1.00 0.59  ? 33  ALA A O    1 
ATOM   504  C CB   . ALA A 1 33  ? 7.770   -2.156  -5.972  1.00 0.64  ? 33  ALA A CB   1 
ATOM   505  H H    . ALA A 1 33  ? 6.700   0.779   -6.640  1.00 0.89  ? 33  ALA A H    1 
ATOM   506  H HA   . ALA A 1 33  ? 6.037   -1.971  -7.230  1.00 0.51  ? 33  ALA A HA   1 
ATOM   507  H HB1  . ALA A 1 33  ? 8.580   -1.475  -5.826  1.00 1.21  ? 33  ALA A HB1  1 
ATOM   508  H HB2  . ALA A 1 33  ? 7.531   -2.637  -5.032  1.00 1.26  ? 33  ALA A HB2  1 
ATOM   509  H HB3  . ALA A 1 33  ? 8.052   -2.905  -6.696  1.00 1.11  ? 33  ALA A HB3  1 
ATOM   510  N N    . PHE A 1 34  ? 4.398   -1.655  -5.350  1.00 0.56  ? 34  PHE A N    1 
ATOM   511  C CA   . PHE A 1 34  ? 3.433   -1.396  -4.234  1.00 0.62  ? 34  PHE A CA   1 
ATOM   512  C C    . PHE A 1 34  ? 3.176   -2.664  -3.415  1.00 0.64  ? 34  PHE A C    1 
ATOM   513  O O    . PHE A 1 34  ? 3.039   -3.749  -3.945  1.00 0.71  ? 34  PHE A O    1 
ATOM   514  C CB   . PHE A 1 34  ? 2.094   -0.895  -4.802  1.00 0.71  ? 34  PHE A CB   1 
ATOM   515  C CG   . PHE A 1 34  ? 1.335   -2.038  -5.449  1.00 0.86  ? 34  PHE A CG   1 
ATOM   516  C CD1  . PHE A 1 34  ? 0.500   -2.863  -4.677  1.00 0.99  ? 34  PHE A CD1  1 
ATOM   517  C CD2  . PHE A 1 34  ? 1.468   -2.276  -6.821  1.00 1.09  ? 34  PHE A CD2  1 
ATOM   518  C CE1  . PHE A 1 34  ? -0.189  -3.923  -5.277  1.00 1.22  ? 34  PHE A CE1  1 
ATOM   519  C CE2  . PHE A 1 34  ? 0.774   -3.334  -7.422  1.00 1.30  ? 34  PHE A CE2  1 
ATOM   520  C CZ   . PHE A 1 34  ? -0.052  -4.158  -6.650  1.00 1.33  ? 34  PHE A CZ   1 
ATOM   521  H H    . PHE A 1 34  ? 4.127   -2.206  -6.109  1.00 0.65  ? 34  PHE A H    1 
ATOM   522  H HA   . PHE A 1 34  ? 3.840   -0.636  -3.584  1.00 0.67  ? 34  PHE A HA   1 
ATOM   523  H HB2  . PHE A 1 34  ? 1.501   -0.483  -3.999  1.00 0.81  ? 34  PHE A HB2  1 
ATOM   524  H HB3  . PHE A 1 34  ? 2.281   -0.129  -5.538  1.00 0.71  ? 34  PHE A HB3  1 
ATOM   525  H HD1  . PHE A 1 34  ? 0.396   -2.683  -3.617  1.00 1.05  ? 34  PHE A HD1  1 
ATOM   526  H HD2  . PHE A 1 34  ? 2.102   -1.638  -7.418  1.00 1.20  ? 34  PHE A HD2  1 
ATOM   527  H HE1  . PHE A 1 34  ? -0.829  -4.556  -4.682  1.00 1.41  ? 34  PHE A HE1  1 
ATOM   528  H HE2  . PHE A 1 34  ? 0.879   -3.516  -8.482  1.00 1.54  ? 34  PHE A HE2  1 
ATOM   529  H HZ   . PHE A 1 34  ? -0.584  -4.976  -7.113  1.00 1.54  ? 34  PHE A HZ   1 
ATOM   530  N N    . LEU A 1 35  ? 3.090   -2.520  -2.117  1.00 0.62  ? 35  LEU A N    1 
ATOM   531  C CA   . LEU A 1 35  ? 2.799   -3.679  -1.221  1.00 0.67  ? 35  LEU A CA   1 
ATOM   532  C C    . LEU A 1 35  ? 1.982   -3.143  -0.036  1.00 0.65  ? 35  LEU A C    1 
ATOM   533  O O    . LEU A 1 35  ? 1.885   -1.948  0.160   1.00 0.71  ? 35  LEU A O    1 
ATOM   534  C CB   . LEU A 1 35  ? 4.087   -4.325  -0.655  1.00 0.70  ? 35  LEU A CB   1 
ATOM   535  C CG   . LEU A 1 35  ? 5.219   -4.400  -1.693  1.00 0.78  ? 35  LEU A CG   1 
ATOM   536  C CD1  . LEU A 1 35  ? 6.488   -3.769  -1.109  1.00 1.33  ? 35  LEU A CD1  1 
ATOM   537  C CD2  . LEU A 1 35  ? 5.502   -5.868  -2.024  1.00 1.18  ? 35  LEU A CD2  1 
ATOM   538  H H    . LEU A 1 35  ? 3.193   -1.632  -1.726  1.00 0.60  ? 35  LEU A H    1 
ATOM   539  H HA   . LEU A 1 35  ? 2.217   -4.415  -1.756  1.00 0.74  ? 35  LEU A HA   1 
ATOM   540  H HB2  . LEU A 1 35  ? 4.425   -3.747  0.185   1.00 0.90  ? 35  LEU A HB2  1 
ATOM   541  H HB3  . LEU A 1 35  ? 3.854   -5.324  -0.314  1.00 0.87  ? 35  LEU A HB3  1 
ATOM   542  H HG   . LEU A 1 35  ? 4.944   -3.876  -2.587  1.00 1.13  ? 35  LEU A HG   1 
ATOM   543  H HD11 . LEU A 1 35  ? 6.445   -3.802  -0.030  1.00 1.77  ? 35  LEU A HD11 1 
ATOM   544  H HD12 . LEU A 1 35  ? 7.352   -4.319  -1.450  1.00 1.78  ? 35  LEU A HD12 1 
ATOM   545  H HD13 . LEU A 1 35  ? 6.563   -2.743  -1.435  1.00 1.79  ? 35  LEU A HD13 1 
ATOM   546  H HD21 . LEU A 1 35  ? 5.661   -6.420  -1.109  1.00 1.69  ? 35  LEU A HD21 1 
ATOM   547  H HD22 . LEU A 1 35  ? 4.660   -6.287  -2.556  1.00 1.54  ? 35  LEU A HD22 1 
ATOM   548  H HD23 . LEU A 1 35  ? 6.386   -5.934  -2.641  1.00 1.81  ? 35  LEU A HD23 1 
ATOM   549  N N    . VAL A 1 36  ? 1.423   -4.007  0.769   1.00 0.64  ? 36  VAL A N    1 
ATOM   550  C CA   . VAL A 1 36  ? 0.649   -3.527  1.966   1.00 0.64  ? 36  VAL A CA   1 
ATOM   551  C C    . VAL A 1 36  ? 1.166   -4.258  3.190   1.00 0.65  ? 36  VAL A C    1 
ATOM   552  O O    . VAL A 1 36  ? 1.976   -5.152  3.079   1.00 0.76  ? 36  VAL A O    1 
ATOM   553  C CB   . VAL A 1 36  ? -0.861  -3.741  1.776   1.00 0.70  ? 36  VAL A CB   1 
ATOM   554  C CG1  . VAL A 1 36  ? -1.635  -2.835  2.740   1.00 1.14  ? 36  VAL A CG1  1 
ATOM   555  C CG2  . VAL A 1 36  ? -1.244  -3.378  0.335   1.00 1.17  ? 36  VAL A CG2  1 
ATOM   556  H H    . VAL A 1 36  ? 1.538   -4.970  0.604   1.00 0.70  ? 36  VAL A H    1 
ATOM   557  H HA   . VAL A 1 36  ? 0.839   -2.486  2.122   1.00 0.63  ? 36  VAL A HA   1 
ATOM   558  H HB   . VAL A 1 36  ? -1.118  -4.766  1.978   1.00 0.99  ? 36  VAL A HB   1 
ATOM   559  H HG11 . VAL A 1 36  ? -1.026  -1.984  3.005   1.00 1.72  ? 36  VAL A HG11 1 
ATOM   560  H HG12 . VAL A 1 36  ? -2.542  -2.493  2.264   1.00 1.59  ? 36  VAL A HG12 1 
ATOM   561  H HG13 . VAL A 1 36  ? -1.886  -3.390  3.633   1.00 1.66  ? 36  VAL A HG13 1 
ATOM   562  H HG21 . VAL A 1 36  ? -0.699  -2.497  0.030   1.00 1.77  ? 36  VAL A HG21 1 
ATOM   563  H HG22 . VAL A 1 36  ? -0.998  -4.195  -0.325  1.00 1.63  ? 36  VAL A HG22 1 
ATOM   564  H HG23 . VAL A 1 36  ? -2.305  -3.180  0.283   1.00 1.63  ? 36  VAL A HG23 1 
ATOM   565  N N    . ARG A 1 37  ? 0.773   -3.850  4.360   1.00 0.60  ? 37  ARG A N    1 
ATOM   566  C CA   . ARG A 1 37  ? 1.335   -4.516  5.570   1.00 0.66  ? 37  ARG A CA   1 
ATOM   567  C C    . ARG A 1 37  ? 0.486   -4.225  6.793   1.00 0.62  ? 37  ARG A C    1 
ATOM   568  O O    . ARG A 1 37  ? -0.426  -3.426  6.764   1.00 0.69  ? 37  ARG A O    1 
ATOM   569  C CB   . ARG A 1 37  ? 2.737   -3.961  5.808   1.00 0.73  ? 37  ARG A CB   1 
ATOM   570  C CG   . ARG A 1 37  ? 2.612   -2.710  6.672   1.00 0.80  ? 37  ARG A CG   1 
ATOM   571  C CD   . ARG A 1 37  ? 3.867   -1.862  6.542   1.00 1.55  ? 37  ARG A CD   1 
ATOM   572  N NE   . ARG A 1 37  ? 4.929   -2.486  7.375   1.00 1.84  ? 37  ARG A NE   1 
ATOM   573  C CZ   . ARG A 1 37  ? 6.134   -1.992  7.418   1.00 2.54  ? 37  ARG A CZ   1 
ATOM   574  N NH1  . ARG A 1 37  ? 6.495   -1.013  6.622   1.00 3.08  ? 37  ARG A NH1  1 
ATOM   575  N NH2  . ARG A 1 37  ? 6.983   -2.485  8.271   1.00 3.14  ? 37  ARG A NH2  1 
ATOM   576  H H    . ARG A 1 37  ? 0.155   -3.080  4.445   1.00 0.57  ? 37  ARG A H    1 
ATOM   577  H HA   . ARG A 1 37  ? 1.391   -5.579  5.427   1.00 0.74  ? 37  ARG A HA   1 
ATOM   578  H HB2  . ARG A 1 37  ? 3.345   -4.700  6.313   1.00 0.80  ? 37  ARG A HB2  1 
ATOM   579  H HB3  . ARG A 1 37  ? 3.193   -3.700  4.862   1.00 0.83  ? 37  ARG A HB3  1 
ATOM   580  H HG2  . ARG A 1 37  ? 1.757   -2.134  6.351   1.00 1.03  ? 37  ARG A HG2  1 
ATOM   581  H HG3  . ARG A 1 37  ? 2.486   -3.000  7.705   1.00 1.08  ? 37  ARG A HG3  1 
ATOM   582  H HD2  . ARG A 1 37  ? 4.193   -1.834  5.520   1.00 2.32  ? 37  ARG A HD2  1 
ATOM   583  H HD3  . ARG A 1 37  ? 3.654   -0.850  6.874   1.00 1.92  ? 37  ARG A HD3  1 
ATOM   584  H HE   . ARG A 1 37  ? 4.719   -3.288  7.898   1.00 1.99  ? 37  ARG A HE   1 
ATOM   585  H HH11 . ARG A 1 37  ? 5.850   -0.634  5.959   1.00 3.15  ? 37  ARG A HH11 1 
ATOM   586  H HH12 . ARG A 1 37  ? 7.410   -0.626  6.696   1.00 3.70  ? 37  ARG A HH12 1 
ATOM   587  H HH21 . ARG A 1 37  ? 6.705   -3.229  8.876   1.00 3.29  ? 37  ARG A HH21 1 
ATOM   588  H HH22 . ARG A 1 37  ? 7.904   -2.107  8.339   1.00 3.72  ? 37  ARG A HH22 1 
ATOM   589  N N    . LYS A 1 38  ? 0.807   -4.872  7.874   1.00 0.63  ? 38  LYS A N    1 
ATOM   590  C CA   . LYS A 1 38  ? 0.052   -4.651  9.135   1.00 0.66  ? 38  LYS A CA   1 
ATOM   591  C C    . LYS A 1 38  ? 0.956   -3.962  10.155  1.00 0.66  ? 38  LYS A C    1 
ATOM   592  O O    . LYS A 1 38  ? 2.095   -4.336  10.349  1.00 0.93  ? 38  LYS A O    1 
ATOM   593  C CB   . LYS A 1 38  ? -0.399  -5.996  9.706   1.00 0.85  ? 38  LYS A CB   1 
ATOM   594  C CG   . LYS A 1 38  ? -1.876  -5.930  10.090  1.00 1.49  ? 38  LYS A CG   1 
ATOM   595  C CD   . LYS A 1 38  ? -2.710  -6.505  8.947   1.00 1.88  ? 38  LYS A CD   1 
ATOM   596  C CE   . LYS A 1 38  ? -2.499  -5.675  7.674   1.00 2.23  ? 38  LYS A CE   1 
ATOM   597  N NZ   . LYS A 1 38  ? -3.666  -5.869  6.770   1.00 3.00  ? 38  LYS A NZ   1 
ATOM   598  H H    . LYS A 1 38  ? 1.553   -5.503  7.854   1.00 0.69  ? 38  LYS A H    1 
ATOM   599  H HA   . LYS A 1 38  ? -0.812  -4.033  8.939   1.00 0.73  ? 38  LYS A HA   1 
ATOM   600  H HB2  . LYS A 1 38  ? -0.257  -6.768  8.965   1.00 1.32  ? 38  LYS A HB2  1 
ATOM   601  H HB3  . LYS A 1 38  ? 0.186   -6.229  10.585  1.00 1.35  ? 38  LYS A HB3  1 
ATOM   602  H HG2  . LYS A 1 38  ? -2.031  -6.507  10.982  1.00 2.08  ? 38  LYS A HG2  1 
ATOM   603  H HG3  . LYS A 1 38  ? -2.175  -4.913  10.277  1.00 2.08  ? 38  LYS A HG3  1 
ATOM   604  H HD2  . LYS A 1 38  ? -2.405  -7.526  8.764   1.00 2.25  ? 38  LYS A HD2  1 
ATOM   605  H HD3  . LYS A 1 38  ? -3.753  -6.485  9.219   1.00 2.34  ? 38  LYS A HD3  1 
ATOM   606  H HE2  . LYS A 1 38  ? -2.409  -4.627  7.929   1.00 2.26  ? 38  LYS A HE2  1 
ATOM   607  H HE3  . LYS A 1 38  ? -1.599  -5.999  7.172   1.00 2.40  ? 38  LYS A HE3  1 
ATOM   608  H HZ1  . LYS A 1 38  ? -3.759  -6.878  6.536   1.00 3.40  ? 38  LYS A HZ1  1 
ATOM   609  H HZ2  . LYS A 1 38  ? -4.531  -5.541  7.247   1.00 3.18  ? 38  LYS A HZ2  1 
ATOM   610  H HZ3  . LYS A 1 38  ? -3.523  -5.325  5.897   1.00 3.46  ? 38  LYS A HZ3  1 
ATOM   611  N N    . ARG A 1 39  ? 0.442   -2.978  10.831  1.00 0.63  ? 39  ARG A N    1 
ATOM   612  C CA   . ARG A 1 39  ? 1.251   -2.279  11.870  1.00 0.76  ? 39  ARG A CA   1 
ATOM   613  C C    . ARG A 1 39  ? 1.343   -3.194  13.078  1.00 0.85  ? 39  ARG A C    1 
ATOM   614  O O    . ARG A 1 39  ? 1.014   -4.362  13.011  1.00 0.90  ? 39  ARG A O    1 
ATOM   615  C CB   . ARG A 1 39  ? 0.556   -0.966  12.267  1.00 0.92  ? 39  ARG A CB   1 
ATOM   616  C CG   . ARG A 1 39  ? 0.376   -0.074  11.037  1.00 1.31  ? 39  ARG A CG   1 
ATOM   617  C CD   . ARG A 1 39  ? 1.685   -0.002  10.254  1.00 1.70  ? 39  ARG A CD   1 
ATOM   618  N NE   . ARG A 1 39  ? 2.766   0.477   11.162  1.00 2.39  ? 39  ARG A NE   1 
ATOM   619  C CZ   . ARG A 1 39  ? 2.519   1.415   12.034  1.00 3.05  ? 39  ARG A CZ   1 
ATOM   620  N NH1  . ARG A 1 39  ? 1.896   2.500   11.666  1.00 3.42  ? 39  ARG A NH1  1 
ATOM   621  N NH2  . ARG A 1 39  ? 2.899   1.270   13.274  1.00 3.75  ? 39  ARG A NH2  1 
ATOM   622  H H    . ARG A 1 39  ? -0.488  -2.715  10.672  1.00 0.71  ? 39  ARG A H    1 
ATOM   623  H HA   . ARG A 1 39  ? 2.246   -2.070  11.510  1.00 0.85  ? 39  ARG A HA   1 
ATOM   624  H HB2  . ARG A 1 39  ? -0.413  -1.185  12.692  1.00 1.24  ? 39  ARG A HB2  1 
ATOM   625  H HB3  . ARG A 1 39  ? 1.157   -0.443  12.996  1.00 1.24  ? 39  ARG A HB3  1 
ATOM   626  H HG2  . ARG A 1 39  ? -0.398  -0.484  10.408  1.00 1.79  ? 39  ARG A HG2  1 
ATOM   627  H HG3  . ARG A 1 39  ? 0.096   0.920   11.355  1.00 1.99  ? 39  ARG A HG3  1 
ATOM   628  H HD2  . ARG A 1 39  ? 1.941   -0.979  9.877   1.00 1.94  ? 39  ARG A HD2  1 
ATOM   629  H HD3  . ARG A 1 39  ? 1.568   0.682   9.425   1.00 2.14  ? 39  ARG A HD3  1 
ATOM   630  H HE   . ARG A 1 39  ? 3.659   0.078   11.112  1.00 2.71  ? 39  ARG A HE   1 
ATOM   631  H HH11 . ARG A 1 39  ? 1.606   2.612   10.715  1.00 3.26  ? 39  ARG A HH11 1 
ATOM   632  H HH12 . ARG A 1 39  ? 1.707   3.220   12.333  1.00 4.10  ? 39  ARG A HH12 1 
ATOM   633  H HH21 . ARG A 1 39  ? 3.378   0.440   13.557  1.00 3.82  ? 39  ARG A HH21 1 
ATOM   634  H HH22 . ARG A 1 39  ? 2.709   1.991   13.942  1.00 4.42  ? 39  ARG A HH22 1 
ATOM   635  N N    . ASN A 1 40  ? 1.764   -2.671  14.185  1.00 1.06  ? 40  ASN A N    1 
ATOM   636  C CA   . ASN A 1 40  ? 1.855   -3.503  15.420  1.00 1.28  ? 40  ASN A CA   1 
ATOM   637  C C    . ASN A 1 40  ? 0.553   -3.389  16.220  1.00 1.30  ? 40  ASN A C    1 
ATOM   638  O O    . ASN A 1 40  ? 0.530   -3.482  17.430  1.00 1.49  ? 40  ASN A O    1 
ATOM   639  C CB   . ASN A 1 40  ? 3.042   -3.044  16.271  1.00 1.58  ? 40  ASN A CB   1 
ATOM   640  C CG   . ASN A 1 40  ? 4.270   -3.904  15.949  1.00 2.04  ? 40  ASN A CG   1 
ATOM   641  O OD1  . ASN A 1 40  ? 4.624   -4.067  14.799  1.00 2.64  ? 40  ASN A OD1  1 
ATOM   642  N ND2  . ASN A 1 40  ? 4.942   -4.468  16.922  1.00 2.57  ? 40  ASN A ND2  1 
ATOM   643  H H    . ASN A 1 40  ? 2.007   -1.736  14.201  1.00 1.16  ? 40  ASN A H    1 
ATOM   644  H HA   . ASN A 1 40  ? 1.983   -4.516  15.127  1.00 1.32  ? 40  ASN A HA   1 
ATOM   645  H HB2  . ASN A 1 40  ? 3.256   -2.008  16.051  1.00 1.73  ? 40  ASN A HB2  1 
ATOM   646  H HB3  . ASN A 1 40  ? 2.797   -3.145  17.317  1.00 2.06  ? 40  ASN A HB3  1 
ATOM   647  H HD21 . ASN A 1 40  ? 4.661   -4.343  17.855  1.00 2.79  ? 40  ASN A HD21 1 
ATOM   648  H HD22 . ASN A 1 40  ? 5.729   -5.018  16.719  1.00 3.14  ? 40  ASN A HD22 1 
ATOM   649  N N    . GLU A 1 41  ? -0.520  -3.210  15.520  1.00 1.22  ? 41  GLU A N    1 
ATOM   650  C CA   . GLU A 1 41  ? -1.874  -3.085  16.134  1.00 1.40  ? 41  GLU A CA   1 
ATOM   651  C C    . GLU A 1 41  ? -2.909  -3.330  15.029  1.00 1.23  ? 41  GLU A C    1 
ATOM   652  O O    . GLU A 1 41  ? -2.720  -2.890  13.912  1.00 1.88  ? 41  GLU A O    1 
ATOM   653  C CB   . GLU A 1 41  ? -2.063  -1.657  16.676  1.00 2.33  ? 41  GLU A CB   1 
ATOM   654  C CG   . GLU A 1 41  ? -1.361  -1.501  18.027  1.00 3.13  ? 41  GLU A CG   1 
ATOM   655  C CD   . GLU A 1 41  ? -2.178  -0.571  18.923  1.00 4.00  ? 41  GLU A CD   1 
ATOM   656  O OE1  . GLU A 1 41  ? -2.523  0.507   18.466  1.00 4.43  ? 41  GLU A OE1  1 
ATOM   657  O OE2  . GLU A 1 41  ? -2.445  -0.951  20.051  1.00 4.57  ? 41  GLU A OE2  1 
ATOM   658  H H    . GLU A 1 41  ? -0.434  -3.167  14.564  1.00 1.12  ? 41  GLU A H    1 
ATOM   659  H HA   . GLU A 1 41  ? -1.998  -3.810  16.929  1.00 1.72  ? 41  GLU A HA   1 
ATOM   660  H HB2  . GLU A 1 41  ? -1.644  -0.952  15.974  1.00 2.79  ? 41  GLU A HB2  1 
ATOM   661  H HB3  . GLU A 1 41  ? -3.117  -1.453  16.797  1.00 2.59  ? 41  GLU A HB3  1 
ATOM   662  H HG2  . GLU A 1 41  ? -1.271  -2.468  18.499  1.00 3.27  ? 41  GLU A HG2  1 
ATOM   663  H HG3  . GLU A 1 41  ? -0.377  -1.080  17.875  1.00 3.51  ? 41  GLU A HG3  1 
ATOM   664  N N    . PRO A 1 42  ? -3.975  -4.012  15.365  1.00 1.39  ? 42  PRO A N    1 
ATOM   665  C CA   . PRO A 1 42  ? -5.098  -4.339  14.448  1.00 2.09  ? 42  PRO A CA   1 
ATOM   666  C C    . PRO A 1 42  ? -6.035  -3.147  14.229  1.00 1.84  ? 42  PRO A C    1 
ATOM   667  O O    . PRO A 1 42  ? -7.193  -3.326  13.903  1.00 2.23  ? 42  PRO A O    1 
ATOM   668  C CB   . PRO A 1 42  ? -5.882  -5.449  15.133  1.00 2.90  ? 42  PRO A CB   1 
ATOM   669  C CG   . PRO A 1 42  ? -5.576  -5.290  16.617  1.00 2.84  ? 42  PRO A CG   1 
ATOM   670  C CD   . PRO A 1 42  ? -4.227  -4.593  16.695  1.00 1.97  ? 42  PRO A CD   1 
ATOM   671  H HA   . PRO A 1 42  ? -4.707  -4.678  13.533  1.00 2.59  ? 42  PRO A HA   1 
ATOM   672  H HB2  . PRO A 1 42  ? -6.943  -5.334  14.948  1.00 3.26  ? 42  PRO A HB2  1 
ATOM   673  H HB3  . PRO A 1 42  ? -5.545  -6.411  14.789  1.00 3.46  ? 42  PRO A HB3  1 
ATOM   674  H HG2  . PRO A 1 42  ? -6.332  -4.676  17.083  1.00 3.05  ? 42  PRO A HG2  1 
ATOM   675  H HG3  . PRO A 1 42  ? -5.517  -6.249  17.093  1.00 3.48  ? 42  PRO A HG3  1 
ATOM   676  H HD2  . PRO A 1 42  ? -4.245  -3.820  17.432  1.00 2.09  ? 42  PRO A HD2  1 
ATOM   677  H HD3  . PRO A 1 42  ? -3.460  -5.315  16.920  1.00 2.16  ? 42  PRO A HD3  1 
ATOM   678  N N    . ASN A 1 43  ? -5.565  -1.947  14.404  1.00 1.44  ? 43  ASN A N    1 
ATOM   679  C CA   . ASN A 1 43  ? -6.446  -0.769  14.209  1.00 1.42  ? 43  ASN A CA   1 
ATOM   680  C C    . ASN A 1 43  ? -5.844  0.169   13.166  1.00 1.27  ? 43  ASN A C    1 
ATOM   681  O O    . ASN A 1 43  ? -5.976  1.373   13.263  1.00 2.02  ? 43  ASN A O    1 
ATOM   682  C CB   . ASN A 1 43  ? -6.608  -0.012  15.533  1.00 1.69  ? 43  ASN A CB   1 
ATOM   683  C CG   . ASN A 1 43  ? -7.227  -0.933  16.585  1.00 2.35  ? 43  ASN A CG   1 
ATOM   684  O OD1  . ASN A 1 43  ? -7.663  -2.023  16.275  1.00 2.92  ? 43  ASN A OD1  1 
ATOM   685  N ND2  . ASN A 1 43  ? -7.285  -0.534  17.825  1.00 3.02  ? 43  ASN A ND2  1 
ATOM   686  H H    . ASN A 1 43  ? -4.646  -1.824  14.658  1.00 1.39  ? 43  ASN A H    1 
ATOM   687  H HA   . ASN A 1 43  ? -7.401  -1.111  13.872  1.00 1.58  ? 43  ASN A HA   1 
ATOM   688  H HB2  . ASN A 1 43  ? -5.639  0.325   15.874  1.00 1.93  ? 43  ASN A HB2  1 
ATOM   689  H HB3  . ASN A 1 43  ? -7.252  0.843   15.382  1.00 2.08  ? 43  ASN A HB3  1 
ATOM   690  H HD21 . ASN A 1 43  ? -6.934  0.346   18.075  1.00 3.13  ? 43  ASN A HD21 1 
ATOM   691  H HD22 . ASN A 1 43  ? -7.682  -1.116  18.509  1.00 3.73  ? 43  ASN A HD22 1 
ATOM   692  N N    . SER A 1 44  ? -5.197  -0.389  12.173  1.00 0.85  ? 44  SER A N    1 
ATOM   693  C CA   . SER A 1 44  ? -4.559  0.430   11.088  1.00 0.78  ? 44  SER A CA   1 
ATOM   694  C C    . SER A 1 44  ? -3.616  -0.466  10.277  1.00 0.69  ? 44  SER A C    1 
ATOM   695  O O    . SER A 1 44  ? -2.969  -1.346  10.809  1.00 0.93  ? 44  SER A O    1 
ATOM   696  C CB   . SER A 1 44  ? -3.723  1.568   11.694  1.00 1.05  ? 44  SER A CB   1 
ATOM   697  O OG   . SER A 1 44  ? -3.080  1.101   12.871  1.00 1.32  ? 44  SER A OG   1 
ATOM   698  H H    . SER A 1 44  ? -5.132  -1.366  12.141  1.00 1.25  ? 44  SER A H    1 
ATOM   699  H HA   . SER A 1 44  ? -5.324  0.848   10.440  1.00 0.86  ? 44  SER A HA   1 
ATOM   700  H HB2  . SER A 1 44  ? -2.977  1.886   10.985  1.00 1.12  ? 44  SER A HB2  1 
ATOM   701  H HB3  . SER A 1 44  ? -4.369  2.405   11.930  1.00 1.33  ? 44  SER A HB3  1 
ATOM   702  H HG   . SER A 1 44  ? -2.146  0.995   12.676  1.00 1.37  ? 44  SER A HG   1 
ATOM   703  N N    . TYR A 1 45  ? -3.527  -0.232  8.998   1.00 0.58  ? 45  TYR A N    1 
ATOM   704  C CA   . TYR A 1 45  ? -2.615  -1.044  8.124   1.00 0.54  ? 45  TYR A CA   1 
ATOM   705  C C    . TYR A 1 45  ? -1.665  -0.070  7.429   1.00 0.53  ? 45  TYR A C    1 
ATOM   706  O O    . TYR A 1 45  ? -1.644  1.094   7.759   1.00 0.58  ? 45  TYR A O    1 
ATOM   707  C CB   . TYR A 1 45  ? -3.445  -1.810  7.084   1.00 0.56  ? 45  TYR A CB   1 
ATOM   708  C CG   . TYR A 1 45  ? -4.808  -2.149  7.654   1.00 0.82  ? 45  TYR A CG   1 
ATOM   709  C CD1  . TYR A 1 45  ? -4.994  -3.336  8.376   1.00 1.30  ? 45  TYR A CD1  1 
ATOM   710  C CD2  . TYR A 1 45  ? -5.887  -1.275  7.461   1.00 1.23  ? 45  TYR A CD2  1 
ATOM   711  C CE1  . TYR A 1 45  ? -6.253  -3.648  8.903   1.00 1.73  ? 45  TYR A CE1  1 
ATOM   712  C CE2  . TYR A 1 45  ? -7.146  -1.590  7.988   1.00 1.65  ? 45  TYR A CE2  1 
ATOM   713  C CZ   . TYR A 1 45  ? -7.329  -2.775  8.710   1.00 1.77  ? 45  TYR A CZ   1 
ATOM   714  O OH   . TYR A 1 45  ? -8.570  -3.082  9.230   1.00 2.28  ? 45  TYR A OH   1 
ATOM   715  H H    . TYR A 1 45  ? -4.054  0.494   8.607   1.00 0.72  ? 45  TYR A H    1 
ATOM   716  H HA   . TYR A 1 45  ? -2.036  -1.737  8.720   1.00 0.59  ? 45  TYR A HA   1 
ATOM   717  H HB2  . TYR A 1 45  ? -3.567  -1.200  6.203   1.00 0.70  ? 45  TYR A HB2  1 
ATOM   718  H HB3  . TYR A 1 45  ? -2.934  -2.721  6.818   1.00 0.75  ? 45  TYR A HB3  1 
ATOM   719  H HD1  . TYR A 1 45  ? -4.170  -4.014  8.525   1.00 1.61  ? 45  TYR A HD1  1 
ATOM   720  H HD2  . TYR A 1 45  ? -5.751  -0.363  6.901   1.00 1.52  ? 45  TYR A HD2  1 
ATOM   721  H HE1  . TYR A 1 45  ? -6.393  -4.563  9.458   1.00 2.22  ? 45  TYR A HE1  1 
ATOM   722  H HE2  . TYR A 1 45  ? -7.976  -0.916  7.839   1.00 2.09  ? 45  TYR A HE2  1 
ATOM   723  H HH   . TYR A 1 45  ? -8.464  -3.831  9.821   1.00 2.72  ? 45  TYR A HH   1 
ATOM   724  N N    . ALA A 1 46  ? -0.877  -0.497  6.476   1.00 0.57  ? 46  ALA A N    1 
ATOM   725  C CA   . ALA A 1 46  ? 0.021   0.506   5.822   1.00 0.61  ? 46  ALA A CA   1 
ATOM   726  C C    . ALA A 1 46  ? 0.503   0.022   4.456   1.00 0.59  ? 46  ALA A C    1 
ATOM   727  O O    . ALA A 1 46  ? 0.967   -1.085  4.290   1.00 0.89  ? 46  ALA A O    1 
ATOM   728  C CB   . ALA A 1 46  ? 1.214   0.837   6.728   1.00 0.73  ? 46  ALA A CB   1 
ATOM   729  H H    . ALA A 1 46  ? -0.882  -1.442  6.194   1.00 0.62  ? 46  ALA A H    1 
ATOM   730  H HA   . ALA A 1 46  ? -0.545  1.403   5.666   1.00 0.64  ? 46  ALA A HA   1 
ATOM   731  H HB1  . ALA A 1 46  ? 1.298   0.095   7.505   1.00 1.18  ? 46  ALA A HB1  1 
ATOM   732  H HB2  . ALA A 1 46  ? 2.121   0.853   6.142   1.00 1.36  ? 46  ALA A HB2  1 
ATOM   733  H HB3  . ALA A 1 46  ? 1.063   1.811   7.177   1.00 1.13  ? 46  ALA A HB3  1 
ATOM   734  N N    . ILE A 1 47  ? 0.368   0.871   3.476   1.00 0.62  ? 47  ILE A N    1 
ATOM   735  C CA   . ILE A 1 47  ? 0.772   0.527   2.088   1.00 0.57  ? 47  ILE A CA   1 
ATOM   736  C C    . ILE A 1 47  ? 2.246   0.865   1.866   1.00 0.56  ? 47  ILE A C    1 
ATOM   737  O O    . ILE A 1 47  ? 2.629   2.001   1.686   1.00 0.74  ? 47  ILE A O    1 
ATOM   738  C CB   . ILE A 1 47  ? -0.108  1.326   1.121   1.00 0.60  ? 47  ILE A CB   1 
ATOM   739  C CG1  . ILE A 1 47  ? -1.590  1.105   1.480   1.00 0.68  ? 47  ILE A CG1  1 
ATOM   740  C CG2  . ILE A 1 47  ? 0.145   0.871   -0.312  1.00 0.71  ? 47  ILE A CG2  1 
ATOM   741  C CD1  . ILE A 1 47  ? -2.462  2.154   0.790   1.00 0.77  ? 47  ILE A CD1  1 
ATOM   742  H H    . ILE A 1 47  ? -0.026  1.744   3.653   1.00 0.90  ? 47  ILE A H    1 
ATOM   743  H HA   . ILE A 1 47  ? 0.626   -0.522  1.925   1.00 0.57  ? 47  ILE A HA   1 
ATOM   744  H HB   . ILE A 1 47  ? 0.139   2.372   1.205   1.00 0.66  ? 47  ILE A HB   1 
ATOM   745  H HG12 . ILE A 1 47  ? -1.898  0.120   1.157   1.00 0.80  ? 47  ILE A HG12 1 
ATOM   746  H HG13 . ILE A 1 47  ? -1.723  1.186   2.550   1.00 0.80  ? 47  ILE A HG13 1 
ATOM   747  H HG21 . ILE A 1 47  ? 1.207   0.843   -0.497  1.00 1.36  ? 47  ILE A HG21 1 
ATOM   748  H HG22 . ILE A 1 47  ? -0.275  -0.112  -0.456  1.00 1.29  ? 47  ILE A HG22 1 
ATOM   749  H HG23 . ILE A 1 47  ? -0.322  1.568   -0.994  1.00 1.11  ? 47  ILE A HG23 1 
ATOM   750  H HD11 . ILE A 1 47  ? -1.836  2.847   0.253   1.00 1.37  ? 47  ILE A HD11 1 
ATOM   751  H HD12 . ILE A 1 47  ? -3.135  1.664   0.101   1.00 1.21  ? 47  ILE A HD12 1 
ATOM   752  H HD13 . ILE A 1 47  ? -3.037  2.687   1.535   1.00 1.30  ? 47  ILE A HD13 1 
ATOM   753  N N    . SER A 1 48  ? 3.062   -0.143  1.864   1.00 0.58  ? 48  SER A N    1 
ATOM   754  C CA   . SER A 1 48  ? 4.529   0.045   1.649   1.00 0.58  ? 48  SER A CA   1 
ATOM   755  C C    . SER A 1 48  ? 4.809   0.065   0.145   1.00 0.58  ? 48  SER A C    1 
ATOM   756  O O    . SER A 1 48  ? 4.821   -0.972  -0.486  1.00 0.65  ? 48  SER A O    1 
ATOM   757  C CB   . SER A 1 48  ? 5.295   -1.109  2.307   1.00 0.64  ? 48  SER A CB   1 
ATOM   758  O OG   . SER A 1 48  ? 4.855   -2.339  1.764   1.00 0.88  ? 48  SER A OG   1 
ATOM   759  H H    . SER A 1 48  ? 2.699   -1.036  1.989   1.00 0.74  ? 48  SER A H    1 
ATOM   760  H HA   . SER A 1 48  ? 4.841   0.962   2.087   1.00 0.58  ? 48  SER A HA   1 
ATOM   761  H HB2  . SER A 1 48  ? 6.350   -0.997  2.124   1.00 0.71  ? 48  SER A HB2  1 
ATOM   762  H HB3  . SER A 1 48  ? 5.121   -1.096  3.373   1.00 0.71  ? 48  SER A HB3  1 
ATOM   763  H HG   . SER A 1 48  ? 5.522   -3.003  1.952   1.00 1.27  ? 48  SER A HG   1 
ATOM   764  N N    . PHE A 1 49  ? 5.025   1.226   -0.450  1.00 0.57  ? 49  PHE A N    1 
ATOM   765  C CA   . PHE A 1 49  ? 5.276   1.251   -1.926  1.00 0.61  ? 49  PHE A CA   1 
ATOM   766  C C    . PHE A 1 49  ? 6.402   2.250   -2.252  1.00 0.58  ? 49  PHE A C    1 
ATOM   767  O O    . PHE A 1 49  ? 6.360   3.389   -1.840  1.00 0.68  ? 49  PHE A O    1 
ATOM   768  C CB   . PHE A 1 49  ? 3.967   1.631   -2.654  1.00 0.75  ? 49  PHE A CB   1 
ATOM   769  C CG   . PHE A 1 49  ? 3.676   3.112   -2.527  1.00 0.63  ? 49  PHE A CG   1 
ATOM   770  C CD1  . PHE A 1 49  ? 2.928   3.589   -1.444  1.00 0.85  ? 49  PHE A CD1  1 
ATOM   771  C CD2  . PHE A 1 49  ? 4.150   4.007   -3.497  1.00 0.89  ? 49  PHE A CD2  1 
ATOM   772  C CE1  . PHE A 1 49  ? 2.655   4.959   -1.330  1.00 1.17  ? 49  PHE A CE1  1 
ATOM   773  C CE2  . PHE A 1 49  ? 3.878   5.375   -3.381  1.00 1.14  ? 49  PHE A CE2  1 
ATOM   774  C CZ   . PHE A 1 49  ? 3.132   5.850   -2.298  1.00 1.24  ? 49  PHE A CZ   1 
ATOM   775  H H    . PHE A 1 49  ? 5.011   2.065   0.064   1.00 0.60  ? 49  PHE A H    1 
ATOM   776  H HA   . PHE A 1 49  ? 5.577   0.264   -2.244  1.00 0.70  ? 49  PHE A HA   1 
ATOM   777  H HB2  . PHE A 1 49  ? 4.047   1.374   -3.697  1.00 1.00  ? 49  PHE A HB2  1 
ATOM   778  H HB3  . PHE A 1 49  ? 3.151   1.073   -2.221  1.00 1.05  ? 49  PHE A HB3  1 
ATOM   779  H HD1  . PHE A 1 49  ? 2.561   2.904   -0.697  1.00 1.04  ? 49  PHE A HD1  1 
ATOM   780  H HD2  . PHE A 1 49  ? 4.725   3.642   -4.336  1.00 1.15  ? 49  PHE A HD2  1 
ATOM   781  H HE1  . PHE A 1 49  ? 2.079   5.327   -0.493  1.00 1.52  ? 49  PHE A HE1  1 
ATOM   782  H HE2  . PHE A 1 49  ? 4.246   6.064   -4.124  1.00 1.45  ? 49  PHE A HE2  1 
ATOM   783  H HZ   . PHE A 1 49  ? 2.921   6.905   -2.214  1.00 1.57  ? 49  PHE A HZ   1 
ATOM   784  N N    . ARG A 1 50  ? 7.418   1.831   -2.985  1.00 0.72  ? 50  ARG A N    1 
ATOM   785  C CA   . ARG A 1 50  ? 8.533   2.755   -3.325  1.00 0.86  ? 50  ARG A CA   1 
ATOM   786  C C    . ARG A 1 50  ? 8.446   3.140   -4.804  1.00 0.65  ? 50  ARG A C    1 
ATOM   787  O O    . ARG A 1 50  ? 7.793   2.480   -5.609  1.00 0.74  ? 50  ARG A O    1 
ATOM   788  C CB   . ARG A 1 50  ? 9.882   2.096   -2.968  1.00 1.22  ? 50  ARG A CB   1 
ATOM   789  C CG   . ARG A 1 50  ? 10.389  1.165   -4.071  1.00 1.91  ? 50  ARG A CG   1 
ATOM   790  C CD   . ARG A 1 50  ? 9.624   -0.151  -4.004  1.00 2.64  ? 50  ARG A CD   1 
ATOM   791  N NE   . ARG A 1 50  ? 10.451  -1.257  -4.574  1.00 3.49  ? 50  ARG A NE   1 
ATOM   792  C CZ   . ARG A 1 50  ? 11.285  -1.026  -5.561  1.00 4.43  ? 50  ARG A CZ   1 
ATOM   793  N NH1  . ARG A 1 50  ? 12.469  -0.537  -5.317  1.00 4.88  ? 50  ARG A NH1  1 
ATOM   794  N NH2  . ARG A 1 50  ? 10.951  -1.319  -6.792  1.00 5.21  ? 50  ARG A NH2  1 
ATOM   795  H H    . ARG A 1 50  ? 7.451   0.911   -3.303  1.00 0.88  ? 50  ARG A H    1 
ATOM   796  H HA   . ARG A 1 50  ? 8.433   3.658   -2.750  1.00 1.07  ? 50  ARG A HA   1 
ATOM   797  H HB2  . ARG A 1 50  ? 10.616  2.859   -2.797  1.00 1.81  ? 50  ARG A HB2  1 
ATOM   798  H HB3  . ARG A 1 50  ? 9.758   1.525   -2.059  1.00 1.57  ? 50  ARG A HB3  1 
ATOM   799  H HG2  . ARG A 1 50  ? 10.256  1.617   -5.041  1.00 2.39  ? 50  ARG A HG2  1 
ATOM   800  H HG3  . ARG A 1 50  ? 11.434  0.975   -3.907  1.00 2.37  ? 50  ARG A HG3  1 
ATOM   801  H HD2  . ARG A 1 50  ? 9.386   -0.371  -2.971  1.00 2.75  ? 50  ARG A HD2  1 
ATOM   802  H HD3  . ARG A 1 50  ? 8.713   -0.060  -4.568  1.00 3.15  ? 50  ARG A HD3  1 
ATOM   803  H HE   . ARG A 1 50  ? 10.355  -2.161  -4.219  1.00 3.66  ? 50  ARG A HE   1 
ATOM   804  H HH11 . ARG A 1 50  ? 12.747  -0.339  -4.379  1.00 4.60  ? 50  ARG A HH11 1 
ATOM   805  H HH12 . ARG A 1 50  ? 13.104  -0.369  -6.069  1.00 5.70  ? 50  ARG A HH12 1 
ATOM   806  H HH21 . ARG A 1 50  ? 10.061  -1.724  -6.989  1.00 5.22  ? 50  ARG A HH21 1 
ATOM   807  H HH22 . ARG A 1 50  ? 11.591  -1.138  -7.537  1.00 5.97  ? 50  ARG A HH22 1 
ATOM   808  N N    . ALA A 1 51  ? 9.088   4.222   -5.145  1.00 0.63  ? 51  ALA A N    1 
ATOM   809  C CA   . ALA A 1 51  ? 9.065   4.730   -6.515  1.00 0.79  ? 51  ALA A CA   1 
ATOM   810  C C    . ALA A 1 51  ? 10.403  5.403   -6.822  1.00 1.07  ? 51  ALA A C    1 
ATOM   811  O O    . ALA A 1 51  ? 10.887  6.219   -6.062  1.00 1.53  ? 51  ALA A O    1 
ATOM   812  C CB   . ALA A 1 51  ? 7.944   5.767   -6.639  1.00 1.30  ? 51  ALA A CB   1 
ATOM   813  H H    . ALA A 1 51  ? 9.578   4.708   -4.490  1.00 0.71  ? 51  ALA A H    1 
ATOM   814  H HA   . ALA A 1 51  ? 8.896   3.922   -7.182  1.00 0.93  ? 51  ALA A HA   1 
ATOM   815  H HB1  . ALA A 1 51  ? 8.033   6.488   -5.836  1.00 1.91  ? 51  ALA A HB1  1 
ATOM   816  H HB2  . ALA A 1 51  ? 8.025   6.277   -7.586  1.00 1.73  ? 51  ALA A HB2  1 
ATOM   817  H HB3  . ALA A 1 51  ? 6.986   5.276   -6.572  1.00 1.68  ? 51  ALA A HB3  1 
ATOM   818  N N    . GLU A 1 52  ? 10.991  5.061   -7.930  1.00 1.33  ? 52  GLU A N    1 
ATOM   819  C CA   . GLU A 1 52  ? 12.293  5.664   -8.335  1.00 1.82  ? 52  GLU A CA   1 
ATOM   820  C C    . GLU A 1 52  ? 13.376  5.332   -7.309  1.00 1.57  ? 52  GLU A C    1 
ATOM   821  O O    . GLU A 1 52  ? 13.701  4.180   -7.105  1.00 2.23  ? 52  GLU A O    1 
ATOM   822  C CB   . GLU A 1 52  ? 12.132  7.185   -8.535  1.00 2.46  ? 52  GLU A CB   1 
ATOM   823  C CG   . GLU A 1 52  ? 11.191  7.460   -9.709  1.00 2.96  ? 52  GLU A CG   1 
ATOM   824  C CD   . GLU A 1 52  ? 11.212  8.953   -10.042 1.00 3.62  ? 52  GLU A CD   1 
ATOM   825  O OE1  . GLU A 1 52  ? 12.243  9.424   -10.496 1.00 4.08  ? 52  GLU A OE1  1 
ATOM   826  O OE2  . GLU A 1 52  ? 10.198  9.600   -9.841  1.00 4.07  ? 52  GLU A OE2  1 
ATOM   827  H H    . GLU A 1 52  ? 10.570  4.399   -8.504  1.00 1.50  ? 52  GLU A H    1 
ATOM   828  H HA   . GLU A 1 52  ? 12.599  5.233   -9.256  1.00 2.24  ? 52  GLU A HA   1 
ATOM   829  H HB2  . GLU A 1 52  ? 11.729  7.632   -7.641  1.00 2.93  ? 52  GLU A HB2  1 
ATOM   830  H HB3  . GLU A 1 52  ? 13.097  7.622   -8.744  1.00 2.74  ? 52  GLU A HB3  1 
ATOM   831  H HG2  . GLU A 1 52  ? 11.514  6.896   -10.568 1.00 3.17  ? 52  GLU A HG2  1 
ATOM   832  H HG3  . GLU A 1 52  ? 10.186  7.170   -9.441  1.00 3.28  ? 52  GLU A HG3  1 
ATOM   833  N N    . GLY A 1 53  ? 13.941  6.316   -6.676  1.00 1.40  ? 53  GLY A N    1 
ATOM   834  C CA   . GLY A 1 53  ? 15.010  6.056   -5.672  1.00 1.42  ? 53  GLY A CA   1 
ATOM   835  C C    . GLY A 1 53  ? 14.507  6.500   -4.311  1.00 1.22  ? 53  GLY A C    1 
ATOM   836  O O    . GLY A 1 53  ? 15.275  6.900   -3.458  1.00 1.38  ? 53  GLY A O    1 
ATOM   837  H H    . GLY A 1 53  ? 13.660  7.229   -6.854  1.00 1.88  ? 53  GLY A H    1 
ATOM   838  H HA2  . GLY A 1 53  ? 15.252  5.001   -5.646  1.00 1.63  ? 53  GLY A HA2  1 
ATOM   839  H HA3  . GLY A 1 53  ? 15.896  6.620   -5.928  1.00 1.67  ? 53  GLY A HA3  1 
ATOM   840  N N    . LYS A 1 54  ? 13.219  6.428   -4.096  1.00 1.07  ? 54  LYS A N    1 
ATOM   841  C CA   . LYS A 1 54  ? 12.669  6.843   -2.777  1.00 1.08  ? 54  LYS A CA   1 
ATOM   842  C C    . LYS A 1 54  ? 11.682  5.789   -2.330  1.00 1.03  ? 54  LYS A C    1 
ATOM   843  O O    . LYS A 1 54  ? 11.246  4.993   -3.115  1.00 1.52  ? 54  LYS A O    1 
ATOM   844  C CB   . LYS A 1 54  ? 11.958  8.203   -2.903  1.00 1.30  ? 54  LYS A CB   1 
ATOM   845  C CG   . LYS A 1 54  ? 12.982  9.340   -3.046  1.00 1.79  ? 54  LYS A CG   1 
ATOM   846  C CD   . LYS A 1 54  ? 12.238  10.664  -3.242  1.00 2.26  ? 54  LYS A CD   1 
ATOM   847  C CE   . LYS A 1 54  ? 12.719  11.688  -2.209  1.00 2.99  ? 54  LYS A CE   1 
ATOM   848  N NZ   . LYS A 1 54  ? 14.068  12.189  -2.599  1.00 3.37  ? 54  LYS A NZ   1 
ATOM   849  H H    . LYS A 1 54  ? 12.609  6.089   -4.804  1.00 1.13  ? 54  LYS A H    1 
ATOM   850  H HA   . LYS A 1 54  ? 13.457  6.902   -2.048  1.00 1.20  ? 54  LYS A HA   1 
ATOM   851  H HB2  . LYS A 1 54  ? 11.318  8.193   -3.774  1.00 1.77  ? 54  LYS A HB2  1 
ATOM   852  H HB3  . LYS A 1 54  ? 11.357  8.376   -2.023  1.00 1.66  ? 54  LYS A HB3  1 
ATOM   853  H HG2  . LYS A 1 54  ? 13.591  9.398   -2.154  1.00 2.28  ? 54  LYS A HG2  1 
ATOM   854  H HG3  . LYS A 1 54  ? 13.615  9.157   -3.903  1.00 2.29  ? 54  LYS A HG3  1 
ATOM   855  H HD2  . LYS A 1 54  ? 12.429  11.038  -4.237  1.00 2.54  ? 54  LYS A HD2  1 
ATOM   856  H HD3  . LYS A 1 54  ? 11.178  10.502  -3.116  1.00 2.60  ? 54  LYS A HD3  1 
ATOM   857  H HE2  . LYS A 1 54  ? 12.025  12.517  -2.174  1.00 3.44  ? 54  LYS A HE2  1 
ATOM   858  H HE3  . LYS A 1 54  ? 12.774  11.224  -1.236  1.00 3.39  ? 54  LYS A HE3  1 
ATOM   859  H HZ1  . LYS A 1 54  ? 14.069  12.430  -3.611  1.00 3.71  ? 54  LYS A HZ1  1 
ATOM   860  H HZ2  . LYS A 1 54  ? 14.298  13.036  -2.040  1.00 3.51  ? 54  LYS A HZ2  1 
ATOM   861  H HZ3  . LYS A 1 54  ? 14.778  11.453  -2.417  1.00 3.69  ? 54  LYS A HZ3  1 
ATOM   862  N N    . ILE A 1 55  ? 11.338  5.781   -1.078  1.00 0.79  ? 55  ILE A N    1 
ATOM   863  C CA   . ILE A 1 55  ? 10.361  4.769   -0.569  1.00 0.74  ? 55  ILE A CA   1 
ATOM   864  C C    . ILE A 1 55  ? 9.147   5.525   -0.032  1.00 0.79  ? 55  ILE A C    1 
ATOM   865  O O    . ILE A 1 55  ? 9.271   6.638   0.442   1.00 1.05  ? 55  ILE A O    1 
ATOM   866  C CB   . ILE A 1 55  ? 11.030  3.916   0.523   1.00 0.89  ? 55  ILE A CB   1 
ATOM   867  C CG1  . ILE A 1 55  ? 12.438  3.534   0.037   1.00 1.19  ? 55  ILE A CG1  1 
ATOM   868  C CG2  . ILE A 1 55  ? 10.212  2.637   0.771   1.00 1.18  ? 55  ILE A CG2  1 
ATOM   869  C CD1  . ILE A 1 55  ? 13.074  2.526   0.989   1.00 1.59  ? 55  ILE A CD1  1 
ATOM   870  H H    . ILE A 1 55  ? 11.723  6.449   -0.468  1.00 1.03  ? 55  ILE A H    1 
ATOM   871  H HA   . ILE A 1 55  ? 10.044  4.134   -1.379  1.00 0.74  ? 55  ILE A HA   1 
ATOM   872  H HB   . ILE A 1 55  ? 11.100  4.483   1.444   1.00 1.14  ? 55  ILE A HB   1 
ATOM   873  H HG12 . ILE A 1 55  ? 12.370  3.096   -0.949  1.00 1.60  ? 55  ILE A HG12 1 
ATOM   874  H HG13 . ILE A 1 55  ? 13.056  4.418   -0.008  1.00 1.90  ? 55  ILE A HG13 1 
ATOM   875  H HG21 . ILE A 1 55  ? 9.164   2.835   0.603   1.00 1.57  ? 55  ILE A HG21 1 
ATOM   876  H HG22 . ILE A 1 55  ? 10.543  1.858   0.096   1.00 1.55  ? 55  ILE A HG22 1 
ATOM   877  H HG23 . ILE A 1 55  ? 10.355  2.308   1.791   1.00 1.79  ? 55  ILE A HG23 1 
ATOM   878  H HD11 . ILE A 1 55  ? 12.443  2.399   1.854   1.00 2.10  ? 55  ILE A HD11 1 
ATOM   879  H HD12 . ILE A 1 55  ? 13.188  1.578   0.481   1.00 2.08  ? 55  ILE A HD12 1 
ATOM   880  H HD13 . ILE A 1 55  ? 14.043  2.887   1.297   1.00 2.06  ? 55  ILE A HD13 1 
ATOM   881  N N    . LYS A 1 56  ? 7.973   4.951   -0.116  1.00 0.74  ? 56  LYS A N    1 
ATOM   882  C CA   . LYS A 1 56  ? 6.765   5.677   0.379   1.00 0.93  ? 56  LYS A CA   1 
ATOM   883  C C    . LYS A 1 56  ? 5.832   4.724   1.095   1.00 0.77  ? 56  LYS A C    1 
ATOM   884  O O    . LYS A 1 56  ? 4.904   4.192   0.512   1.00 1.02  ? 56  LYS A O    1 
ATOM   885  C CB   . LYS A 1 56  ? 5.956   6.314   -0.772  1.00 1.27  ? 56  LYS A CB   1 
ATOM   886  C CG   . LYS A 1 56  ? 6.799   7.301   -1.578  1.00 0.97  ? 56  LYS A CG   1 
ATOM   887  C CD   . LYS A 1 56  ? 7.301   8.430   -0.671  1.00 1.40  ? 56  LYS A CD   1 
ATOM   888  C CE   . LYS A 1 56  ? 6.720   9.786   -1.107  1.00 1.72  ? 56  LYS A CE   1 
ATOM   889  N NZ   . LYS A 1 56  ? 7.762   10.844  -0.944  1.00 2.20  ? 56  LYS A NZ   1 
ATOM   890  H H    . LYS A 1 56  ? 7.889   4.053   -0.501  1.00 0.72  ? 56  LYS A H    1 
ATOM   891  H HA   . LYS A 1 56  ? 7.065   6.448   1.070   1.00 1.12  ? 56  LYS A HA   1 
ATOM   892  H HB2  . LYS A 1 56  ? 5.599   5.537   -1.430  1.00 1.90  ? 56  LYS A HB2  1 
ATOM   893  H HB3  . LYS A 1 56  ? 5.106   6.839   -0.356  1.00 1.98  ? 56  LYS A HB3  1 
ATOM   894  H HG2  . LYS A 1 56  ? 7.640   6.778   -2.008  1.00 1.64  ? 56  LYS A HG2  1 
ATOM   895  H HG3  . LYS A 1 56  ? 6.192   7.719   -2.368  1.00 1.49  ? 56  LYS A HG3  1 
ATOM   896  H HD2  . LYS A 1 56  ? 7.000   8.232   0.344   1.00 1.98  ? 56  LYS A HD2  1 
ATOM   897  H HD3  . LYS A 1 56  ? 8.377   8.472   -0.726  1.00 1.96  ? 56  LYS A HD3  1 
ATOM   898  H HE2  . LYS A 1 56  ? 6.409   9.743   -2.142  1.00 2.03  ? 56  LYS A HE2  1 
ATOM   899  H HE3  . LYS A 1 56  ? 5.866   10.028  -0.486  1.00 1.96  ? 56  LYS A HE3  1 
ATOM   900  H HZ1  . LYS A 1 56  ? 8.685   10.401  -0.763  1.00 2.70  ? 56  LYS A HZ1  1 
ATOM   901  H HZ2  . LYS A 1 56  ? 7.817   11.414  -1.811  1.00 2.34  ? 56  LYS A HZ2  1 
ATOM   902  H HZ3  . LYS A 1 56  ? 7.509   11.459  -0.145  1.00 2.57  ? 56  LYS A HZ3  1 
ATOM   903  N N    . HIS A 1 57  ? 6.007   4.555   2.363   1.00 0.76  ? 57  HIS A N    1 
ATOM   904  C CA   . HIS A 1 57  ? 5.046   3.713   3.088   1.00 0.65  ? 57  HIS A CA   1 
ATOM   905  C C    . HIS A 1 57  ? 3.809   4.574   3.188   1.00 0.66  ? 57  HIS A C    1 
ATOM   906  O O    . HIS A 1 57  ? 3.889   5.751   2.979   1.00 1.10  ? 57  HIS A O    1 
ATOM   907  C CB   . HIS A 1 57  ? 5.601   3.344   4.472   1.00 0.78  ? 57  HIS A CB   1 
ATOM   908  C CG   . HIS A 1 57  ? 6.660   2.278   4.323   1.00 0.80  ? 57  HIS A CG   1 
ATOM   909  N ND1  . HIS A 1 57  ? 7.439   1.867   5.393   1.00 1.40  ? 57  HIS A ND1  1 
ATOM   910  C CD2  . HIS A 1 57  ? 7.077   1.520   3.246   1.00 0.95  ? 57  HIS A CD2  1 
ATOM   911  C CE1  . HIS A 1 57  ? 8.271   0.909   4.947   1.00 1.63  ? 57  HIS A CE1  1 
ATOM   912  N NE2  . HIS A 1 57  ? 8.093   0.660   3.648   1.00 1.30  ? 57  HIS A NE2  1 
ATOM   913  H H    . HIS A 1 57  ? 6.722   5.031   2.843   1.00 1.07  ? 57  HIS A H    1 
ATOM   914  H HA   . HIS A 1 57  ? 4.808   2.842   2.538   1.00 0.66  ? 57  HIS A HA   1 
ATOM   915  H HB2  . HIS A 1 57  ? 6.037   4.219   4.936   1.00 1.08  ? 57  HIS A HB2  1 
ATOM   916  H HB3  . HIS A 1 57  ? 4.805   2.968   5.094   1.00 1.04  ? 57  HIS A HB3  1 
ATOM   917  H HD1  . HIS A 1 57  ? 7.392   2.213   6.309   1.00 1.79  ? 57  HIS A HD1  1 
ATOM   918  H HD2  . HIS A 1 57  ? 6.678   1.578   2.243   1.00 1.27  ? 57  HIS A HD2  1 
ATOM   919  H HE1  . HIS A 1 57  ? 8.989   0.396   5.568   1.00 2.20  ? 57  HIS A HE1  1 
ATOM   920  N N    . CYS A 1 58  ? 2.675   4.026   3.465   1.00 0.65  ? 58  CYS A N    1 
ATOM   921  C CA   . CYS A 1 58  ? 1.451   4.888   3.577   1.00 0.62  ? 58  CYS A CA   1 
ATOM   922  C C    . CYS A 1 58  ? 0.659   4.381   4.769   1.00 0.64  ? 58  CYS A C    1 
ATOM   923  O O    . CYS A 1 58  ? 0.632   3.208   5.029   1.00 0.84  ? 58  CYS A O    1 
ATOM   924  C CB   . CYS A 1 58  ? 0.609   4.828   2.300   1.00 0.71  ? 58  CYS A CB   1 
ATOM   925  S SG   . CYS A 1 58  ? -1.052  4.241   2.706   1.00 1.28  ? 58  CYS A SG   1 
ATOM   926  H H    . CYS A 1 58  ? 2.622   3.053   3.602   1.00 1.00  ? 58  CYS A H    1 
ATOM   927  H HA   . CYS A 1 58  ? 1.753   5.913   3.778   1.00 0.62  ? 58  CYS A HA   1 
ATOM   928  H HB2  . CYS A 1 58  ? 0.543   5.816   1.864   1.00 1.15  ? 58  CYS A HB2  1 
ATOM   929  H HB3  . CYS A 1 58  ? 1.069   4.160   1.595   1.00 1.11  ? 58  CYS A HB3  1 
ATOM   930  H HG   . CYS A 1 58  ? -1.529  4.964   3.121   1.00 1.77  ? 58  CYS A HG   1 
ATOM   931  N N    . ARG A 1 59  ? 0.064   5.255   5.528   1.00 0.64  ? 59  ARG A N    1 
ATOM   932  C CA   . ARG A 1 59  ? -0.665  4.796   6.744   1.00 0.70  ? 59  ARG A CA   1 
ATOM   933  C C    . ARG A 1 59  ? -2.189  4.894   6.561   1.00 0.69  ? 59  ARG A C    1 
ATOM   934  O O    . ARG A 1 59  ? -2.756  5.965   6.476   1.00 1.01  ? 59  ARG A O    1 
ATOM   935  C CB   . ARG A 1 59  ? -0.209  5.652   7.920   1.00 0.83  ? 59  ARG A CB   1 
ATOM   936  C CG   . ARG A 1 59  ? 0.256   4.747   9.050   1.00 1.43  ? 59  ARG A CG   1 
ATOM   937  C CD   . ARG A 1 59  ? -0.943  4.328   9.889   1.00 2.11  ? 59  ARG A CD   1 
ATOM   938  N NE   . ARG A 1 59  ? -1.536  5.534   10.541  1.00 2.52  ? 59  ARG A NE   1 
ATOM   939  C CZ   . ARG A 1 59  ? -0.761  6.498   10.957  1.00 2.44  ? 59  ARG A CZ   1 
ATOM   940  N NH1  . ARG A 1 59  ? 0.131   6.262   11.879  1.00 2.75  ? 59  ARG A NH1  1 
ATOM   941  N NH2  . ARG A 1 59  ? -0.871  7.695   10.448  1.00 2.79  ? 59  ARG A NH2  1 
ATOM   942  H H    . ARG A 1 59  ? 0.131   6.213   5.323   1.00 0.76  ? 59  ARG A H    1 
ATOM   943  H HA   . ARG A 1 59  ? -0.404  3.772   6.954   1.00 0.75  ? 59  ARG A HA   1 
ATOM   944  H HB2  . ARG A 1 59  ? 0.616   6.267   7.611   1.00 1.56  ? 59  ARG A HB2  1 
ATOM   945  H HB3  . ARG A 1 59  ? -1.019  6.270   8.262   1.00 1.27  ? 59  ARG A HB3  1 
ATOM   946  H HG2  . ARG A 1 59  ? 0.731   3.870   8.637   1.00 1.98  ? 59  ARG A HG2  1 
ATOM   947  H HG3  . ARG A 1 59  ? 0.962   5.278   9.672   1.00 2.09  ? 59  ARG A HG3  1 
ATOM   948  H HD2  . ARG A 1 59  ? -1.683  3.853   9.263   1.00 2.55  ? 59  ARG A HD2  1 
ATOM   949  H HD3  . ARG A 1 59  ? -0.614  3.636   10.634  1.00 2.60  ? 59  ARG A HD3  1 
ATOM   950  H HE   . ARG A 1 59  ? -2.507  5.603   10.652  1.00 3.17  ? 59  ARG A HE   1 
ATOM   951  H HH11 . ARG A 1 59  ? 0.220   5.343   12.266  1.00 3.06  ? 59  ARG A HH11 1 
ATOM   952  H HH12 . ARG A 1 59  ? 0.728   6.997   12.198  1.00 3.09  ? 59  ARG A HH12 1 
ATOM   953  H HH21 . ARG A 1 59  ? -1.550  7.875   9.737   1.00 3.17  ? 59  ARG A HH21 1 
ATOM   954  H HH22 . ARG A 1 59  ? -0.274  8.431   10.767  1.00 3.09  ? 59  ARG A HH22 1 
ATOM   955  N N    . VAL A 1 60  ? -2.847  3.761   6.530   1.00 0.63  ? 60  VAL A N    1 
ATOM   956  C CA   . VAL A 1 60  ? -4.335  3.728   6.384   1.00 0.63  ? 60  VAL A CA   1 
ATOM   957  C C    . VAL A 1 60  ? -4.935  3.446   7.772   1.00 0.69  ? 60  VAL A C    1 
ATOM   958  O O    . VAL A 1 60  ? -4.383  2.661   8.529   1.00 0.87  ? 60  VAL A O    1 
ATOM   959  C CB   . VAL A 1 60  ? -4.740  2.599   5.414   1.00 0.67  ? 60  VAL A CB   1 
ATOM   960  C CG1  . VAL A 1 60  ? -6.222  2.732   5.056   1.00 1.33  ? 60  VAL A CG1  1 
ATOM   961  C CG2  . VAL A 1 60  ? -3.907  2.690   4.132   1.00 1.56  ? 60  VAL A CG2  1 
ATOM   962  H H    . VAL A 1 60  ? -2.356  2.927   6.622   1.00 0.82  ? 60  VAL A H    1 
ATOM   963  H HA   . VAL A 1 60  ? -4.683  4.683   6.013   1.00 0.65  ? 60  VAL A HA   1 
ATOM   964  H HB   . VAL A 1 60  ? -4.576  1.636   5.884   1.00 1.08  ? 60  VAL A HB   1 
ATOM   965  H HG11 . VAL A 1 60  ? -6.533  3.753   5.192   1.00 1.81  ? 60  VAL A HG11 1 
ATOM   966  H HG12 . VAL A 1 60  ? -6.371  2.444   4.025   1.00 1.85  ? 60  VAL A HG12 1 
ATOM   967  H HG13 . VAL A 1 60  ? -6.807  2.088   5.697   1.00 1.85  ? 60  VAL A HG13 1 
ATOM   968  H HG21 . VAL A 1 60  ? -3.197  3.500   4.218   1.00 2.14  ? 60  VAL A HG21 1 
ATOM   969  H HG22 . VAL A 1 60  ? -3.377  1.761   3.978   1.00 2.04  ? 60  VAL A HG22 1 
ATOM   970  H HG23 . VAL A 1 60  ? -4.561  2.873   3.290   1.00 2.09  ? 60  VAL A HG23 1 
ATOM   971  N N    . GLN A 1 61  ? -6.043  4.069   8.126   1.00 0.62  ? 61  GLN A N    1 
ATOM   972  C CA   . GLN A 1 61  ? -6.635  3.822   9.483   1.00 0.74  ? 61  GLN A CA   1 
ATOM   973  C C    . GLN A 1 61  ? -7.953  3.071   9.341   1.00 0.81  ? 61  GLN A C    1 
ATOM   974  O O    . GLN A 1 61  ? -8.483  2.937   8.262   1.00 1.08  ? 61  GLN A O    1 
ATOM   975  C CB   . GLN A 1 61  ? -6.883  5.172   10.185  1.00 0.88  ? 61  GLN A CB   1 
ATOM   976  C CG   . GLN A 1 61  ? -5.740  5.481   11.162  1.00 1.41  ? 61  GLN A CG   1 
ATOM   977  C CD   . GLN A 1 61  ? -5.582  6.996   11.303  1.00 1.67  ? 61  GLN A CD   1 
ATOM   978  O OE1  . GLN A 1 61  ? -4.845  7.614   10.561  1.00 2.26  ? 61  GLN A OE1  1 
ATOM   979  N NE2  . GLN A 1 61  ? -6.247  7.626   12.234  1.00 2.18  ? 61  GLN A NE2  1 
ATOM   980  H H    . GLN A 1 61  ? -6.482  4.698   7.512   1.00 0.57  ? 61  GLN A H    1 
ATOM   981  H HA   . GLN A 1 61  ? -5.964  3.224   10.079  1.00 0.80  ? 61  GLN A HA   1 
ATOM   982  H HB2  . GLN A 1 61  ? -6.939  5.957   9.443   1.00 1.39  ? 61  GLN A HB2  1 
ATOM   983  H HB3  . GLN A 1 61  ? -7.814  5.130   10.729  1.00 1.24  ? 61  GLN A HB3  1 
ATOM   984  H HG2  . GLN A 1 61  ? -5.965  5.056   12.130  1.00 2.02  ? 61  GLN A HG2  1 
ATOM   985  H HG3  . GLN A 1 61  ? -4.818  5.061   10.790  1.00 2.03  ? 61  GLN A HG3  1 
ATOM   986  H HE21 . GLN A 1 61  ? -6.841  7.129   12.834  1.00 2.55  ? 61  GLN A HE21 1 
ATOM   987  H HE22 . GLN A 1 61  ? -6.152  8.597   12.333  1.00 2.62  ? 61  GLN A HE22 1 
ATOM   988  N N    . GLN A 1 62  ? -8.471  2.569   10.431  1.00 0.88  ? 62  GLN A N    1 
ATOM   989  C CA   . GLN A 1 62  ? -9.760  1.818   10.383  1.00 0.99  ? 62  GLN A CA   1 
ATOM   990  C C    . GLN A 1 62  ? -10.723 2.372   11.439  1.00 1.11  ? 62  GLN A C    1 
ATOM   991  O O    . GLN A 1 62  ? -10.393 2.462   12.604  1.00 1.37  ? 62  GLN A O    1 
ATOM   992  C CB   . GLN A 1 62  ? -9.511  0.327   10.640  1.00 1.28  ? 62  GLN A CB   1 
ATOM   993  C CG   . GLN A 1 62  ? -10.846 -0.424  10.641  1.00 1.61  ? 62  GLN A CG   1 
ATOM   994  C CD   . GLN A 1 62  ? -10.603 -1.898  10.959  1.00 2.26  ? 62  GLN A CD   1 
ATOM   995  O OE1  . GLN A 1 62  ? -9.581  -2.254  11.511  1.00 2.64  ? 62  GLN A OE1  1 
ATOM   996  N NE2  . GLN A 1 62  ? -11.507 -2.779  10.629  1.00 2.96  ? 62  GLN A NE2  1 
ATOM   997  H H    . GLN A 1 62  ? -8.003  2.684   11.281  1.00 1.05  ? 62  GLN A H    1 
ATOM   998  H HA   . GLN A 1 62  ? -10.200 1.940   9.418   1.00 0.92  ? 62  GLN A HA   1 
ATOM   999  H HB2  . GLN A 1 62  ? -8.875  -0.072  9.862   1.00 1.71  ? 62  GLN A HB2  1 
ATOM   1000 H HB3  . GLN A 1 62  ? -9.029  0.200   11.598  1.00 1.69  ? 62  GLN A HB3  1 
ATOM   1001 H HG2  . GLN A 1 62  ? -11.497 0.002   11.388  1.00 2.02  ? 62  GLN A HG2  1 
ATOM   1002 H HG3  . GLN A 1 62  ? -11.311 -0.344  9.670   1.00 1.89  ? 62  GLN A HG3  1 
ATOM   1003 H HE21 . GLN A 1 62  ? -12.332 -2.490  10.182  1.00 3.24  ? 62  GLN A HE21 1 
ATOM   1004 H HE22 . GLN A 1 62  ? -11.363 -3.728  10.826  1.00 3.47  ? 62  GLN A HE22 1 
ATOM   1005 N N    . GLU A 1 63  ? -11.920 2.742   11.042  1.00 1.15  ? 63  GLU A N    1 
ATOM   1006 C CA   . GLU A 1 63  ? -12.894 3.280   12.036  1.00 1.37  ? 63  GLU A CA   1 
ATOM   1007 C C    . GLU A 1 63  ? -13.698 2.129   12.624  1.00 1.66  ? 63  GLU A C    1 
ATOM   1008 O O    . GLU A 1 63  ? -13.549 0.987   12.236  1.00 2.32  ? 63  GLU A O    1 
ATOM   1009 C CB   . GLU A 1 63  ? -13.844 4.287   11.365  1.00 1.56  ? 63  GLU A CB   1 
ATOM   1010 C CG   . GLU A 1 63  ? -13.292 5.713   11.509  1.00 2.01  ? 63  GLU A CG   1 
ATOM   1011 C CD   . GLU A 1 63  ? -14.405 6.643   11.999  1.00 2.48  ? 63  GLU A CD   1 
ATOM   1012 O OE1  . GLU A 1 63  ? -14.835 6.477   13.129  1.00 3.06  ? 63  GLU A OE1  1 
ATOM   1013 O OE2  . GLU A 1 63  ? -14.806 7.507   11.235  1.00 2.80  ? 63  GLU A OE2  1 
ATOM   1014 H H    . GLU A 1 63  ? -12.177 2.659   10.100  1.00 1.18  ? 63  GLU A H    1 
ATOM   1015 H HA   . GLU A 1 63  ? -12.363 3.768   12.836  1.00 1.45  ? 63  GLU A HA   1 
ATOM   1016 H HB2  . GLU A 1 63  ? -13.945 4.046   10.318  1.00 1.91  ? 63  GLU A HB2  1 
ATOM   1017 H HB3  . GLU A 1 63  ? -14.815 4.234   11.839  1.00 1.88  ? 63  GLU A HB3  1 
ATOM   1018 H HG2  . GLU A 1 63  ? -12.479 5.719   12.220  1.00 2.45  ? 63  GLU A HG2  1 
ATOM   1019 H HG3  . GLU A 1 63  ? -12.934 6.062   10.550  1.00 2.45  ? 63  GLU A HG3  1 
ATOM   1020 N N    . GLY A 1 64  ? -14.524 2.435   13.581  1.00 1.79  ? 64  GLY A N    1 
ATOM   1021 C CA   . GLY A 1 64  ? -15.350 1.382   14.257  1.00 2.14  ? 64  GLY A CA   1 
ATOM   1022 C C    . GLY A 1 64  ? -16.123 0.526   13.245  1.00 1.97  ? 64  GLY A C    1 
ATOM   1023 O O    . GLY A 1 64  ? -16.369 -0.638  13.490  1.00 2.54  ? 64  GLY A O    1 
ATOM   1024 H H    . GLY A 1 64  ? -14.583 3.373   13.875  1.00 2.07  ? 64  GLY A H    1 
ATOM   1025 H HA2  . GLY A 1 64  ? -14.700 0.738   14.832  1.00 2.49  ? 64  GLY A HA2  1 
ATOM   1026 H HA3  . GLY A 1 64  ? -16.054 1.856   14.925  1.00 2.43  ? 64  GLY A HA3  1 
ATOM   1027 N N    . GLN A 1 65  ? -16.526 1.080   12.126  1.00 1.78  ? 65  GLN A N    1 
ATOM   1028 C CA   . GLN A 1 65  ? -17.298 0.262   11.139  1.00 1.87  ? 65  GLN A CA   1 
ATOM   1029 C C    . GLN A 1 65  ? -16.853 0.549   9.701   1.00 1.60  ? 65  GLN A C    1 
ATOM   1030 O O    . GLN A 1 65  ? -17.521 0.160   8.762   1.00 1.83  ? 65  GLN A O    1 
ATOM   1031 C CB   . GLN A 1 65  ? -18.791 0.594   11.272  1.00 2.02  ? 65  GLN A CB   1 
ATOM   1032 C CG   . GLN A 1 65  ? -19.625 -0.685  11.187  1.00 3.00  ? 65  GLN A CG   1 
ATOM   1033 C CD   . GLN A 1 65  ? -21.010 -0.424  11.785  1.00 3.50  ? 65  GLN A CD   1 
ATOM   1034 O OE1  . GLN A 1 65  ? -21.561 -1.267  12.462  1.00 4.04  ? 65  GLN A OE1  1 
ATOM   1035 N NE2  . GLN A 1 65  ? -21.597 0.720   11.561  1.00 3.85  ? 65  GLN A NE2  1 
ATOM   1036 H H    . GLN A 1 65  ? -16.337 2.021   11.946  1.00 2.05  ? 65  GLN A H    1 
ATOM   1037 H HA   . GLN A 1 65  ? -17.141 -0.781  11.345  1.00 2.26  ? 65  GLN A HA   1 
ATOM   1038 H HB2  . GLN A 1 65  ? -18.971 1.074   12.223  1.00 1.92  ? 65  GLN A HB2  1 
ATOM   1039 H HB3  . GLN A 1 65  ? -19.083 1.259   10.474  1.00 2.23  ? 65  GLN A HB3  1 
ATOM   1040 H HG2  . GLN A 1 65  ? -19.729 -0.978  10.153  1.00 3.49  ? 65  GLN A HG2  1 
ATOM   1041 H HG3  . GLN A 1 65  ? -19.138 -1.471  11.741  1.00 3.42  ? 65  GLN A HG3  1 
ATOM   1042 H HE21 . GLN A 1 65  ? -21.151 1.402   11.015  1.00 3.84  ? 65  GLN A HE21 1 
ATOM   1043 H HE22 . GLN A 1 65  ? -22.484 0.898   11.940  1.00 4.42  ? 65  GLN A HE22 1 
ATOM   1044 N N    . THR A 1 66  ? -15.760 1.226   9.497   1.00 1.36  ? 66  THR A N    1 
ATOM   1045 C CA   . THR A 1 66  ? -15.344 1.517   8.114   1.00 1.25  ? 66  THR A CA   1 
ATOM   1046 C C    . THR A 1 66  ? -13.825 1.672   8.044   1.00 1.14  ? 66  THR A C    1 
ATOM   1047 O O    . THR A 1 66  ? -13.107 1.180   8.891   1.00 1.26  ? 66  THR A O    1 
ATOM   1048 C CB   . THR A 1 66  ? -16.006 2.806   7.712   1.00 1.21  ? 66  THR A CB   1 
ATOM   1049 O OG1  . THR A 1 66  ? -17.145 3.031   8.533   1.00 1.60  ? 66  THR A OG1  1 
ATOM   1050 C CG2  . THR A 1 66  ? -16.431 2.760   6.242   1.00 1.55  ? 66  THR A CG2  1 
ATOM   1051 H H    . THR A 1 66  ? -15.228 1.561   10.239  1.00 1.44  ? 66  THR A H    1 
ATOM   1052 H HA   . THR A 1 66  ? -15.652 0.743   7.465   1.00 1.53  ? 66  THR A HA   1 
ATOM   1053 H HB   . THR A 1 66  ? -15.301 3.577   7.863   1.00 1.39  ? 66  THR A HB   1 
ATOM   1054 H HG1  . THR A 1 66  ? -17.718 3.659   8.084   1.00 1.86  ? 66  THR A HG1  1 
ATOM   1055 H HG21 . THR A 1 66  ? -16.274 1.767   5.852   1.00 2.11  ? 66  THR A HG21 1 
ATOM   1056 H HG22 . THR A 1 66  ? -17.480 3.014   6.164   1.00 1.89  ? 66  THR A HG22 1 
ATOM   1057 H HG23 . THR A 1 66  ? -15.847 3.469   5.674   1.00 1.93  ? 66  THR A HG23 1 
ATOM   1058 N N    . VAL A 1 67  ? -13.329 2.360   7.045   1.00 1.11  ? 67  VAL A N    1 
ATOM   1059 C CA   . VAL A 1 67  ? -11.864 2.561   6.933   1.00 1.01  ? 67  VAL A CA   1 
ATOM   1060 C C    . VAL A 1 67  ? -11.612 3.956   6.409   1.00 0.85  ? 67  VAL A C    1 
ATOM   1061 O O    . VAL A 1 67  ? -12.332 4.452   5.581   1.00 0.96  ? 67  VAL A O    1 
ATOM   1062 C CB   . VAL A 1 67  ? -11.243 1.550   5.956   1.00 1.17  ? 67  VAL A CB   1 
ATOM   1063 C CG1  . VAL A 1 67  ? -11.576 1.939   4.512   1.00 1.66  ? 67  VAL A CG1  1 
ATOM   1064 C CG2  . VAL A 1 67  ? -9.722  1.542   6.116   1.00 1.51  ? 67  VAL A CG2  1 
ATOM   1065 H H    . VAL A 1 67  ? -13.922 2.756   6.373   1.00 1.28  ? 67  VAL A H    1 
ATOM   1066 H HA   . VAL A 1 67  ? -11.411 2.459   7.908   1.00 1.01  ? 67  VAL A HA   1 
ATOM   1067 H HB   . VAL A 1 67  ? -11.629 0.569   6.164   1.00 1.81  ? 67  VAL A HB   1 
ATOM   1068 H HG11 . VAL A 1 67  ? -12.563 2.369   4.470   1.00 2.14  ? 67  VAL A HG11 1 
ATOM   1069 H HG12 . VAL A 1 67  ? -10.853 2.664   4.159   1.00 2.12  ? 67  VAL A HG12 1 
ATOM   1070 H HG13 . VAL A 1 67  ? -11.536 1.062   3.883   1.00 2.15  ? 67  VAL A HG13 1 
ATOM   1071 H HG21 . VAL A 1 67  ? -9.344  2.549   6.010   1.00 1.89  ? 67  VAL A HG21 1 
ATOM   1072 H HG22 . VAL A 1 67  ? -9.463  1.159   7.090   1.00 2.06  ? 67  VAL A HG22 1 
ATOM   1073 H HG23 . VAL A 1 67  ? -9.285  0.913   5.353   1.00 1.98  ? 67  VAL A HG23 1 
ATOM   1074 N N    . MET A 1 68  ? -10.568 4.561   6.863   1.00 0.82  ? 68  MET A N    1 
ATOM   1075 C CA   . MET A 1 68  ? -10.200 5.914   6.384   1.00 0.78  ? 68  MET A CA   1 
ATOM   1076 C C    . MET A 1 68  ? -8.990  5.704   5.505   1.00 0.65  ? 68  MET A C    1 
ATOM   1077 O O    . MET A 1 68  ? -7.893  5.463   5.990   1.00 0.68  ? 68  MET A O    1 
ATOM   1078 C CB   . MET A 1 68  ? -9.834  6.831   7.565   1.00 0.87  ? 68  MET A CB   1 
ATOM   1079 C CG   . MET A 1 68  ? -11.019 7.734   7.930   1.00 1.47  ? 68  MET A CG   1 
ATOM   1080 S SD   . MET A 1 68  ? -10.628 8.649   9.443   1.00 1.64  ? 68  MET A SD   1 
ATOM   1081 C CE   . MET A 1 68  ? -9.905  10.107  8.650   1.00 2.34  ? 68  MET A CE   1 
ATOM   1082 H H    . MET A 1 68  ? -9.998  4.105   7.493   1.00 0.95  ? 68  MET A H    1 
ATOM   1083 H HA   . MET A 1 68  ? -11.007 6.340   5.801   1.00 0.91  ? 68  MET A HA   1 
ATOM   1084 H HB2  . MET A 1 68  ? -9.569  6.227   8.420   1.00 1.31  ? 68  MET A HB2  1 
ATOM   1085 H HB3  . MET A 1 68  ? -8.991  7.448   7.289   1.00 1.17  ? 68  MET A HB3  1 
ATOM   1086 H HG2  . MET A 1 68  ? -11.204 8.433   7.128   1.00 1.95  ? 68  MET A HG2  1 
ATOM   1087 H HG3  . MET A 1 68  ? -11.900 7.131   8.094   1.00 2.16  ? 68  MET A HG3  1 
ATOM   1088 H HE1  . MET A 1 68  ? -10.324 10.227  7.663   1.00 2.81  ? 68  MET A HE1  1 
ATOM   1089 H HE2  . MET A 1 68  ? -10.128 10.985  9.242   1.00 2.73  ? 68  MET A HE2  1 
ATOM   1090 H HE3  . MET A 1 68  ? -8.835  9.981   8.572   1.00 2.75  ? 68  MET A HE3  1 
ATOM   1091 N N    . LEU A 1 69  ? -9.176  5.753   4.219   1.00 0.64  ? 69  LEU A N    1 
ATOM   1092 C CA   . LEU A 1 69  ? -8.018  5.517   3.331   1.00 0.64  ? 69  LEU A CA   1 
ATOM   1093 C C    . LEU A 1 69  ? -7.144  6.759   3.377   1.00 0.67  ? 69  LEU A C    1 
ATOM   1094 O O    . LEU A 1 69  ? -5.937  6.681   3.468   1.00 1.18  ? 69  LEU A O    1 
ATOM   1095 C CB   . LEU A 1 69  ? -8.489  5.161   1.909   1.00 0.82  ? 69  LEU A CB   1 
ATOM   1096 C CG   . LEU A 1 69  ? -7.367  5.348   0.858   1.00 1.01  ? 69  LEU A CG   1 
ATOM   1097 C CD1  . LEU A 1 69  ? -7.199  6.824   0.466   1.00 1.39  ? 69  LEU A CD1  1 
ATOM   1098 C CD2  . LEU A 1 69  ? -6.007  4.810   1.346   1.00 1.66  ? 69  LEU A CD2  1 
ATOM   1099 H H    . LEU A 1 69  ? -10.066 5.933   3.854   1.00 0.75  ? 69  LEU A H    1 
ATOM   1100 H HA   . LEU A 1 69  ? -7.458  4.685   3.716   1.00 0.73  ? 69  LEU A HA   1 
ATOM   1101 H HB2  . LEU A 1 69  ? -8.789  4.127   1.908   1.00 1.25  ? 69  LEU A HB2  1 
ATOM   1102 H HB3  . LEU A 1 69  ? -9.347  5.751   1.637   1.00 1.01  ? 69  LEU A HB3  1 
ATOM   1103 H HG   . LEU A 1 69  ? -7.653  4.795   -0.010  1.00 1.60  ? 69  LEU A HG   1 
ATOM   1104 H HD11 . LEU A 1 69  ? -8.114  7.359   0.658   1.00 2.04  ? 69  LEU A HD11 1 
ATOM   1105 H HD12 . LEU A 1 69  ? -6.398  7.261   1.047   1.00 1.73  ? 69  LEU A HD12 1 
ATOM   1106 H HD13 . LEU A 1 69  ? -6.953  6.893   -0.584  1.00 1.77  ? 69  LEU A HD13 1 
ATOM   1107 H HD21 . LEU A 1 69  ? -6.041  4.570   2.393   1.00 2.15  ? 69  LEU A HD21 1 
ATOM   1108 H HD22 . LEU A 1 69  ? -5.751  3.925   0.784   1.00 2.12  ? 69  LEU A HD22 1 
ATOM   1109 H HD23 . LEU A 1 69  ? -5.253  5.559   1.179   1.00 2.22  ? 69  LEU A HD23 1 
ATOM   1110 N N    . GLY A 1 70  ? -7.749  7.908   3.359   1.00 0.90  ? 70  GLY A N    1 
ATOM   1111 C CA   . GLY A 1 70  ? -6.964  9.161   3.436   1.00 1.03  ? 70  GLY A CA   1 
ATOM   1112 C C    . GLY A 1 70  ? -7.928  10.338  3.336   1.00 1.10  ? 70  GLY A C    1 
ATOM   1113 O O    . GLY A 1 70  ? -8.078  11.110  4.263   1.00 1.30  ? 70  GLY A O    1 
ATOM   1114 H H    . GLY A 1 70  ? -8.730  7.947   3.318   1.00 1.34  ? 70  GLY A H    1 
ATOM   1115 H HA2  . GLY A 1 70  ? -6.436  9.195   4.380   1.00 1.18  ? 70  GLY A HA2  1 
ATOM   1116 H HA3  . GLY A 1 70  ? -6.260  9.199   2.621   1.00 1.14  ? 70  GLY A HA3  1 
ATOM   1117 N N    . ASN A 1 71  ? -8.587  10.467  2.217   1.00 1.18  ? 71  ASN A N    1 
ATOM   1118 C CA   . ASN A 1 71  ? -9.562  11.583  2.035   1.00 1.41  ? 71  ASN A CA   1 
ATOM   1119 C C    . ASN A 1 71  ? -10.994 11.019  1.928   1.00 1.44  ? 71  ASN A C    1 
ATOM   1120 O O    . ASN A 1 71  ? -11.935 11.750  1.690   1.00 1.84  ? 71  ASN A O    1 
ATOM   1121 C CB   . ASN A 1 71  ? -9.203  12.346  0.748   1.00 1.68  ? 71  ASN A CB   1 
ATOM   1122 C CG   . ASN A 1 71  ? -10.125 13.552  0.565   1.00 2.34  ? 71  ASN A CG   1 
ATOM   1123 O OD1  . ASN A 1 71  ? -10.456 14.232  1.515   1.00 3.02  ? 71  ASN A OD1  1 
ATOM   1124 N ND2  . ASN A 1 71  ? -10.561 13.844  -0.631  1.00 2.88  ? 71  ASN A ND2  1 
ATOM   1125 H H    . ASN A 1 71  ? -8.440  9.820   1.489   1.00 1.23  ? 71  ASN A H    1 
ATOM   1126 H HA   . ASN A 1 71  ? -9.508  12.257  2.876   1.00 1.55  ? 71  ASN A HA   1 
ATOM   1127 H HB2  . ASN A 1 71  ? -8.182  12.691  0.809   1.00 2.17  ? 71  ASN A HB2  1 
ATOM   1128 H HB3  . ASN A 1 71  ? -9.306  11.688  -0.102  1.00 1.82  ? 71  ASN A HB3  1 
ATOM   1129 H HD21 . ASN A 1 71  ? -10.294 13.292  -1.397  1.00 2.90  ? 71  ASN A HD21 1 
ATOM   1130 H HD22 . ASN A 1 71  ? -11.154 14.613  -0.763  1.00 3.60  ? 71  ASN A HD22 1 
ATOM   1131 N N    . SER A 1 72  ? -11.193 9.733   2.107   1.00 1.19  ? 72  SER A N    1 
ATOM   1132 C CA   . SER A 1 72  ? -12.564 9.200   2.006   1.00 1.37  ? 72  SER A CA   1 
ATOM   1133 C C    . SER A 1 72  ? -12.685 7.931   2.838   1.00 1.13  ? 72  SER A C    1 
ATOM   1134 O O    . SER A 1 72  ? -11.707 7.253   3.141   1.00 1.03  ? 72  SER A O    1 
ATOM   1135 C CB   . SER A 1 72  ? -12.896 8.898   0.542   1.00 1.72  ? 72  SER A CB   1 
ATOM   1136 O OG   . SER A 1 72  ? -13.734 9.929   0.034   1.00 2.01  ? 72  SER A OG   1 
ATOM   1137 H H    . SER A 1 72  ? -10.460 9.127   2.323   1.00 1.07  ? 72  SER A H    1 
ATOM   1138 H HA   . SER A 1 72  ? -13.259 9.933   2.385   1.00 1.58  ? 72  SER A HA   1 
ATOM   1139 H HB2  . SER A 1 72  ? -11.990 8.862   -0.038  1.00 2.11  ? 72  SER A HB2  1 
ATOM   1140 H HB3  . SER A 1 72  ? -13.402 7.944   0.476   1.00 2.24  ? 72  SER A HB3  1 
ATOM   1141 H HG   . SER A 1 72  ? -14.520 9.518   -0.335  1.00 2.43  ? 72  SER A HG   1 
ATOM   1142 N N    . GLU A 1 73  ? -13.887 7.605   3.194   1.00 1.14  ? 73  GLU A N    1 
ATOM   1143 C CA   . GLU A 1 73  ? -14.127 6.379   3.990   1.00 1.00  ? 73  GLU A CA   1 
ATOM   1144 C C    . GLU A 1 73  ? -14.487 5.245   3.024   1.00 1.01  ? 73  GLU A C    1 
ATOM   1145 O O    . GLU A 1 73  ? -15.470 5.341   2.316   1.00 1.20  ? 73  GLU A O    1 
ATOM   1146 C CB   . GLU A 1 73  ? -15.309 6.608   4.957   1.00 1.19  ? 73  GLU A CB   1 
ATOM   1147 C CG   . GLU A 1 73  ? -14.828 6.925   6.382   1.00 1.61  ? 73  GLU A CG   1 
ATOM   1148 C CD   . GLU A 1 73  ? -15.200 8.366   6.737   1.00 2.13  ? 73  GLU A CD   1 
ATOM   1149 O OE1  . GLU A 1 73  ? -15.220 9.191   5.840   1.00 2.37  ? 73  GLU A OE1  1 
ATOM   1150 O OE2  . GLU A 1 73  ? -15.467 8.616   7.901   1.00 2.91  ? 73  GLU A OE2  1 
ATOM   1151 H H    . GLU A 1 73  ? -14.634 8.172   2.924   1.00 1.28  ? 73  GLU A H    1 
ATOM   1152 H HA   . GLU A 1 73  ? -13.234 6.136   4.526   1.00 0.89  ? 73  GLU A HA   1 
ATOM   1153 H HB2  . GLU A 1 73  ? -15.904 7.433   4.598   1.00 1.69  ? 73  GLU A HB2  1 
ATOM   1154 H HB3  . GLU A 1 73  ? -15.920 5.720   4.981   1.00 1.72  ? 73  GLU A HB3  1 
ATOM   1155 H HG2  . GLU A 1 73  ? -15.314 6.259   7.078   1.00 2.14  ? 73  GLU A HG2  1 
ATOM   1156 H HG3  . GLU A 1 73  ? -13.763 6.800   6.456   1.00 2.13  ? 73  GLU A HG3  1 
ATOM   1157 N N    . PHE A 1 74  ? -13.719 4.175   2.974   1.00 1.00  ? 74  PHE A N    1 
ATOM   1158 C CA   . PHE A 1 74  ? -14.064 3.074   2.032   1.00 1.16  ? 74  PHE A CA   1 
ATOM   1159 C C    . PHE A 1 74  ? -14.750 1.942   2.778   1.00 1.13  ? 74  PHE A C    1 
ATOM   1160 O O    . PHE A 1 74  ? -14.859 1.943   3.989   1.00 1.42  ? 74  PHE A O    1 
ATOM   1161 C CB   . PHE A 1 74  ? -12.812 2.586   1.307   1.00 1.36  ? 74  PHE A CB   1 
ATOM   1162 C CG   . PHE A 1 74  ? -12.853 3.132   -0.102  1.00 2.23  ? 74  PHE A CG   1 
ATOM   1163 C CD1  . PHE A 1 74  ? -12.466 4.454   -0.348  1.00 2.94  ? 74  PHE A CD1  1 
ATOM   1164 C CD2  . PHE A 1 74  ? -13.305 2.328   -1.156  1.00 2.93  ? 74  PHE A CD2  1 
ATOM   1165 C CE1  . PHE A 1 74  ? -12.530 4.973   -1.644  1.00 3.96  ? 74  PHE A CE1  1 
ATOM   1166 C CE2  . PHE A 1 74  ? -13.364 2.847   -2.455  1.00 3.97  ? 74  PHE A CE2  1 
ATOM   1167 C CZ   . PHE A 1 74  ? -12.980 4.171   -2.697  1.00 4.38  ? 74  PHE A CZ   1 
ATOM   1168 H H    . PHE A 1 74  ? -12.926 4.095   3.543   1.00 1.00  ? 74  PHE A H    1 
ATOM   1169 H HA   . PHE A 1 74  ? -14.754 3.443   1.296   1.00 1.38  ? 74  PHE A HA   1 
ATOM   1170 H HB2  . PHE A 1 74  ? -11.928 2.950   1.813   1.00 1.54  ? 74  PHE A HB2  1 
ATOM   1171 H HB3  . PHE A 1 74  ? -12.799 1.508   1.275   1.00 1.52  ? 74  PHE A HB3  1 
ATOM   1172 H HD1  . PHE A 1 74  ? -12.118 5.074   0.463   1.00 3.01  ? 74  PHE A HD1  1 
ATOM   1173 H HD2  . PHE A 1 74  ? -13.602 1.306   -0.971  1.00 2.97  ? 74  PHE A HD2  1 
ATOM   1174 H HE1  . PHE A 1 74  ? -12.230 5.995   -1.832  1.00 4.63  ? 74  PHE A HE1  1 
ATOM   1175 H HE2  . PHE A 1 74  ? -13.710 2.226   -3.268  1.00 4.66  ? 74  PHE A HE2  1 
ATOM   1176 H HZ   . PHE A 1 74  ? -13.029 4.572   -3.699  1.00 5.26  ? 74  PHE A HZ   1 
ATOM   1177 N N    . ASP A 1 75  ? -15.258 1.002   2.047   1.00 1.12  ? 75  ASP A N    1 
ATOM   1178 C CA   . ASP A 1 75  ? -16.001 -0.127  2.676   1.00 1.34  ? 75  ASP A CA   1 
ATOM   1179 C C    . ASP A 1 75  ? -15.057 -1.238  3.118   1.00 1.20  ? 75  ASP A C    1 
ATOM   1180 O O    . ASP A 1 75  ? -15.412 -2.056  3.943   1.00 1.47  ? 75  ASP A O    1 
ATOM   1181 C CB   . ASP A 1 75  ? -17.017 -0.704  1.685   1.00 1.77  ? 75  ASP A CB   1 
ATOM   1182 C CG   . ASP A 1 75  ? -18.435 -0.359  2.149   1.00 2.24  ? 75  ASP A CG   1 
ATOM   1183 O OD1  . ASP A 1 75  ? -18.619 0.727   2.673   1.00 2.76  ? 75  ASP A OD1  1 
ATOM   1184 O OD2  . ASP A 1 75  ? -19.312 -1.189  1.973   1.00 2.69  ? 75  ASP A OD2  1 
ATOM   1185 H H    . ASP A 1 75  ? -15.170 1.059   1.077   1.00 1.21  ? 75  ASP A H    1 
ATOM   1186 H HA   . ASP A 1 75  ? -16.526 0.247   3.534   1.00 1.63  ? 75  ASP A HA   1 
ATOM   1187 H HB2  . ASP A 1 75  ? -16.847 -0.287  0.704   1.00 2.22  ? 75  ASP A HB2  1 
ATOM   1188 H HB3  . ASP A 1 75  ? -16.910 -1.779  1.643   1.00 2.01  ? 75  ASP A HB3  1 
ATOM   1189 N N    . SER A 1 76  ? -13.870 -1.292  2.588   1.00 1.04  ? 76  SER A N    1 
ATOM   1190 C CA   . SER A 1 76  ? -12.937 -2.382  2.997   1.00 1.31  ? 76  SER A CA   1 
ATOM   1191 C C    . SER A 1 76  ? -11.592 -2.168  2.316   1.00 1.14  ? 76  SER A C    1 
ATOM   1192 O O    . SER A 1 76  ? -11.461 -1.350  1.437   1.00 1.12  ? 76  SER A O    1 
ATOM   1193 C CB   . SER A 1 76  ? -13.510 -3.740  2.572   1.00 1.60  ? 76  SER A CB   1 
ATOM   1194 O OG   . SER A 1 76  ? -13.789 -3.715  1.179   1.00 1.57  ? 76  SER A OG   1 
ATOM   1195 H H    . SER A 1 76  ? -13.588 -0.618  1.920   1.00 0.96  ? 76  SER A H    1 
ATOM   1196 H HA   . SER A 1 76  ? -12.807 -2.363  4.069   1.00 1.69  ? 76  SER A HA   1 
ATOM   1197 H HB2  . SER A 1 76  ? -12.793 -4.517  2.774   1.00 1.96  ? 76  SER A HB2  1 
ATOM   1198 H HB3  . SER A 1 76  ? -14.418 -3.945  3.126   1.00 1.83  ? 76  SER A HB3  1 
ATOM   1199 H HG   . SER A 1 76  ? -14.737 -3.804  1.065   1.00 1.80  ? 76  SER A HG   1 
ATOM   1200 N N    . LEU A 1 77  ? -10.589 -2.887  2.723   1.00 1.18  ? 77  LEU A N    1 
ATOM   1201 C CA   . LEU A 1 77  ? -9.249  -2.700  2.094   1.00 1.11  ? 77  LEU A CA   1 
ATOM   1202 C C    . LEU A 1 77  ? -9.204  -3.343  0.698   1.00 0.95  ? 77  LEU A C    1 
ATOM   1203 O O    . LEU A 1 77  ? -8.339  -3.029  -0.094  1.00 0.88  ? 77  LEU A O    1 
ATOM   1204 C CB   . LEU A 1 77  ? -8.173  -3.339  2.985   1.00 1.31  ? 77  LEU A CB   1 
ATOM   1205 C CG   . LEU A 1 77  ? -7.181  -2.279  3.473   1.00 1.08  ? 77  LEU A CG   1 
ATOM   1206 C CD1  . LEU A 1 77  ? -6.816  -2.568  4.925   1.00 1.70  ? 77  LEU A CD1  1 
ATOM   1207 C CD2  . LEU A 1 77  ? -5.916  -2.333  2.616   1.00 1.70  ? 77  LEU A CD2  1 
ATOM   1208 H H    . LEU A 1 77  ? -10.712 -3.537  3.451   1.00 1.37  ? 77  LEU A H    1 
ATOM   1209 H HA   . LEU A 1 77  ? -9.052  -1.645  1.990   1.00 1.14  ? 77  LEU A HA   1 
ATOM   1210 H HB2  . LEU A 1 77  ? -8.644  -3.801  3.840   1.00 1.77  ? 77  LEU A HB2  1 
ATOM   1211 H HB3  . LEU A 1 77  ? -7.639  -4.089  2.422   1.00 1.82  ? 77  LEU A HB3  1 
ATOM   1212 H HG   . LEU A 1 77  ? -7.623  -1.296  3.405   1.00 1.49  ? 77  LEU A HG   1 
ATOM   1213 H HD11 . LEU A 1 77  ? -6.826  -3.635  5.091   1.00 2.19  ? 77  LEU A HD11 1 
ATOM   1214 H HD12 . LEU A 1 77  ? -5.830  -2.181  5.133   1.00 2.35  ? 77  LEU A HD12 1 
ATOM   1215 H HD13 . LEU A 1 77  ? -7.535  -2.095  5.577   1.00 1.98  ? 77  LEU A HD13 1 
ATOM   1216 H HD21 . LEU A 1 77  ? -5.499  -3.328  2.656   1.00 2.19  ? 77  LEU A HD21 1 
ATOM   1217 H HD22 . LEU A 1 77  ? -6.162  -2.087  1.594   1.00 2.01  ? 77  LEU A HD22 1 
ATOM   1218 H HD23 . LEU A 1 77  ? -5.194  -1.624  2.994   1.00 2.19  ? 77  LEU A HD23 1 
ATOM   1219 N N    . VAL A 1 78  ? -10.114 -4.232  0.372   1.00 0.98  ? 78  VAL A N    1 
ATOM   1220 C CA   . VAL A 1 78  ? -10.070 -4.851  -0.979  1.00 0.93  ? 78  VAL A CA   1 
ATOM   1221 C C    . VAL A 1 78  ? -10.839 -3.980  -1.964  1.00 0.87  ? 78  VAL A C    1 
ATOM   1222 O O    . VAL A 1 78  ? -10.426 -3.808  -3.090  1.00 0.85  ? 78  VAL A O    1 
ATOM   1223 C CB   . VAL A 1 78  ? -10.680 -6.257  -0.948  1.00 1.11  ? 78  VAL A CB   1 
ATOM   1224 C CG1  . VAL A 1 78  ? -11.068 -6.683  -2.370  1.00 1.47  ? 78  VAL A CG1  1 
ATOM   1225 C CG2  . VAL A 1 78  ? -9.658  -7.246  -0.391  1.00 1.68  ? 78  VAL A CG2  1 
ATOM   1226 H H    . VAL A 1 78  ? -10.814 -4.482  0.998   1.00 1.10  ? 78  VAL A H    1 
ATOM   1227 H HA   . VAL A 1 78  ? -9.034  -4.904  -1.294  1.00 0.90  ? 78  VAL A HA   1 
ATOM   1228 H HB   . VAL A 1 78  ? -11.558 -6.253  -0.318  1.00 1.54  ? 78  VAL A HB   1 
ATOM   1229 H HG11 . VAL A 1 78  ? -10.237 -6.514  -3.039  1.00 1.85  ? 78  VAL A HG11 1 
ATOM   1230 H HG12 . VAL A 1 78  ? -11.325 -7.733  -2.373  1.00 1.85  ? 78  VAL A HG12 1 
ATOM   1231 H HG13 . VAL A 1 78  ? -11.919 -6.105  -2.701  1.00 2.11  ? 78  VAL A HG13 1 
ATOM   1232 H HG21 . VAL A 1 78  ? -8.673  -6.817  -0.460  1.00 2.06  ? 78  VAL A HG21 1 
ATOM   1233 H HG22 . VAL A 1 78  ? -9.887  -7.457  0.642   1.00 2.19  ? 78  VAL A HG22 1 
ATOM   1234 H HG23 . VAL A 1 78  ? -9.696  -8.162  -0.964  1.00 2.20  ? 78  VAL A HG23 1 
ATOM   1235 N N    . ASP A 1 79  ? -11.937 -3.401  -1.554  1.00 0.90  ? 79  ASP A N    1 
ATOM   1236 C CA   . ASP A 1 79  ? -12.675 -2.513  -2.485  1.00 0.89  ? 79  ASP A CA   1 
ATOM   1237 C C    . ASP A 1 79  ? -11.854 -1.233  -2.624  1.00 0.78  ? 79  ASP A C    1 
ATOM   1238 O O    . ASP A 1 79  ? -11.896 -0.541  -3.643  1.00 0.75  ? 79  ASP A O    1 
ATOM   1239 C CB   . ASP A 1 79  ? -14.066 -2.180  -1.931  1.00 1.04  ? 79  ASP A CB   1 
ATOM   1240 C CG   . ASP A 1 79  ? -15.133 -2.828  -2.817  1.00 1.52  ? 79  ASP A CG   1 
ATOM   1241 O OD1  . ASP A 1 79  ? -14.851 -3.873  -3.382  1.00 2.10  ? 79  ASP A OD1  1 
ATOM   1242 O OD2  . ASP A 1 79  ? -16.211 -2.267  -2.920  1.00 1.98  ? 79  ASP A OD2  1 
ATOM   1243 H H    . ASP A 1 79  ? -12.249 -3.521  -0.634  1.00 0.97  ? 79  ASP A H    1 
ATOM   1244 H HA   . ASP A 1 79  ? -12.767 -2.993  -3.436  1.00 0.92  ? 79  ASP A HA   1 
ATOM   1245 H HB2  . ASP A 1 79  ? -14.159 -2.557  -0.924  1.00 1.40  ? 79  ASP A HB2  1 
ATOM   1246 H HB3  . ASP A 1 79  ? -14.210 -1.109  -1.931  1.00 1.22  ? 79  ASP A HB3  1 
ATOM   1247 N N    . LEU A 1 80  ? -11.065 -0.944  -1.611  1.00 0.77  ? 80  LEU A N    1 
ATOM   1248 C CA   . LEU A 1 80  ? -10.205 0.249   -1.646  1.00 0.75  ? 80  LEU A CA   1 
ATOM   1249 C C    . LEU A 1 80  ? -9.247  0.062   -2.793  1.00 0.65  ? 80  LEU A C    1 
ATOM   1250 O O    . LEU A 1 80  ? -9.136  0.891   -3.647  1.00 0.70  ? 80  LEU A O    1 
ATOM   1251 C CB   . LEU A 1 80  ? -9.402  0.322   -0.334  1.00 0.88  ? 80  LEU A CB   1 
ATOM   1252 C CG   . LEU A 1 80  ? -9.649  1.630   0.434   1.00 1.01  ? 80  LEU A CG   1 
ATOM   1253 C CD1  . LEU A 1 80  ? -8.560  1.775   1.499   1.00 1.88  ? 80  LEU A CD1  1 
ATOM   1254 C CD2  . LEU A 1 80  ? -9.584  2.834   -0.513  1.00 1.84  ? 80  LEU A CD2  1 
ATOM   1255 H H    . LEU A 1 80  ? -11.012 -1.544  -0.834  1.00 0.83  ? 80  LEU A H    1 
ATOM   1256 H HA   . LEU A 1 80  ? -10.804 1.136   -1.795  1.00 0.83  ? 80  LEU A HA   1 
ATOM   1257 H HB2  . LEU A 1 80  ? -9.690  -0.500  0.286   1.00 0.94  ? 80  LEU A HB2  1 
ATOM   1258 H HB3  . LEU A 1 80  ? -8.346  0.233   -0.552  1.00 1.01  ? 80  LEU A HB3  1 
ATOM   1259 H HG   . LEU A 1 80  ? -10.619 1.594   0.923   1.00 0.89  ? 80  LEU A HG   1 
ATOM   1260 H HD11 . LEU A 1 80  ? -8.054  0.831   1.629   1.00 2.49  ? 80  LEU A HD11 1 
ATOM   1261 H HD12 . LEU A 1 80  ? -7.849  2.526   1.187   1.00 2.29  ? 80  LEU A HD12 1 
ATOM   1262 H HD13 . LEU A 1 80  ? -9.010  2.076   2.434   1.00 2.29  ? 80  LEU A HD13 1 
ATOM   1263 H HD21 . LEU A 1 80  ? -8.806  2.677   -1.245  1.00 2.30  ? 80  LEU A HD21 1 
ATOM   1264 H HD22 . LEU A 1 80  ? -10.532 2.951   -1.014  1.00 2.27  ? 80  LEU A HD22 1 
ATOM   1265 H HD23 . LEU A 1 80  ? -9.366  3.728   0.055   1.00 2.41  ? 80  LEU A HD23 1 
ATOM   1266 N N    . ILE A 1 81  ? -8.563  -1.047  -2.806  1.00 0.63  ? 81  ILE A N    1 
ATOM   1267 C CA   . ILE A 1 81  ? -7.591  -1.322  -3.894  1.00 0.71  ? 81  ILE A CA   1 
ATOM   1268 C C    . ILE A 1 81  ? -8.322  -1.589  -5.217  1.00 0.74  ? 81  ILE A C    1 
ATOM   1269 O O    . ILE A 1 81  ? -7.768  -1.408  -6.281  1.00 0.83  ? 81  ILE A O    1 
ATOM   1270 C CB   . ILE A 1 81  ? -6.756  -2.545  -3.491  1.00 0.88  ? 81  ILE A CB   1 
ATOM   1271 C CG1  . ILE A 1 81  ? -5.466  -2.086  -2.802  1.00 1.10  ? 81  ILE A CG1  1 
ATOM   1272 C CG2  . ILE A 1 81  ? -6.402  -3.358  -4.729  1.00 1.12  ? 81  ILE A CG2  1 
ATOM   1273 C CD1  . ILE A 1 81  ? -5.780  -1.217  -1.576  1.00 1.17  ? 81  ILE A CD1  1 
ATOM   1274 H H    . ILE A 1 81  ? -8.693  -1.710  -2.089  1.00 0.66  ? 81  ILE A H    1 
ATOM   1275 H HA   . ILE A 1 81  ? -6.940  -0.471  -4.019  1.00 0.73  ? 81  ILE A HA   1 
ATOM   1276 H HB   . ILE A 1 81  ? -7.322  -3.174  -2.820  1.00 0.92  ? 81  ILE A HB   1 
ATOM   1277 H HG12 . ILE A 1 81  ? -4.906  -2.951  -2.489  1.00 1.39  ? 81  ILE A HG12 1 
ATOM   1278 H HG13 . ILE A 1 81  ? -4.880  -1.513  -3.499  1.00 1.27  ? 81  ILE A HG13 1 
ATOM   1279 H HG21 . ILE A 1 81  ? -6.001  -2.706  -5.485  1.00 1.62  ? 81  ILE A HG21 1 
ATOM   1280 H HG22 . ILE A 1 81  ? -5.667  -4.104  -4.466  1.00 1.47  ? 81  ILE A HG22 1 
ATOM   1281 H HG23 . ILE A 1 81  ? -7.292  -3.846  -5.102  1.00 1.62  ? 81  ILE A HG23 1 
ATOM   1282 H HD11 . ILE A 1 81  ? -6.516  -0.471  -1.833  1.00 1.64  ? 81  ILE A HD11 1 
ATOM   1283 H HD12 . ILE A 1 81  ? -6.160  -1.839  -0.780  1.00 1.69  ? 81  ILE A HD12 1 
ATOM   1284 H HD13 . ILE A 1 81  ? -4.874  -0.725  -1.245  1.00 1.39  ? 81  ILE A HD13 1 
ATOM   1285 N N    . SER A 1 82  ? -9.555  -2.009  -5.169  1.00 0.76  ? 82  SER A N    1 
ATOM   1286 C CA   . SER A 1 82  ? -10.286 -2.284  -6.450  1.00 0.92  ? 82  SER A CA   1 
ATOM   1287 C C    . SER A 1 82  ? -10.427 -0.997  -7.256  1.00 0.87  ? 82  SER A C    1 
ATOM   1288 O O    . SER A 1 82  ? -9.972  -0.915  -8.381  1.00 0.99  ? 82  SER A O    1 
ATOM   1289 C CB   . SER A 1 82  ? -11.675 -2.872  -6.184  1.00 1.04  ? 82  SER A CB   1 
ATOM   1290 O OG   . SER A 1 82  ? -12.170 -3.449  -7.385  1.00 1.43  ? 82  SER A OG   1 
ATOM   1291 H H    . SER A 1 82  ? -9.992  -2.137  -4.304  1.00 0.74  ? 82  SER A H    1 
ATOM   1292 H HA   . SER A 1 82  ? -9.713  -2.990  -7.033  1.00 1.05  ? 82  SER A HA   1 
ATOM   1293 H HB2  . SER A 1 82  ? -11.611 -3.636  -5.430  1.00 1.16  ? 82  SER A HB2  1 
ATOM   1294 H HB3  . SER A 1 82  ? -12.342 -2.090  -5.851  1.00 1.35  ? 82  SER A HB3  1 
ATOM   1295 H HG   . SER A 1 82  ? -12.949 -3.968  -7.165  1.00 1.87  ? 82  SER A HG   1 
ATOM   1296 N N    . TYR A 1 83  ? -11.038 0.018   -6.711  1.00 0.79  ? 83  TYR A N    1 
ATOM   1297 C CA   . TYR A 1 83  ? -11.165 1.287   -7.510  1.00 0.81  ? 83  TYR A CA   1 
ATOM   1298 C C    . TYR A 1 83  ? -9.815  2.035   -7.524  1.00 0.69  ? 83  TYR A C    1 
ATOM   1299 O O    . TYR A 1 83  ? -9.600  2.965   -8.286  1.00 0.75  ? 83  TYR A O    1 
ATOM   1300 C CB   . TYR A 1 83  ? -12.233 2.200   -6.903  1.00 0.92  ? 83  TYR A CB   1 
ATOM   1301 C CG   . TYR A 1 83  ? -11.557 3.186   -5.987  1.00 0.96  ? 83  TYR A CG   1 
ATOM   1302 C CD1  . TYR A 1 83  ? -11.000 2.742   -4.788  1.00 1.29  ? 83  TYR A CD1  1 
ATOM   1303 C CD2  . TYR A 1 83  ? -11.461 4.536   -6.348  1.00 1.19  ? 83  TYR A CD2  1 
ATOM   1304 C CE1  . TYR A 1 83  ? -10.347 3.643   -3.942  1.00 1.61  ? 83  TYR A CE1  1 
ATOM   1305 C CE2  . TYR A 1 83  ? -10.812 5.441   -5.501  1.00 1.49  ? 83  TYR A CE2  1 
ATOM   1306 C CZ   . TYR A 1 83  ? -10.252 4.992   -4.298  1.00 1.63  ? 83  TYR A CZ   1 
ATOM   1307 O OH   . TYR A 1 83  ? -9.607  5.881   -3.463  1.00 2.06  ? 83  TYR A OH   1 
ATOM   1308 H H    . TYR A 1 83  ? -11.397 -0.048  -5.793  1.00 0.77  ? 83  TYR A H    1 
ATOM   1309 H HA   . TYR A 1 83  ? -11.439 1.033   -8.517  1.00 0.94  ? 83  TYR A HA   1 
ATOM   1310 H HB2  . TYR A 1 83  ? -12.748 2.730   -7.692  1.00 1.04  ? 83  TYR A HB2  1 
ATOM   1311 H HB3  . TYR A 1 83  ? -12.941 1.611   -6.340  1.00 1.12  ? 83  TYR A HB3  1 
ATOM   1312 H HD1  . TYR A 1 83  ? -11.084 1.703   -4.513  1.00 1.53  ? 83  TYR A HD1  1 
ATOM   1313 H HD2  . TYR A 1 83  ? -11.893 4.880   -7.276  1.00 1.40  ? 83  TYR A HD2  1 
ATOM   1314 H HE1  . TYR A 1 83  ? -9.916  3.298   -3.013  1.00 2.01  ? 83  TYR A HE1  1 
ATOM   1315 H HE2  . TYR A 1 83  ? -10.741 6.483   -5.774  1.00 1.82  ? 83  TYR A HE2  1 
ATOM   1316 H HH   . TYR A 1 83  ? -9.590  5.501   -2.583  1.00 2.65  ? 83  TYR A HH   1 
ATOM   1317 N N    . TYR A 1 84  ? -8.910  1.627   -6.682  1.00 0.66  ? 84  TYR A N    1 
ATOM   1318 C CA   . TYR A 1 84  ? -7.570  2.273   -6.592  1.00 0.71  ? 84  TYR A CA   1 
ATOM   1319 C C    . TYR A 1 84  ? -6.649  1.645   -7.671  1.00 0.85  ? 84  TYR A C    1 
ATOM   1320 O O    . TYR A 1 84  ? -5.668  2.221   -8.090  1.00 0.98  ? 84  TYR A O    1 
ATOM   1321 C CB   . TYR A 1 84  ? -7.135  2.011   -5.140  1.00 0.86  ? 84  TYR A CB   1 
ATOM   1322 C CG   . TYR A 1 84  ? -5.723  2.371   -4.783  1.00 1.76  ? 84  TYR A CG   1 
ATOM   1323 C CD1  . TYR A 1 84  ? -4.954  3.196   -5.580  1.00 2.44  ? 84  TYR A CD1  1 
ATOM   1324 C CD2  . TYR A 1 84  ? -5.197  1.852   -3.591  1.00 2.56  ? 84  TYR A CD2  1 
ATOM   1325 C CE1  . TYR A 1 84  ? -3.651  3.495   -5.209  1.00 3.46  ? 84  TYR A CE1  1 
ATOM   1326 C CE2  . TYR A 1 84  ? -3.896  2.154   -3.210  1.00 3.55  ? 84  TYR A CE2  1 
ATOM   1327 C CZ   . TYR A 1 84  ? -3.118  2.974   -4.019  1.00 3.89  ? 84  TYR A CZ   1 
ATOM   1328 O OH   . TYR A 1 84  ? -1.827  3.273   -3.646  1.00 4.98  ? 84  TYR A OH   1 
ATOM   1329 H H    . TYR A 1 84  ? -9.109  0.875   -6.086  1.00 0.71  ? 84  TYR A H    1 
ATOM   1330 H HA   . TYR A 1 84  ? -7.666  3.337   -6.765  1.00 0.72  ? 84  TYR A HA   1 
ATOM   1331 H HB2  . TYR A 1 84  ? -7.785  2.566   -4.486  1.00 1.03  ? 84  TYR A HB2  1 
ATOM   1332 H HB3  . TYR A 1 84  ? -7.275  0.971   -4.949  1.00 1.17  ? 84  TYR A HB3  1 
ATOM   1333 H HD1  . TYR A 1 84  ? -5.362  3.613   -6.473  1.00 2.54  ? 84  TYR A HD1  1 
ATOM   1334 H HD2  . TYR A 1 84  ? -5.804  1.209   -2.969  1.00 2.72  ? 84  TYR A HD2  1 
ATOM   1335 H HE1  . TYR A 1 84  ? -3.045  4.125   -5.841  1.00 4.12  ? 84  TYR A HE1  1 
ATOM   1336 H HE2  . TYR A 1 84  ? -3.491  1.750   -2.296  1.00 4.27  ? 84  TYR A HE2  1 
ATOM   1337 H HH   . TYR A 1 84  ? -1.234  2.742   -4.177  1.00 5.30  ? 84  TYR A HH   1 
ATOM   1338 N N    . GLU A 1 85  ? -6.999  0.503   -8.199  1.00 0.93  ? 85  GLU A N    1 
ATOM   1339 C CA   . GLU A 1 85  ? -6.162  -0.070  -9.302  1.00 1.21  ? 85  GLU A CA   1 
ATOM   1340 C C    . GLU A 1 85  ? -6.258  0.883   -10.495 1.00 1.28  ? 85  GLU A C    1 
ATOM   1341 O O    . GLU A 1 85  ? -5.396  0.914   -11.351 1.00 1.57  ? 85  GLU A O    1 
ATOM   1342 C CB   . GLU A 1 85  ? -6.683  -1.451  -9.744  1.00 1.32  ? 85  GLU A CB   1 
ATOM   1343 C CG   . GLU A 1 85  ? -6.216  -2.553  -8.785  1.00 2.03  ? 85  GLU A CG   1 
ATOM   1344 C CD   . GLU A 1 85  ? -6.063  -3.870  -9.552  1.00 2.48  ? 85  GLU A CD   1 
ATOM   1345 O OE1  . GLU A 1 85  ? -6.332  -3.878  -10.742 1.00 2.55  ? 85  GLU A OE1  1 
ATOM   1346 O OE2  . GLU A 1 85  ? -5.682  -4.850  -8.933  1.00 3.19  ? 85  GLU A OE2  1 
ATOM   1347 H H    . GLU A 1 85  ? -7.823  0.064   -7.925  1.00 0.87  ? 85  GLU A H    1 
ATOM   1348 H HA   . GLU A 1 85  ? -5.133  -0.138  -8.983  1.00 1.35  ? 85  GLU A HA   1 
ATOM   1349 H HB2  . GLU A 1 85  ? -7.761  -1.438  -9.768  1.00 1.53  ? 85  GLU A HB2  1 
ATOM   1350 H HB3  . GLU A 1 85  ? -6.311  -1.666  -10.737 1.00 1.55  ? 85  GLU A HB3  1 
ATOM   1351 H HG2  . GLU A 1 85  ? -5.268  -2.283  -8.345  1.00 2.48  ? 85  GLU A HG2  1 
ATOM   1352 H HG3  . GLU A 1 85  ? -6.950  -2.683  -8.010  1.00 2.40  ? 85  GLU A HG3  1 
ATOM   1353 N N    . LYS A 1 86  ? -7.313  1.663   -10.550 1.00 1.11  ? 86  LYS A N    1 
ATOM   1354 C CA   . LYS A 1 86  ? -7.486  2.620   -11.682 1.00 1.28  ? 86  LYS A CA   1 
ATOM   1355 C C    . LYS A 1 86  ? -7.172  4.046   -11.221 1.00 1.21  ? 86  LYS A C    1 
ATOM   1356 O O    . LYS A 1 86  ? -6.704  4.862   -11.989 1.00 1.48  ? 86  LYS A O    1 
ATOM   1357 C CB   . LYS A 1 86  ? -8.936  2.568   -12.186 1.00 1.40  ? 86  LYS A CB   1 
ATOM   1358 C CG   . LYS A 1 86  ? -8.981  2.019   -13.613 1.00 2.00  ? 86  LYS A CG   1 
ATOM   1359 C CD   . LYS A 1 86  ? -10.445 1.898   -14.056 1.00 2.30  ? 86  LYS A CD   1 
ATOM   1360 C CE   . LYS A 1 86  ? -10.547 1.044   -15.325 1.00 2.75  ? 86  LYS A CE   1 
ATOM   1361 N NZ   . LYS A 1 86  ? -9.759  -0.209  -15.151 1.00 3.20  ? 86  LYS A NZ   1 
ATOM   1362 H H    . LYS A 1 86  ? -7.991  1.614   -9.846  1.00 0.96  ? 86  LYS A H    1 
ATOM   1363 H HA   . LYS A 1 86  ? -6.818  2.351   -12.479 1.00 1.45  ? 86  LYS A HA   1 
ATOM   1364 H HB2  . LYS A 1 86  ? -9.520  1.930   -11.541 1.00 1.40  ? 86  LYS A HB2  1 
ATOM   1365 H HB3  . LYS A 1 86  ? -9.355  3.565   -12.177 1.00 1.78  ? 86  LYS A HB3  1 
ATOM   1366 H HG2  . LYS A 1 86  ? -8.456  2.694   -14.275 1.00 2.58  ? 86  LYS A HG2  1 
ATOM   1367 H HG3  . LYS A 1 86  ? -8.514  1.048   -13.638 1.00 2.44  ? 86  LYS A HG3  1 
ATOM   1368 H HD2  . LYS A 1 86  ? -11.020 1.437   -13.268 1.00 2.70  ? 86  LYS A HD2  1 
ATOM   1369 H HD3  . LYS A 1 86  ? -10.840 2.883   -14.258 1.00 2.62  ? 86  LYS A HD3  1 
ATOM   1370 H HE2  . LYS A 1 86  ? -11.584 0.793   -15.507 1.00 2.97  ? 86  LYS A HE2  1 
ATOM   1371 H HE3  . LYS A 1 86  ? -10.163 1.599   -16.168 1.00 3.23  ? 86  LYS A HE3  1 
ATOM   1372 H HZ1  . LYS A 1 86  ? -9.791  -0.504  -14.155 1.00 3.56  ? 86  LYS A HZ1  1 
ATOM   1373 H HZ2  . LYS A 1 86  ? -10.163 -0.959  -15.747 1.00 3.37  ? 86  LYS A HZ2  1 
ATOM   1374 H HZ3  . LYS A 1 86  ? -8.771  -0.037  -15.432 1.00 3.59  ? 86  LYS A HZ3  1 
ATOM   1375 N N    . HIS A 1 87  ? -7.439  4.361   -9.980  1.00 0.93  ? 87  HIS A N    1 
ATOM   1376 C CA   . HIS A 1 87  ? -7.162  5.760   -9.498  1.00 0.90  ? 87  HIS A CA   1 
ATOM   1377 C C    . HIS A 1 87  ? -5.791  5.846   -8.807  1.00 0.85  ? 87  HIS A C    1 
ATOM   1378 O O    . HIS A 1 87  ? -5.261  4.862   -8.351  1.00 0.88  ? 87  HIS A O    1 
ATOM   1379 C CB   . HIS A 1 87  ? -8.247  6.187   -8.503  1.00 0.93  ? 87  HIS A CB   1 
ATOM   1380 C CG   . HIS A 1 87  ? -9.383  6.834   -9.249  1.00 1.38  ? 87  HIS A CG   1 
ATOM   1381 N ND1  . HIS A 1 87  ? -9.461  8.207   -9.428  1.00 2.16  ? 87  HIS A ND1  1 
ATOM   1382 C CD2  . HIS A 1 87  ? -10.495 6.313   -9.869  1.00 2.00  ? 87  HIS A CD2  1 
ATOM   1383 C CE1  . HIS A 1 87  ? -10.580 8.463   -10.129 1.00 2.62  ? 87  HIS A CE1  1 
ATOM   1384 N NE2  . HIS A 1 87  ? -11.248 7.344   -10.423 1.00 2.51  ? 87  HIS A NE2  1 
ATOM   1385 H H    . HIS A 1 87  ? -7.829  3.687   -9.376  1.00 0.85  ? 87  HIS A H    1 
ATOM   1386 H HA   . HIS A 1 87  ? -7.179  6.436   -10.339 1.00 0.97  ? 87  HIS A HA   1 
ATOM   1387 H HB2  . HIS A 1 87  ? -8.609  5.322   -7.967  1.00 1.24  ? 87  HIS A HB2  1 
ATOM   1388 H HB3  . HIS A 1 87  ? -7.830  6.896   -7.801  1.00 0.98  ? 87  HIS A HB3  1 
ATOM   1389 H HD1  . HIS A 1 87  ? -8.817  8.870   -9.103  1.00 2.66  ? 87  HIS A HD1  1 
ATOM   1390 H HD2  . HIS A 1 87  ? -10.747 5.263   -9.922  1.00 2.54  ? 87  HIS A HD2  1 
ATOM   1391 H HE1  . HIS A 1 87  ? -10.900 9.453   -10.418 1.00 3.37  ? 87  HIS A HE1  1 
ATOM   1392 N N    . PRO A 1 88  ? -5.281  7.053   -8.731  1.00 0.84  ? 88  PRO A N    1 
ATOM   1393 C CA   . PRO A 1 88  ? -3.987  7.409   -8.068  1.00 0.84  ? 88  PRO A CA   1 
ATOM   1394 C C    . PRO A 1 88  ? -4.135  7.354   -6.545  1.00 0.81  ? 88  PRO A C    1 
ATOM   1395 O O    . PRO A 1 88  ? -5.225  7.287   -6.013  1.00 0.87  ? 88  PRO A O    1 
ATOM   1396 C CB   . PRO A 1 88  ? -3.659  8.827   -8.538  1.00 0.93  ? 88  PRO A CB   1 
ATOM   1397 C CG   . PRO A 1 88  ? -4.985  9.441   -8.987  1.00 0.97  ? 88  PRO A CG   1 
ATOM   1398 C CD   . PRO A 1 88  ? -5.915  8.267   -9.314  1.00 0.91  ? 88  PRO A CD   1 
ATOM   1399 H HA   . PRO A 1 88  ? -3.202  6.735   -8.372  1.00 0.89  ? 88  PRO A HA   1 
ATOM   1400 H HB2  . PRO A 1 88  ? -3.237  9.401   -7.721  1.00 0.96  ? 88  PRO A HB2  1 
ATOM   1401 H HB3  . PRO A 1 88  ? -2.971  8.798   -9.368  1.00 1.00  ? 88  PRO A HB3  1 
ATOM   1402 H HG2  . PRO A 1 88  ? -5.403  10.040  -8.198  1.00 1.00  ? 88  PRO A HG2  1 
ATOM   1403 H HG3  . PRO A 1 88  ? -4.834  10.041  -9.869  1.00 1.06  ? 88  PRO A HG3  1 
ATOM   1404 H HD2  . PRO A 1 88  ? -6.890  8.420   -8.882  1.00 0.93  ? 88  PRO A HD2  1 
ATOM   1405 H HD3  . PRO A 1 88  ? -6.001  8.157   -10.383 1.00 0.95  ? 88  PRO A HD3  1 
ATOM   1406 N N    . LEU A 1 89  ? -3.029  7.363   -5.852  1.00 0.83  ? 89  LEU A N    1 
ATOM   1407 C CA   . LEU A 1 89  ? -3.051  7.291   -4.359  1.00 0.82  ? 89  LEU A CA   1 
ATOM   1408 C C    . LEU A 1 89  ? -2.469  8.555   -3.782  1.00 0.75  ? 89  LEU A C    1 
ATOM   1409 O O    . LEU A 1 89  ? -3.081  9.261   -3.011  1.00 0.83  ? 89  LEU A O    1 
ATOM   1410 C CB   . LEU A 1 89  ? -2.146  6.147   -3.899  1.00 0.88  ? 89  LEU A CB   1 
ATOM   1411 C CG   . LEU A 1 89  ? -2.222  5.994   -2.381  1.00 1.17  ? 89  LEU A CG   1 
ATOM   1412 C CD1  . LEU A 1 89  ? -3.437  5.143   -2.003  1.00 1.75  ? 89  LEU A CD1  1 
ATOM   1413 C CD2  . LEU A 1 89  ? -0.944  5.327   -1.859  1.00 1.80  ? 89  LEU A CD2  1 
ATOM   1414 H H    . LEU A 1 89  ? -2.171  7.409   -6.319  1.00 0.91  ? 89  LEU A H    1 
ATOM   1415 H HA   . LEU A 1 89  ? -4.055  7.141   -4.002  1.00 0.88  ? 89  LEU A HA   1 
ATOM   1416 H HB2  . LEU A 1 89  ? -2.449  5.255   -4.368  1.00 1.31  ? 89  LEU A HB2  1 
ATOM   1417 H HB3  . LEU A 1 89  ? -1.128  6.359   -4.180  1.00 1.08  ? 89  LEU A HB3  1 
ATOM   1418 H HG   . LEU A 1 89  ? -2.316  6.967   -1.944  1.00 1.84  ? 89  LEU A HG   1 
ATOM   1419 H HD11 . LEU A 1 89  ? -4.148  5.150   -2.816  1.00 2.26  ? 89  LEU A HD11 1 
ATOM   1420 H HD12 . LEU A 1 89  ? -3.119  4.128   -1.812  1.00 2.12  ? 89  LEU A HD12 1 
ATOM   1421 H HD13 . LEU A 1 89  ? -3.901  5.544   -1.116  1.00 2.32  ? 89  LEU A HD13 1 
ATOM   1422 H HD21 . LEU A 1 89  ? -0.131  5.515   -2.544  1.00 2.30  ? 89  LEU A HD21 1 
ATOM   1423 H HD22 . LEU A 1 89  ? -0.697  5.733   -0.888  1.00 2.31  ? 89  LEU A HD22 1 
ATOM   1424 H HD23 . LEU A 1 89  ? -1.101  4.261   -1.772  1.00 2.21  ? 89  LEU A HD23 1 
ATOM   1425 N N    . TYR A 1 90  ? -1.267  8.811   -4.157  1.00 0.71  ? 90  TYR A N    1 
ATOM   1426 C CA   . TYR A 1 90  ? -0.543  10.002  -3.673  1.00 0.71  ? 90  TYR A CA   1 
ATOM   1427 C C    . TYR A 1 90  ? -0.426  10.927  -4.881  1.00 0.76  ? 90  TYR A C    1 
ATOM   1428 O O    . TYR A 1 90  ? -1.149  10.776  -5.847  1.00 1.11  ? 90  TYR A O    1 
ATOM   1429 C CB   . TYR A 1 90  ? 0.836   9.541   -3.134  1.00 0.74  ? 90  TYR A CB   1 
ATOM   1430 C CG   . TYR A 1 90  ? 1.420   10.548  -2.165  1.00 0.93  ? 90  TYR A CG   1 
ATOM   1431 C CD1  . TYR A 1 90  ? 0.625   11.128  -1.172  1.00 1.49  ? 90  TYR A CD1  1 
ATOM   1432 C CD2  . TYR A 1 90  ? 2.768   10.902  -2.272  1.00 1.11  ? 90  TYR A CD2  1 
ATOM   1433 C CE1  . TYR A 1 90  ? 1.179   12.064  -0.288  1.00 2.10  ? 90  TYR A CE1  1 
ATOM   1434 C CE2  . TYR A 1 90  ? 3.321   11.838  -1.393  1.00 1.66  ? 90  TYR A CE2  1 
ATOM   1435 C CZ   . TYR A 1 90  ? 2.525   12.421  -0.402  1.00 2.14  ? 90  TYR A CZ   1 
ATOM   1436 O OH   . TYR A 1 90  ? 3.071   13.345  0.466   1.00 2.81  ? 90  TYR A OH   1 
ATOM   1437 H H    . TYR A 1 90  ? -0.829  8.198   -4.788  1.00 0.75  ? 90  TYR A H    1 
ATOM   1438 H HA   . TYR A 1 90  ? -1.103  10.493  -2.889  1.00 0.77  ? 90  TYR A HA   1 
ATOM   1439 H HB2  . TYR A 1 90  ? 0.716   8.599   -2.613  1.00 0.99  ? 90  TYR A HB2  1 
ATOM   1440 H HB3  . TYR A 1 90  ? 1.519   9.403   -3.955  1.00 1.12  ? 90  TYR A HB3  1 
ATOM   1441 H HD1  . TYR A 1 90  ? -0.406  10.843  -1.074  1.00 1.61  ? 90  TYR A HD1  1 
ATOM   1442 H HD2  . TYR A 1 90  ? 3.384   10.448  -3.030  1.00 1.14  ? 90  TYR A HD2  1 
ATOM   1443 H HE1  . TYR A 1 90  ? 0.563   12.516  0.474   1.00 2.63  ? 90  TYR A HE1  1 
ATOM   1444 H HE2  . TYR A 1 90  ? 4.362   12.109  -1.480  1.00 1.88  ? 90  TYR A HE2  1 
ATOM   1445 H HH   . TYR A 1 90  ? 4.020   13.202  0.492   1.00 2.99  ? 90  TYR A HH   1 
ATOM   1446 N N    . ARG A 1 91  ? 0.431   11.882  -4.848  1.00 0.86  ? 91  ARG A N    1 
ATOM   1447 C CA   . ARG A 1 91  ? 0.546   12.812  -6.003  1.00 0.93  ? 91  ARG A CA   1 
ATOM   1448 C C    . ARG A 1 91  ? 1.330   12.185  -7.185  1.00 1.18  ? 91  ARG A C    1 
ATOM   1449 O O    . ARG A 1 91  ? 1.882   12.913  -7.987  1.00 1.89  ? 91  ARG A O    1 
ATOM   1450 C CB   . ARG A 1 91  ? 1.273   14.097  -5.567  1.00 1.33  ? 91  ARG A CB   1 
ATOM   1451 C CG   . ARG A 1 91  ? 0.325   15.039  -4.815  1.00 2.06  ? 91  ARG A CG   1 
ATOM   1452 C CD   . ARG A 1 91  ? -0.267  14.332  -3.592  1.00 2.68  ? 91  ARG A CD   1 
ATOM   1453 N NE   . ARG A 1 91  ? -0.739  15.331  -2.581  1.00 3.58  ? 91  ARG A NE   1 
ATOM   1454 C CZ   . ARG A 1 91  ? -0.073  16.430  -2.357  1.00 4.36  ? 91  ARG A CZ   1 
ATOM   1455 N NH1  . ARG A 1 91  ? 1.225   16.396  -2.247  1.00 4.92  ? 91  ARG A NH1  1 
ATOM   1456 N NH2  . ARG A 1 91  ? -0.707  17.563  -2.238  1.00 4.97  ? 91  ARG A NH2  1 
ATOM   1457 H H    . ARG A 1 91  ? 0.970   12.008  -4.064  1.00 1.15  ? 91  ARG A H    1 
ATOM   1458 H HA   . ARG A 1 91  ? -0.442  13.064  -6.330  1.00 0.94  ? 91  ARG A HA   1 
ATOM   1459 H HB2  . ARG A 1 91  ? 2.101   13.841  -4.926  1.00 1.85  ? 91  ARG A HB2  1 
ATOM   1460 H HB3  . ARG A 1 91  ? 1.652   14.609  -6.442  1.00 1.56  ? 91  ARG A HB3  1 
ATOM   1461 H HG2  . ARG A 1 91  ? 0.882   15.902  -4.505  1.00 2.62  ? 91  ARG A HG2  1 
ATOM   1462 H HG3  . ARG A 1 91  ? -0.476  15.352  -5.470  1.00 2.49  ? 91  ARG A HG3  1 
ATOM   1463 H HD2  . ARG A 1 91  ? -1.104  13.733  -3.907  1.00 2.77  ? 91  ARG A HD2  1 
ATOM   1464 H HD3  . ARG A 1 91  ? 0.479   13.692  -3.145  1.00 2.98  ? 91  ARG A HD3  1 
ATOM   1465 H HE   . ARG A 1 91  ? -1.557  15.153  -2.074  1.00 3.84  ? 91  ARG A HE   1 
ATOM   1466 H HH11 . ARG A 1 91  ? 1.710   15.527  -2.333  1.00 4.82  ? 91  ARG A HH11 1 
ATOM   1467 H HH12 . ARG A 1 91  ? 1.734   17.239  -2.074  1.00 5.66  ? 91  ARG A HH12 1 
ATOM   1468 H HH21 . ARG A 1 91  ? -1.703  17.589  -2.318  1.00 4.90  ? 91  ARG A HH21 1 
ATOM   1469 H HH22 . ARG A 1 91  ? -0.196  18.406  -2.065  1.00 5.71  ? 91  ARG A HH22 1 
ATOM   1470 N N    . LYS A 1 92  ? 1.386   10.869  -7.343  1.00 1.06  ? 92  LYS A N    1 
ATOM   1471 C CA   . LYS A 1 92  ? 2.135   10.314  -8.498  1.00 1.47  ? 92  LYS A CA   1 
ATOM   1472 C C    . LYS A 1 92  ? 2.069   8.782   -8.545  1.00 1.35  ? 92  LYS A C    1 
ATOM   1473 O O    . LYS A 1 92  ? 1.923   8.201   -9.603  1.00 1.89  ? 92  LYS A O    1 
ATOM   1474 C CB   . LYS A 1 92  ? 3.607   10.748  -8.434  1.00 2.05  ? 92  LYS A CB   1 
ATOM   1475 C CG   . LYS A 1 92  ? 4.030   10.962  -6.972  1.00 2.25  ? 92  LYS A CG   1 
ATOM   1476 C CD   . LYS A 1 92  ? 5.510   10.596  -6.793  1.00 2.86  ? 92  LYS A CD   1 
ATOM   1477 C CE   . LYS A 1 92  ? 6.300   11.834  -6.357  1.00 3.24  ? 92  LYS A CE   1 
ATOM   1478 N NZ   . LYS A 1 92  ? 6.113   12.922  -7.359  1.00 3.90  ? 92  LYS A NZ   1 
ATOM   1479 H H    . LYS A 1 92  ? 0.938   10.268  -6.741  1.00 1.17  ? 92  LYS A H    1 
ATOM   1480 H HA   . LYS A 1 92  ? 1.695   10.700  -9.383  1.00 1.75  ? 92  LYS A HA   1 
ATOM   1481 H HB2  . LYS A 1 92  ? 4.227   9.988   -8.888  1.00 2.47  ? 92  LYS A HB2  1 
ATOM   1482 H HB3  . LYS A 1 92  ? 3.722   11.672  -8.975  1.00 2.20  ? 92  LYS A HB3  1 
ATOM   1483 H HG2  . LYS A 1 92  ? 3.882   11.999  -6.705  1.00 2.30  ? 92  LYS A HG2  1 
ATOM   1484 H HG3  . LYS A 1 92  ? 3.428   10.338  -6.329  1.00 2.49  ? 92  LYS A HG3  1 
ATOM   1485 H HD2  . LYS A 1 92  ? 5.603   9.829   -6.037  1.00 3.26  ? 92  LYS A HD2  1 
ATOM   1486 H HD3  . LYS A 1 92  ? 5.908   10.230  -7.727  1.00 3.26  ? 92  LYS A HD3  1 
ATOM   1487 H HE2  . LYS A 1 92  ? 5.946   12.169  -5.392  1.00 3.49  ? 92  LYS A HE2  1 
ATOM   1488 H HE3  . LYS A 1 92  ? 7.349   11.587  -6.286  1.00 3.42  ? 92  LYS A HE3  1 
ATOM   1489 H HZ1  . LYS A 1 92  ? 6.103   12.514  -8.316  1.00 4.34  ? 92  LYS A HZ1  1 
ATOM   1490 H HZ2  . LYS A 1 92  ? 5.211   13.409  -7.178  1.00 4.15  ? 92  LYS A HZ2  1 
ATOM   1491 H HZ3  . LYS A 1 92  ? 6.896   13.601  -7.282  1.00 4.16  ? 92  LYS A HZ3  1 
ATOM   1492 N N    . MET A 1 93  ? 2.221   8.114   -7.438  1.00 1.22  ? 93  MET A N    1 
ATOM   1493 C CA   . MET A 1 93  ? 2.216   6.628   -7.473  1.00 1.22  ? 93  MET A CA   1 
ATOM   1494 C C    . MET A 1 93  ? 0.804   6.055   -7.459  1.00 1.21  ? 93  MET A C    1 
ATOM   1495 O O    . MET A 1 93  ? -0.164  6.721   -7.173  1.00 1.42  ? 93  MET A O    1 
ATOM   1496 C CB   . MET A 1 93  ? 2.987   6.070   -6.276  1.00 1.66  ? 93  MET A CB   1 
ATOM   1497 C CG   . MET A 1 93  ? 4.423   5.753   -6.694  1.00 2.00  ? 93  MET A CG   1 
ATOM   1498 S SD   . MET A 1 93  ? 5.224   7.266   -7.282  1.00 2.85  ? 93  MET A SD   1 
ATOM   1499 C CE   . MET A 1 93  ? 5.878   6.584   -8.826  1.00 3.44  ? 93  MET A CE   1 
ATOM   1500 H H    . MET A 1 93  ? 2.376   8.582   -6.601  1.00 1.57  ? 93  MET A H    1 
ATOM   1501 H HA   . MET A 1 93  ? 2.697   6.312   -8.377  1.00 1.25  ? 93  MET A HA   1 
ATOM   1502 H HB2  . MET A 1 93  ? 2.995   6.799   -5.480  1.00 1.86  ? 93  MET A HB2  1 
ATOM   1503 H HB3  . MET A 1 93  ? 2.510   5.165   -5.930  1.00 2.16  ? 93  MET A HB3  1 
ATOM   1504 H HG2  . MET A 1 93  ? 4.963   5.363   -5.847  1.00 2.50  ? 93  MET A HG2  1 
ATOM   1505 H HG3  . MET A 1 93  ? 4.421   5.019   -7.483  1.00 2.20  ? 93  MET A HG3  1 
ATOM   1506 H HE1  . MET A 1 93  ? 6.152   5.552   -8.678  1.00 3.67  ? 93  MET A HE1  1 
ATOM   1507 H HE2  . MET A 1 93  ? 5.120   6.646   -9.595  1.00 3.84  ? 93  MET A HE2  1 
ATOM   1508 H HE3  . MET A 1 93  ? 6.750   7.147   -9.126  1.00 3.82  ? 93  MET A HE3  1 
ATOM   1509 N N    . LYS A 1 94  ? 0.721   4.794   -7.778  1.00 1.15  ? 94  LYS A N    1 
ATOM   1510 C CA   . LYS A 1 94  ? -0.586  4.064   -7.812  1.00 1.42  ? 94  LYS A CA   1 
ATOM   1511 C C    . LYS A 1 94  ? -0.266  2.581   -7.617  1.00 1.49  ? 94  LYS A C    1 
ATOM   1512 O O    . LYS A 1 94  ? 0.831   2.224   -7.238  1.00 2.21  ? 94  LYS A O    1 
ATOM   1513 C CB   . LYS A 1 94  ? -1.280  4.237   -9.186  1.00 1.65  ? 94  LYS A CB   1 
ATOM   1514 C CG   . LYS A 1 94  ? -0.865  5.546   -9.876  1.00 1.68  ? 94  LYS A CG   1 
ATOM   1515 C CD   . LYS A 1 94  ? -1.276  5.497   -11.355 1.00 2.08  ? 94  LYS A CD   1 
ATOM   1516 C CE   . LYS A 1 94  ? -2.137  6.715   -11.705 1.00 1.94  ? 94  LYS A CE   1 
ATOM   1517 N NZ   . LYS A 1 94  ? -1.643  7.318   -12.976 1.00 2.19  ? 94  LYS A NZ   1 
ATOM   1518 H H    . LYS A 1 94  ? 1.551   4.307   -7.996  1.00 1.06  ? 94  LYS A H    1 
ATOM   1519 H HA   . LYS A 1 94  ? -1.236  4.410   -7.031  1.00 1.66  ? 94  LYS A HA   1 
ATOM   1520 H HB2  . LYS A 1 94  ? -1.013  3.406   -9.823  1.00 2.12  ? 94  LYS A HB2  1 
ATOM   1521 H HB3  . LYS A 1 94  ? -2.352  4.239   -9.042  1.00 2.14  ? 94  LYS A HB3  1 
ATOM   1522 H HG2  . LYS A 1 94  ? -1.345  6.380   -9.396  1.00 2.15  ? 94  LYS A HG2  1 
ATOM   1523 H HG3  . LYS A 1 94  ? 0.196   5.667   -9.812  1.00 1.92  ? 94  LYS A HG3  1 
ATOM   1524 H HD2  . LYS A 1 94  ? -0.388  5.498   -11.972 1.00 2.53  ? 94  LYS A HD2  1 
ATOM   1525 H HD3  . LYS A 1 94  ? -1.840  4.596   -11.542 1.00 2.64  ? 94  LYS A HD3  1 
ATOM   1526 H HE2  . LYS A 1 94  ? -3.165  6.406   -11.831 1.00 2.01  ? 94  LYS A HE2  1 
ATOM   1527 H HE3  . LYS A 1 94  ? -2.077  7.445   -10.912 1.00 2.09  ? 94  LYS A HE3  1 
ATOM   1528 H HZ1  . LYS A 1 94  ? -1.515  6.572   -13.688 1.00 2.55  ? 94  LYS A HZ1  1 
ATOM   1529 H HZ2  . LYS A 1 94  ? -2.336  8.013   -13.322 1.00 2.55  ? 94  LYS A HZ2  1 
ATOM   1530 H HZ3  . LYS A 1 94  ? -0.733  7.790   -12.805 1.00 2.31  ? 94  LYS A HZ3  1 
ATOM   1531 N N    . LEU A 1 95  ? -1.179  1.712   -7.958  1.00 1.34  ? 95  LEU A N    1 
ATOM   1532 C CA   . LEU A 1 95  ? -0.891  0.246   -7.891  1.00 1.55  ? 95  LEU A CA   1 
ATOM   1533 C C    . LEU A 1 95  ? -0.546  -0.180  -9.298  1.00 1.73  ? 95  LEU A C    1 
ATOM   1534 O O    . LEU A 1 95  ? -0.966  -1.201  -9.808  1.00 2.19  ? 95  LEU A O    1 
ATOM   1535 C CB   . LEU A 1 95  ? -2.103  -0.552  -7.386  1.00 2.13  ? 95  LEU A CB   1 
ATOM   1536 C CG   . LEU A 1 95  ? -1.983  -0.743  -5.881  1.00 2.22  ? 95  LEU A CG   1 
ATOM   1537 C CD1  . LEU A 1 95  ? -2.780  0.325   -5.180  1.00 2.67  ? 95  LEU A CD1  1 
ATOM   1538 C CD2  . LEU A 1 95  ? -2.525  -2.112  -5.469  1.00 2.73  ? 95  LEU A CD2  1 
ATOM   1539 H H    . LEU A 1 95  ? -2.015  2.022   -8.317  1.00 1.64  ? 95  LEU A H    1 
ATOM   1540 H HA   . LEU A 1 95  ? -0.031  0.080   -7.270  1.00 1.43  ? 95  LEU A HA   1 
ATOM   1541 H HB2  . LEU A 1 95  ? -3.012  -0.016  -7.615  1.00 2.58  ? 95  LEU A HB2  1 
ATOM   1542 H HB3  . LEU A 1 95  ? -2.129  -1.521  -7.864  1.00 2.57  ? 95  LEU A HB3  1 
ATOM   1543 H HG   . LEU A 1 95  ? -0.956  -0.655  -5.595  1.00 2.46  ? 95  LEU A HG   1 
ATOM   1544 H HD11 . LEU A 1 95  ? -2.848  1.197   -5.811  1.00 3.05  ? 95  LEU A HD11 1 
ATOM   1545 H HD12 . LEU A 1 95  ? -3.771  -0.045  -4.964  1.00 2.91  ? 95  LEU A HD12 1 
ATOM   1546 H HD13 . LEU A 1 95  ? -2.283  0.588   -4.255  1.00 3.09  ? 95  LEU A HD13 1 
ATOM   1547 H HD21 . LEU A 1 95  ? -2.319  -2.831  -6.246  1.00 3.08  ? 95  LEU A HD21 1 
ATOM   1548 H HD22 . LEU A 1 95  ? -2.045  -2.426  -4.552  1.00 3.16  ? 95  LEU A HD22 1 
ATOM   1549 H HD23 . LEU A 1 95  ? -3.591  -2.044  -5.311  1.00 3.00  ? 95  LEU A HD23 1 
ATOM   1550 N N    . ARG A 1 96  ? 0.227   0.632   -9.920  1.00 1.62  ? 96  ARG A N    1 
ATOM   1551 C CA   . ARG A 1 96  ? 0.650   0.369   -11.297 1.00 2.18  ? 96  ARG A CA   1 
ATOM   1552 C C    . ARG A 1 96  ? 1.958   -0.417  -11.294 1.00 1.85  ? 96  ARG A C    1 
ATOM   1553 O O    . ARG A 1 96  ? 2.405   -0.857  -12.334 1.00 2.38  ? 96  ARG A O    1 
ATOM   1554 C CB   . ARG A 1 96  ? 0.856   1.693   -12.013 1.00 2.80  ? 96  ARG A CB   1 
ATOM   1555 C CG   . ARG A 1 96  ? 0.963   1.433   -13.511 1.00 3.29  ? 96  ARG A CG   1 
ATOM   1556 C CD   . ARG A 1 96  ? -0.230  2.056   -14.226 1.00 3.45  ? 96  ARG A CD   1 
ATOM   1557 N NE   . ARG A 1 96  ? 0.025   1.919   -15.696 1.00 3.79  ? 96  ARG A NE   1 
ATOM   1558 C CZ   . ARG A 1 96  ? -0.584  2.652   -16.583 1.00 4.13  ? 96  ARG A CZ   1 
ATOM   1559 N NH1  . ARG A 1 96  ? -1.606  3.400   -16.253 1.00 4.46  ? 96  ARG A NH1  1 
ATOM   1560 N NH2  . ARG A 1 96  ? -0.159  2.644   -17.814 1.00 4.55  ? 96  ARG A NH2  1 
ATOM   1561 H H    . ARG A 1 96  ? 0.531   1.428   -9.468  1.00 1.34  ? 96  ARG A H    1 
ATOM   1562 H HA   . ARG A 1 96  ? -0.116  -0.194  -11.805 1.00 2.65  ? 96  ARG A HA   1 
ATOM   1563 H HB2  . ARG A 1 96  ? 0.019   2.346   -11.814 1.00 3.04  ? 96  ARG A HB2  1 
ATOM   1564 H HB3  . ARG A 1 96  ? 1.767   2.156   -11.662 1.00 3.06  ? 96  ARG A HB3  1 
ATOM   1565 H HG2  . ARG A 1 96  ? 1.873   1.878   -13.877 1.00 3.81  ? 96  ARG A HG2  1 
ATOM   1566 H HG3  . ARG A 1 96  ? 0.982   0.373   -13.701 1.00 3.54  ? 96  ARG A HG3  1 
ATOM   1567 H HD2  . ARG A 1 96  ? -1.127  1.532   -13.994 1.00 3.47  ? 96  ARG A HD2  1 
ATOM   1568 H HD3  . ARG A 1 96  ? -0.339  3.087   -13.897 1.00 3.85  ? 96  ARG A HD3  1 
ATOM   1569 H HE   . ARG A 1 96  ? 0.661   1.240   -16.002 1.00 4.04  ? 96  ARG A HE   1 
ATOM   1570 H HH11 . ARG A 1 96  ? -1.938  3.418   -15.310 1.00 4.45  ? 96  ARG A HH11 1 
ATOM   1571 H HH12 . ARG A 1 96  ? -2.053  3.963   -16.947 1.00 4.96  ? 96  ARG A HH12 1 
ATOM   1572 H HH21 . ARG A 1 96  ? 0.625   2.078   -18.067 1.00 4.65  ? 96  ARG A HH21 1 
ATOM   1573 H HH22 . ARG A 1 96  ? -0.612  3.209   -18.503 1.00 5.00  ? 96  ARG A HH22 1 
ATOM   1574 N N    . TYR A 1 97  ? 2.590   -0.590  -10.146 1.00 1.19  ? 97  TYR A N    1 
ATOM   1575 C CA   . TYR A 1 97  ? 3.860   -1.349  -10.124 1.00 1.25  ? 97  TYR A CA   1 
ATOM   1576 C C    . TYR A 1 97  ? 3.717   -2.610  -9.267  1.00 1.01  ? 97  TYR A C    1 
ATOM   1577 O O    . TYR A 1 97  ? 4.072   -2.617  -8.121  1.00 0.86  ? 97  TYR A O    1 
ATOM   1578 C CB   . TYR A 1 97  ? 4.976   -0.482  -9.552  1.00 1.60  ? 97  TYR A CB   1 
ATOM   1579 C CG   . TYR A 1 97  ? 5.198   0.758   -10.392 1.00 2.24  ? 97  TYR A CG   1 
ATOM   1580 C CD1  . TYR A 1 97  ? 5.965   0.684   -11.564 1.00 2.71  ? 97  TYR A CD1  1 
ATOM   1581 C CD2  . TYR A 1 97  ? 4.663   1.989   -9.985  1.00 2.85  ? 97  TYR A CD2  1 
ATOM   1582 C CE1  . TYR A 1 97  ? 6.194   1.837   -12.323 1.00 3.51  ? 97  TYR A CE1  1 
ATOM   1583 C CE2  . TYR A 1 97  ? 4.891   3.140   -10.749 1.00 3.67  ? 97  TYR A CE2  1 
ATOM   1584 C CZ   . TYR A 1 97  ? 5.655   3.064   -11.917 1.00 3.91  ? 97  TYR A CZ   1 
ATOM   1585 O OH   . TYR A 1 97  ? 5.883   4.200   -12.663 1.00 4.81  ? 97  TYR A OH   1 
ATOM   1586 H H    . TYR A 1 97  ? 2.236   -0.215  -9.302  1.00 0.98  ? 97  TYR A H    1 
ATOM   1587 H HA   . TYR A 1 97  ? 4.129   -1.647  -11.113 1.00 1.69  ? 97  TYR A HA   1 
ATOM   1588 H HB2  . TYR A 1 97  ? 4.729   -0.190  -8.545  1.00 1.74  ? 97  TYR A HB2  1 
ATOM   1589 H HB3  . TYR A 1 97  ? 5.874   -1.066  -9.550  1.00 1.82  ? 97  TYR A HB3  1 
ATOM   1590 H HD1  . TYR A 1 97  ? 6.382   -0.258  -11.881 1.00 2.74  ? 97  TYR A HD1  1 
ATOM   1591 H HD2  . TYR A 1 97  ? 4.075   2.051   -9.084  1.00 2.93  ? 97  TYR A HD2  1 
ATOM   1592 H HE1  . TYR A 1 97  ? 6.784   1.782   -13.226 1.00 4.00  ? 97  TYR A HE1  1 
ATOM   1593 H HE2  . TYR A 1 97  ? 4.475   4.085   -10.435 1.00 4.28  ? 97  TYR A HE2  1 
ATOM   1594 H HH   . TYR A 1 97  ? 5.530   4.054   -13.542 1.00 5.05  ? 97  TYR A HH   1 
ATOM   1595 N N    . PRO A 1 98  ? 3.252   -3.660  -9.876  1.00 1.38  ? 98  PRO A N    1 
ATOM   1596 C CA   . PRO A 1 98  ? 3.095   -4.992  -9.244  1.00 1.76  ? 98  PRO A CA   1 
ATOM   1597 C C    . PRO A 1 98  ? 4.496   -5.576  -9.219  1.00 1.98  ? 98  PRO A C    1 
ATOM   1598 O O    . PRO A 1 98  ? 5.450   -4.852  -9.004  1.00 2.71  ? 98  PRO A O    1 
ATOM   1599 C CB   . PRO A 1 98  ? 2.110   -5.751  -10.155 1.00 2.33  ? 98  PRO A CB   1 
ATOM   1600 C CG   . PRO A 1 98  ? 2.204   -5.085  -11.529 1.00 2.32  ? 98  PRO A CG   1 
ATOM   1601 C CD   . PRO A 1 98  ? 2.817   -3.700  -11.298 1.00 1.77  ? 98  PRO A CD   1 
ATOM   1602 H HA   . PRO A 1 98  ? 2.716   -4.925  -8.249  1.00 1.70  ? 98  PRO A HA   1 
ATOM   1603 H HB2  . PRO A 1 98  ? 2.365   -6.792  -10.224 1.00 2.75  ? 98  PRO A HB2  1 
ATOM   1604 H HB3  . PRO A 1 98  ? 1.103   -5.645  -9.775  1.00 2.46  ? 98  PRO A HB3  1 
ATOM   1605 H HG2  . PRO A 1 98  ? 2.840   -5.670  -12.178 1.00 2.68  ? 98  PRO A HG2  1 
ATOM   1606 H HG3  . PRO A 1 98  ? 1.221   -4.982  -11.962 1.00 2.50  ? 98  PRO A HG3  1 
ATOM   1607 H HD2  . PRO A 1 98  ? 3.667   -3.560  -11.950 1.00 1.98  ? 98  PRO A HD2  1 
ATOM   1608 H HD3  . PRO A 1 98  ? 2.086   -2.931  -11.475 1.00 1.68  ? 98  PRO A HD3  1 
ATOM   1609 N N    . ILE A 1 99  ? 4.669   -6.823  -9.480  1.00 1.83  ? 99  ILE A N    1 
ATOM   1610 C CA   . ILE A 1 99  ? 6.064   -7.339  -9.516  1.00 2.07  ? 99  ILE A CA   1 
ATOM   1611 C C    . ILE A 1 99  ? 6.644   -6.667  -10.766 1.00 2.59  ? 99  ILE A C    1 
ATOM   1612 O O    . ILE A 1 99  ? 6.085   -6.746  -11.846 1.00 3.19  ? 99  ILE A O    1 
ATOM   1613 C CB   . ILE A 1 99  ? 6.089   -8.892  -9.596  1.00 2.18  ? 99  ILE A CB   1 
ATOM   1614 C CG1  . ILE A 1 99  ? 7.178   -9.440  -8.665  1.00 2.85  ? 99  ILE A CG1  1 
ATOM   1615 C CG2  . ILE A 1 99  ? 6.386   -9.366  -11.016 1.00 2.62  ? 99  ILE A CG2  1 
ATOM   1616 C CD1  . ILE A 1 99  ? 6.592   -9.719  -7.280  1.00 3.50  ? 99  ILE A CD1  1 
ATOM   1617 H H    . ILE A 1 99  ? 3.916   -7.382  -9.678  1.00 1.97  ? 99  ILE A H    1 
ATOM   1618 H HA   . ILE A 1 99  ? 6.603   -6.989  -8.638  1.00 2.46  ? 99  ILE A HA   1 
ATOM   1619 H HB   . ILE A 1 99  ? 5.128   -9.289  -9.293  1.00 2.39  ? 99  ILE A HB   1 
ATOM   1620 H HG12 . ILE A 1 99  ? 7.574   -10.361 -9.076  1.00 3.21  ? 99  ILE A HG12 1 
ATOM   1621 H HG13 . ILE A 1 99  ? 7.976   -8.718  -8.575  1.00 3.31  ? 99  ILE A HG13 1 
ATOM   1622 H HG21 . ILE A 1 99  ? 7.341   -8.977  -11.333 1.00 2.86  ? 99  ILE A HG21 1 
ATOM   1623 H HG22 . ILE A 1 99  ? 6.414   -10.445 -11.033 1.00 3.18  ? 99  ILE A HG22 1 
ATOM   1624 H HG23 . ILE A 1 99  ? 5.611   -9.016  -11.681 1.00 2.81  ? 99  ILE A HG23 1 
ATOM   1625 H HD11 . ILE A 1 99  ? 5.997   -8.876  -6.963  1.00 3.85  ? 99  ILE A HD11 1 
ATOM   1626 H HD12 . ILE A 1 99  ? 5.972   -10.603 -7.322  1.00 3.87  ? 99  ILE A HD12 1 
ATOM   1627 H HD13 . ILE A 1 99  ? 7.396   -9.878  -6.574  1.00 3.84  ? 99  ILE A HD13 1 
ATOM   1628 N N    . ASN A 1 100 ? 7.665   -5.875  -10.590 1.00 2.98  ? 100 ASN A N    1 
ATOM   1629 C CA   . ASN A 1 100 ? 8.186   -5.063  -11.740 1.00 3.81  ? 100 ASN A CA   1 
ATOM   1630 C C    . ASN A 1 100 ? 9.717   -5.131  -11.887 1.00 3.76  ? 100 ASN A C    1 
ATOM   1631 O O    . ASN A 1 100 ? 10.453  -4.947  -10.940 1.00 4.05  ? 100 ASN A O    1 
ATOM   1632 C CB   . ASN A 1 100 ? 7.786   -3.599  -11.504 1.00 4.86  ? 100 ASN A CB   1 
ATOM   1633 C CG   . ASN A 1 100 ? 8.364   -2.719  -12.612 1.00 5.32  ? 100 ASN A CG   1 
ATOM   1634 O OD1  . ASN A 1 100 ? 9.305   -1.981  -12.387 1.00 5.39  ? 100 ASN A OD1  1 
ATOM   1635 N ND2  . ASN A 1 100 ? 7.835   -2.762  -13.801 1.00 6.04  ? 100 ASN A ND2  1 
ATOM   1636 H H    . ASN A 1 100 ? 8.018   -5.744  -9.687  1.00 3.09  ? 100 ASN A H    1 
ATOM   1637 H HA   . ASN A 1 100 ? 7.719   -5.400  -12.650 1.00 4.14  ? 100 ASN A HA   1 
ATOM   1638 H HB2  . ASN A 1 100 ? 6.709   -3.515  -11.506 1.00 5.28  ? 100 ASN A HB2  1 
ATOM   1639 H HB3  . ASN A 1 100 ? 8.173   -3.272  -10.550 1.00 5.31  ? 100 ASN A HB3  1 
ATOM   1640 H HD21 . ASN A 1 100 ? 7.075   -3.354  -13.976 1.00 6.26  ? 100 ASN A HD21 1 
ATOM   1641 H HD22 . ASN A 1 100 ? 8.196   -2.198  -14.517 1.00 6.57  ? 100 ASN A HD22 1 
ATOM   1642 N N    . GLU A 1 101 ? 10.175  -5.351  -13.102 1.00 3.87  ? 101 GLU A N    1 
ATOM   1643 C CA   . GLU A 1 101 ? 11.624  -5.396  -13.413 1.00 4.14  ? 101 GLU A CA   1 
ATOM   1644 C C    . GLU A 1 101 ? 11.786  -5.865  -14.850 1.00 4.30  ? 101 GLU A C    1 
ATOM   1645 O O    . GLU A 1 101 ? 10.843  -6.210  -15.525 1.00 4.66  ? 101 GLU A O    1 
ATOM   1646 C CB   . GLU A 1 101 ? 12.360  -6.341  -12.468 1.00 4.61  ? 101 GLU A CB   1 
ATOM   1647 C CG   . GLU A 1 101 ? 13.352  -5.526  -11.645 1.00 4.84  ? 101 GLU A CG   1 
ATOM   1648 C CD   . GLU A 1 101 ? 14.594  -5.221  -12.487 1.00 5.62  ? 101 GLU A CD   1 
ATOM   1649 O OE1  . GLU A 1 101 ? 14.575  -4.235  -13.203 1.00 6.18  ? 101 GLU A OE1  1 
ATOM   1650 O OE2  . GLU A 1 101 ? 15.546  -5.981  -12.399 1.00 5.99  ? 101 GLU A OE2  1 
ATOM   1651 H H    . GLU A 1 101 ? 9.555   -5.450  -13.833 1.00 4.07  ? 101 GLU A H    1 
ATOM   1652 H HA   . GLU A 1 101 ? 12.041  -4.402  -13.333 1.00 4.39  ? 101 GLU A HA   1 
ATOM   1653 H HB2  . GLU A 1 101 ? 11.656  -6.821  -11.808 1.00 4.96  ? 101 GLU A HB2  1 
ATOM   1654 H HB3  . GLU A 1 101 ? 12.891  -7.088  -13.033 1.00 4.96  ? 101 GLU A HB3  1 
ATOM   1655 H HG2  . GLU A 1 101 ? 12.884  -4.602  -11.340 1.00 4.76  ? 101 GLU A HG2  1 
ATOM   1656 H HG3  . GLU A 1 101 ? 13.639  -6.094  -10.774 1.00 5.02  ? 101 GLU A HG3  1 
ATOM   1657 N N    . GLU A 1 102 ? 12.967  -5.848  -15.338 1.00 4.45  ? 102 GLU A N    1 
ATOM   1658 C CA   . GLU A 1 102 ? 13.189  -6.274  -16.739 1.00 4.87  ? 102 GLU A CA   1 
ATOM   1659 C C    . GLU A 1 102 ? 12.849  -7.762  -16.908 1.00 4.86  ? 102 GLU A C    1 
ATOM   1660 O O    . GLU A 1 102 ? 12.531  -8.214  -17.991 1.00 5.33  ? 102 GLU A O    1 
ATOM   1661 C CB   . GLU A 1 102 ? 14.651  -6.032  -17.132 1.00 5.57  ? 102 GLU A CB   1 
ATOM   1662 C CG   . GLU A 1 102 ? 15.479  -7.292  -16.884 1.00 6.18  ? 102 GLU A CG   1 
ATOM   1663 C CD   . GLU A 1 102 ? 16.953  -6.908  -16.755 1.00 6.83  ? 102 GLU A CD   1 
ATOM   1664 O OE1  . GLU A 1 102 ? 17.252  -6.044  -15.947 1.00 7.00  ? 102 GLU A OE1  1 
ATOM   1665 O OE2  . GLU A 1 102 ? 17.758  -7.481  -17.469 1.00 7.41  ? 102 GLU A OE2  1 
ATOM   1666 H H    . GLU A 1 102 ? 13.695  -5.531  -14.800 1.00 4.56  ? 102 GLU A H    1 
ATOM   1667 H HA   . GLU A 1 102 ? 12.558  -5.687  -17.365 1.00 5.10  ? 102 GLU A HA   1 
ATOM   1668 H HB2  . GLU A 1 102 ? 14.701  -5.777  -18.177 1.00 5.70  ? 102 GLU A HB2  1 
ATOM   1669 H HB3  . GLU A 1 102 ? 15.052  -5.222  -16.545 1.00 5.88  ? 102 GLU A HB3  1 
ATOM   1670 H HG2  . GLU A 1 102 ? 15.152  -7.769  -15.975 1.00 6.26  ? 102 GLU A HG2  1 
ATOM   1671 H HG3  . GLU A 1 102 ? 15.359  -7.970  -17.715 1.00 6.44  ? 102 GLU A HG3  1 
ATOM   1672 N N    . ASN A 1 103 ? 12.940  -8.532  -15.852 1.00 4.72  ? 103 ASN A N    1 
ATOM   1673 C CA   . ASN A 1 103 ? 12.655  -10.001 -15.964 1.00 5.29  ? 103 ASN A CA   1 
ATOM   1674 C C    . ASN A 1 103 ? 11.235  -10.353 -15.496 1.00 5.17  ? 103 ASN A C    1 
ATOM   1675 O O    . ASN A 1 103 ? 10.932  -11.508 -15.269 1.00 5.45  ? 103 ASN A O    1 
ATOM   1676 C CB   . ASN A 1 103 ? 13.663  -10.779 -15.111 1.00 6.03  ? 103 ASN A CB   1 
ATOM   1677 C CG   . ASN A 1 103 ? 15.062  -10.621 -15.703 1.00 6.74  ? 103 ASN A CG   1 
ATOM   1678 O OD1  . ASN A 1 103 ? 15.993  -10.272 -15.004 1.00 7.28  ? 103 ASN A OD1  1 
ATOM   1679 N ND2  . ASN A 1 103 ? 15.252  -10.869 -16.969 1.00 7.05  ? 103 ASN A ND2  1 
ATOM   1680 H H    . ASN A 1 103 ? 13.225  -8.149  -14.997 1.00 4.50  ? 103 ASN A H    1 
ATOM   1681 H HA   . ASN A 1 103 ? 12.769  -10.304 -16.994 1.00 5.60  ? 103 ASN A HA   1 
ATOM   1682 H HB2  . ASN A 1 103 ? 13.650  -10.398 -14.100 1.00 6.19  ? 103 ASN A HB2  1 
ATOM   1683 H HB3  . ASN A 1 103 ? 13.393  -11.826 -15.104 1.00 6.24  ? 103 ASN A HB3  1 
ATOM   1684 H HD21 . ASN A 1 103 ? 14.502  -11.152 -17.531 1.00 6.85  ? 103 ASN A HD21 1 
ATOM   1685 H HD22 . ASN A 1 103 ? 16.146  -10.770 -17.357 1.00 7.65  ? 103 ASN A HD22 1 
ATOM   1686 N N    . SER A 1 104 ? 10.355  -9.400  -15.361 1.00 5.10  ? 104 SER A N    1 
ATOM   1687 C CA   . SER A 1 104 ? 8.969   -9.749  -14.922 1.00 5.25  ? 104 SER A CA   1 
ATOM   1688 C C    . SER A 1 104 ? 8.156   -10.208 -16.128 1.00 6.15  ? 104 SER A C    1 
ATOM   1689 O O    . SER A 1 104 ? 7.945   -11.387 -16.337 1.00 6.64  ? 104 SER A O    1 
ATOM   1690 C CB   . SER A 1 104 ? 8.286   -8.541  -14.263 1.00 5.09  ? 104 SER A CB   1 
ATOM   1691 O OG   . SER A 1 104 ? 8.668   -7.348  -14.925 1.00 5.61  ? 104 SER A OG   1 
ATOM   1692 H H    . SER A 1 104 ? 10.594  -8.476  -15.556 1.00 5.20  ? 104 SER A H    1 
ATOM   1693 H HA   . SER A 1 104 ? 9.018   -10.551 -14.218 1.00 5.19  ? 104 SER A HA   1 
ATOM   1694 H HB2  . SER A 1 104 ? 7.217   -8.650  -14.330 1.00 5.38  ? 104 SER A HB2  1 
ATOM   1695 H HB3  . SER A 1 104 ? 8.576   -8.492  -13.220 1.00 4.64  ? 104 SER A HB3  1 
ATOM   1696 H HG   . SER A 1 104 ? 8.128   -6.632  -14.583 1.00 5.91  ? 104 SER A HG   1 
ATOM   1697 N N    . SER A 1 105 ? 7.714   -9.282  -16.921 1.00 6.68  ? 105 SER A N    1 
ATOM   1698 C CA   . SER A 1 105 ? 6.920   -9.627  -18.133 1.00 7.78  ? 105 SER A CA   1 
ATOM   1699 C C    . SER A 1 105 ? 7.735   -9.285  -19.379 1.00 8.35  ? 105 SER A C    1 
ATOM   1700 O O    . SER A 1 105 ? 8.374   -10.180 -19.907 1.00 8.86  ? 105 SER A O    1 
ATOM   1701 C CB   . SER A 1 105 ? 5.611   -8.830  -18.143 1.00 8.37  ? 105 SER A CB   1 
ATOM   1702 O OG   . SER A 1 105 ? 5.274   -8.501  -19.484 1.00 8.51  ? 105 SER A OG   1 
ATOM   1703 O OXT  . SER A 1 105 ? 7.713   -8.134  -19.781 1.00 8.51  ? 105 SER A OXT  1 
ATOM   1704 H H    . SER A 1 105 ? 7.913   -8.355  -16.722 1.00 6.54  ? 105 SER A H    1 
ATOM   1705 H HA   . SER A 1 105 ? 6.695   -10.681 -18.131 1.00 8.05  ? 105 SER A HA   1 
ATOM   1706 H HB2  . SER A 1 105 ? 4.821   -9.422  -17.716 1.00 8.63  ? 105 SER A HB2  1 
ATOM   1707 H HB3  . SER A 1 105 ? 5.734   -7.928  -17.559 1.00 8.72  ? 105 SER A HB3  1 
ATOM   1708 H HG   . SER A 1 105 ? 5.320   -9.305  -20.008 1.00 8.75  ? 105 SER A HG   1 
ATOM   1709 N N    . ASP B 2 1   ? 11.732  13.684  5.471   1.00 5.03  ? 1   ASP B N    1 
ATOM   1710 C CA   . ASP B 2 1   ? 11.138  12.484  6.128   1.00 4.22  ? 1   ASP B CA   1 
ATOM   1711 C C    . ASP B 2 1   ? 10.304  11.709  5.108   1.00 3.20  ? 1   ASP B C    1 
ATOM   1712 O O    . ASP B 2 1   ? 9.507   12.277  4.388   1.00 3.34  ? 1   ASP B O    1 
ATOM   1713 C CB   . ASP B 2 1   ? 10.242  12.929  7.286   1.00 4.55  ? 1   ASP B CB   1 
ATOM   1714 C CG   . ASP B 2 1   ? 11.009  13.906  8.181   1.00 5.03  ? 1   ASP B CG   1 
ATOM   1715 O OD1  . ASP B 2 1   ? 12.218  13.767  8.274   1.00 5.31  ? 1   ASP B OD1  1 
ATOM   1716 O OD2  . ASP B 2 1   ? 10.375  14.775  8.756   1.00 5.48  ? 1   ASP B OD2  1 
ATOM   1717 H H1   . ASP B 2 1   ? 12.117  13.417  4.543   1.00 5.43  ? 1   ASP B H1   1 
ATOM   1718 H H2   . ASP B 2 1   ? 10.997  14.408  5.343   1.00 5.31  ? 1   ASP B H2   1 
ATOM   1719 H H3   . ASP B 2 1   ? 12.495  14.064  6.067   1.00 5.28  ? 1   ASP B H3   1 
ATOM   1720 H HA   . ASP B 2 1   ? 11.928  11.851  6.505   1.00 4.54  ? 1   ASP B HA   1 
ATOM   1721 H HB2  . ASP B 2 1   ? 9.362   13.417  6.893   1.00 4.94  ? 1   ASP B HB2  1 
ATOM   1722 H HB3  . ASP B 2 1   ? 9.948   12.068  7.867   1.00 4.56  ? 1   ASP B HB3  1 
ATOM   1723 N N    . ASN B 2 2   ? 10.479  10.416  5.036   1.00 2.66  ? 2   ASN B N    1 
ATOM   1724 C CA   . ASN B 2 2   ? 9.689   9.623   4.054   1.00 2.04  ? 2   ASN B CA   1 
ATOM   1725 C C    . ASN B 2 2   ? 9.431   8.215   4.594   1.00 1.48  ? 2   ASN B C    1 
ATOM   1726 O O    . ASN B 2 2   ? 9.874   7.236   4.025   1.00 2.13  ? 2   ASN B O    1 
ATOM   1727 C CB   . ASN B 2 2   ? 10.459  9.529   2.736   1.00 2.80  ? 2   ASN B CB   1 
ATOM   1728 C CG   . ASN B 2 2   ? 11.888  9.058   3.008   1.00 3.37  ? 2   ASN B CG   1 
ATOM   1729 O OD1  . ASN B 2 2   ? 12.229  7.923   2.734   1.00 3.63  ? 2   ASN B OD1  1 
ATOM   1730 N ND2  . ASN B 2 2   ? 12.746  9.887   3.534   1.00 4.12  ? 2   ASN B ND2  1 
ATOM   1731 H H    . ASN B 2 2   ? 11.127  9.972   5.621   1.00 3.10  ? 2   ASN B H    1 
ATOM   1732 H HA   . ASN B 2 2   ? 8.743   10.113  3.879   1.00 2.23  ? 2   ASN B HA   1 
ATOM   1733 H HB2  . ASN B 2 2   ? 9.964   8.826   2.081   1.00 3.24  ? 2   ASN B HB2  1 
ATOM   1734 H HB3  . ASN B 2 2   ? 10.485  10.501  2.266   1.00 3.21  ? 2   ASN B HB3  1 
ATOM   1735 H HD21 . ASN B 2 2   ? 12.472  10.803  3.751   1.00 4.34  ? 2   ASN B HD21 1 
ATOM   1736 H HD22 . ASN B 2 2   ? 13.665  9.596   3.712   1.00 4.69  ? 2   ASN B HD22 1 
ATOM   1737 N N    . ASP B 2 3   ? 8.700   8.110   5.676   1.00 1.01  ? 3   ASP B N    1 
ATOM   1738 C CA   . ASP B 2 3   ? 8.379   6.766   6.255   1.00 0.90  ? 3   ASP B CA   1 
ATOM   1739 C C    . ASP B 2 3   ? 6.862   6.547   6.271   1.00 0.86  ? 3   ASP B C    1 
ATOM   1740 O O    . ASP B 2 3   ? 6.380   5.578   6.813   1.00 1.63  ? 3   ASP B O    1 
ATOM   1741 C CB   . ASP B 2 3   ? 8.934   6.672   7.678   1.00 1.68  ? 3   ASP B CB   1 
ATOM   1742 C CG   . ASP B 2 3   ? 10.300  7.356   7.737   1.00 2.19  ? 3   ASP B CG   1 
ATOM   1743 O OD1  . ASP B 2 3   ? 10.332  8.575   7.670   1.00 2.77  ? 3   ASP B OD1  1 
ATOM   1744 O OD2  . ASP B 2 3   ? 11.289  6.652   7.848   1.00 2.73  ? 3   ASP B OD2  1 
ATOM   1745 H H    . ASP B 2 3   ? 8.345   8.920   6.098   1.00 1.55  ? 3   ASP B H    1 
ATOM   1746 H HA   . ASP B 2 3   ? 8.822   6.003   5.644   1.00 1.10  ? 3   ASP B HA   1 
ATOM   1747 H HB2  . ASP B 2 3   ? 8.254   7.159   8.363   1.00 2.24  ? 3   ASP B HB2  1 
ATOM   1748 H HB3  . ASP B 2 3   ? 9.042   5.633   7.954   1.00 2.22  ? 3   ASP B HB3  1 
HETATM 1749 N N    . PTR B 2 4   ? 6.135   7.427   5.635   1.00 0.79  ? 4   PTR B N    1 
HETATM 1750 C CA   . PTR B 2 4   ? 4.640   7.322   5.523   1.00 0.63  ? 4   PTR B CA   1 
HETATM 1751 C C    . PTR B 2 4   ? 4.136   8.573   4.776   1.00 0.66  ? 4   PTR B C    1 
HETATM 1752 O O    . PTR B 2 4   ? 4.588   9.671   5.035   1.00 1.08  ? 4   PTR B O    1 
HETATM 1753 C CB   . PTR B 2 4   ? 3.935   7.248   6.896   1.00 0.65  ? 4   PTR B CB   1 
HETATM 1754 C CG   . PTR B 2 4   ? 3.687   5.800   7.292   1.00 0.63  ? 4   PTR B CG   1 
HETATM 1755 C CD1  . PTR B 2 4   ? 3.192   4.885   6.362   1.00 0.99  ? 4   PTR B CD1  1 
HETATM 1756 C CD2  . PTR B 2 4   ? 4.002   5.369   8.580   1.00 0.81  ? 4   PTR B CD2  1 
HETATM 1757 C CE1  . PTR B 2 4   ? 3.019   3.543   6.712   1.00 1.05  ? 4   PTR B CE1  1 
HETATM 1758 C CE2  . PTR B 2 4   ? 3.816   4.032   8.936   1.00 0.88  ? 4   PTR B CE2  1 
HETATM 1759 C CZ   . PTR B 2 4   ? 3.330   3.119   8.003   1.00 0.81  ? 4   PTR B CZ   1 
HETATM 1760 O OH   . PTR B 2 4   ? 3.186   1.740   8.371   1.00 0.97  ? 4   PTR B OH   1 
HETATM 1761 P P    . PTR B 2 4   ? 4.504   0.902   8.837   1.00 1.75  ? 4   PTR B P    1 
HETATM 1762 O O1P  . PTR B 2 4   ? 4.048   -0.536  9.022   1.00 2.53  ? 4   PTR B O1P  1 
HETATM 1763 O O2P  . PTR B 2 4   ? 5.509   1.066   7.711   1.00 2.48  ? 4   PTR B O2P  1 
HETATM 1764 O O3P  . PTR B 2 4   ? 4.968   1.548   10.133  1.00 2.41  ? 4   PTR B O3P  1 
HETATM 1765 H H    . PTR B 2 4   ? 6.587   8.156   5.182   1.00 1.42  ? 4   PTR B H    1 
HETATM 1766 H HA   . PTR B 2 4   ? 4.407   6.447   4.957   1.00 0.65  ? 4   PTR B HA   1 
HETATM 1767 H HB2  . PTR B 2 4   ? 4.549   7.723   7.640   1.00 0.76  ? 4   PTR B HB2  1 
HETATM 1768 H HB3  . PTR B 2 4   ? 2.986   7.762   6.831   1.00 0.73  ? 4   PTR B HB3  1 
HETATM 1769 H HD1  . PTR B 2 4   ? 2.943   5.216   5.380   1.00 1.37  ? 4   PTR B HD1  1 
HETATM 1770 H HD2  . PTR B 2 4   ? 4.372   6.067   9.303   1.00 1.15  ? 4   PTR B HD2  1 
HETATM 1771 H HE1  . PTR B 2 4   ? 2.641   2.838   5.984   1.00 1.46  ? 4   PTR B HE1  1 
HETATM 1772 H HE2  . PTR B 2 4   ? 4.051   3.703   9.931   1.00 1.24  ? 4   PTR B HE2  1 
ATOM   1773 N N    . ILE B 2 5   ? 3.206   8.423   3.862   1.00 0.67  ? 5   ILE B N    1 
ATOM   1774 C CA   . ILE B 2 5   ? 2.673   9.584   3.114   1.00 0.67  ? 5   ILE B CA   1 
ATOM   1775 C C    . ILE B 2 5   ? 1.149   9.470   3.129   1.00 0.64  ? 5   ILE B C    1 
ATOM   1776 O O    . ILE B 2 5   ? 0.608   8.421   2.840   1.00 0.71  ? 5   ILE B O    1 
ATOM   1777 C CB   . ILE B 2 5   ? 3.237   9.583   1.663   1.00 0.74  ? 5   ILE B CB   1 
ATOM   1778 C CG1  . ILE B 2 5   ? 2.245   9.022   0.619   1.00 0.99  ? 5   ILE B CG1  1 
ATOM   1779 C CG2  . ILE B 2 5   ? 4.503   8.738   1.599   1.00 0.80  ? 5   ILE B CG2  1 
ATOM   1780 C CD1  . ILE B 2 5   ? 2.193   7.513   0.709   1.00 0.79  ? 5   ILE B CD1  1 
ATOM   1781 H H    . ILE B 2 5   ? 2.848   7.550   3.670   1.00 0.99  ? 5   ILE B H    1 
ATOM   1782 H HA   . ILE B 2 5   ? 2.969   10.490  3.604   1.00 0.72  ? 5   ILE B HA   1 
ATOM   1783 H HB   . ILE B 2 5   ? 3.496   10.591  1.400   1.00 0.95  ? 5   ILE B HB   1 
ATOM   1784 H HG12 . ILE B 2 5   ? 1.261   9.419   0.770   1.00 1.49  ? 5   ILE B HG12 1 
ATOM   1785 H HG13 . ILE B 2 5   ? 2.589   9.286   -0.368  1.00 1.67  ? 5   ILE B HG13 1 
ATOM   1786 H HG21 . ILE B 2 5   ? 4.296   7.743   1.946   1.00 1.26  ? 5   ILE B HG21 1 
ATOM   1787 H HG22 . ILE B 2 5   ? 4.846   8.693   0.576   1.00 1.22  ? 5   ILE B HG22 1 
ATOM   1788 H HG23 . ILE B 2 5   ? 5.263   9.186   2.215   1.00 1.48  ? 5   ILE B HG23 1 
ATOM   1789 H HD11 . ILE B 2 5   ? 2.474   7.207   1.703   1.00 1.42  ? 5   ILE B HD11 1 
ATOM   1790 H HD12 . ILE B 2 5   ? 1.191   7.181   0.495   1.00 1.23  ? 5   ILE B HD12 1 
ATOM   1791 H HD13 . ILE B 2 5   ? 2.878   7.093   -0.011  1.00 1.26  ? 5   ILE B HD13 1 
ATOM   1792 N N    . ILE B 2 6   ? 0.424   10.508  3.464   1.00 0.76  ? 6   ILE B N    1 
ATOM   1793 C CA   . ILE B 2 6   ? -1.044  10.338  3.445   1.00 0.77  ? 6   ILE B CA   1 
ATOM   1794 C C    . ILE B 2 6   ? -1.425  10.173  1.982   1.00 0.71  ? 6   ILE B C    1 
ATOM   1795 O O    . ILE B 2 6   ? -1.019  10.972  1.167   1.00 0.73  ? 6   ILE B O    1 
ATOM   1796 C CB   . ILE B 2 6   ? -1.770  11.549  4.009   1.00 0.88  ? 6   ILE B CB   1 
ATOM   1797 C CG1  . ILE B 2 6   ? -1.498  11.665  5.511   1.00 0.95  ? 6   ILE B CG1  1 
ATOM   1798 C CG2  . ILE B 2 6   ? -3.268  11.343  3.773   1.00 0.96  ? 6   ILE B CG2  1 
ATOM   1799 C CD1  . ILE B 2 6   ? -1.633  13.126  5.936   1.00 1.70  ? 6   ILE B CD1  1 
ATOM   1800 H H    . ILE B 2 6   ? 0.831   11.366  3.705   1.00 0.96  ? 6   ILE B H    1 
ATOM   1801 H HA   . ILE B 2 6   ? -1.299  9.458   4.008   1.00 0.79  ? 6   ILE B HA   1 
ATOM   1802 H HB   . ILE B 2 6   ? -1.439  12.446  3.501   1.00 0.91  ? 6   ILE B HB   1 
ATOM   1803 H HG12 . ILE B 2 6   ? -2.213  11.062  6.054   1.00 1.39  ? 6   ILE B HG12 1 
ATOM   1804 H HG13 . ILE B 2 6   ? -0.498  11.320  5.724   1.00 1.28  ? 6   ILE B HG13 1 
ATOM   1805 H HG21 . ILE B 2 6   ? -3.568  10.383  4.175   1.00 1.40  ? 6   ILE B HG21 1 
ATOM   1806 H HG22 . ILE B 2 6   ? -3.824  12.128  4.257   1.00 1.47  ? 6   ILE B HG22 1 
ATOM   1807 H HG23 . ILE B 2 6   ? -3.468  11.360  2.712   1.00 1.33  ? 6   ILE B HG23 1 
ATOM   1808 H HD11 . ILE B 2 6   ? -2.251  13.652  5.224   1.00 2.18  ? 6   ILE B HD11 1 
ATOM   1809 H HD12 . ILE B 2 6   ? -2.088  13.176  6.914   1.00 2.14  ? 6   ILE B HD12 1 
ATOM   1810 H HD13 . ILE B 2 6   ? -0.655  13.582  5.970   1.00 2.24  ? 6   ILE B HD13 1 
ATOM   1811 N N    . PRO B 2 7   ? -2.140  9.140   1.654   1.00 0.70  ? 7   PRO B N    1 
ATOM   1812 C CA   . PRO B 2 7   ? -2.515  8.850   0.262   1.00 0.71  ? 7   PRO B CA   1 
ATOM   1813 C C    . PRO B 2 7   ? -3.602  9.790   -0.272  1.00 0.73  ? 7   PRO B C    1 
ATOM   1814 O O    . PRO B 2 7   ? -4.779  9.493   -0.198  1.00 0.93  ? 7   PRO B O    1 
ATOM   1815 C CB   . PRO B 2 7   ? -3.021  7.435   0.258   1.00 0.78  ? 7   PRO B CB   1 
ATOM   1816 C CG   . PRO B 2 7   ? -3.476  7.140   1.677   1.00 0.82  ? 7   PRO B CG   1 
ATOM   1817 C CD   . PRO B 2 7   ? -2.701  8.098   2.569   1.00 0.77  ? 7   PRO B CD   1 
ATOM   1818 H HA   . PRO B 2 7   ? -1.637  8.900   -0.352  1.00 0.70  ? 7   PRO B HA   1 
ATOM   1819 H HB2  . PRO B 2 7   ? -3.840  7.356   -0.438  1.00 0.83  ? 7   PRO B HB2  1 
ATOM   1820 H HB3  . PRO B 2 7   ? -2.219  6.769   -0.018  1.00 0.80  ? 7   PRO B HB3  1 
ATOM   1821 H HG2  . PRO B 2 7   ? -4.536  7.322   1.764   1.00 0.86  ? 7   PRO B HG2  1 
ATOM   1822 H HG3  . PRO B 2 7   ? -3.245  6.121   1.943   1.00 0.89  ? 7   PRO B HG3  1 
ATOM   1823 H HD2  . PRO B 2 7   ? -3.366  8.541   3.292   1.00 0.80  ? 7   PRO B HD2  1 
ATOM   1824 H HD3  . PRO B 2 7   ? -1.901  7.568   3.062   1.00 0.80  ? 7   PRO B HD3  1 
ATOM   1825 N N    . LEU B 2 8   ? -3.209  10.892  -0.856  1.00 0.62  ? 8   LEU B N    1 
ATOM   1826 C CA   . LEU B 2 8   ? -4.188  11.835  -1.458  1.00 0.71  ? 8   LEU B CA   1 
ATOM   1827 C C    . LEU B 2 8   ? -3.820  11.970  -2.939  1.00 0.72  ? 8   LEU B C    1 
ATOM   1828 O O    . LEU B 2 8   ? -2.687  12.263  -3.240  1.00 0.77  ? 8   LEU B O    1 
ATOM   1829 C CB   . LEU B 2 8   ? -4.076  13.197  -0.785  1.00 0.79  ? 8   LEU B CB   1 
ATOM   1830 C CG   . LEU B 2 8   ? -5.400  13.515  -0.101  1.00 1.25  ? 8   LEU B CG   1 
ATOM   1831 C CD1  . LEU B 2 8   ? -5.446  12.806  1.251   1.00 1.86  ? 8   LEU B CD1  1 
ATOM   1832 C CD2  . LEU B 2 8   ? -5.519  15.026  0.096   1.00 1.92  ? 8   LEU B CD2  1 
ATOM   1833 H H    . LEU B 2 8   ? -2.259  11.087  -0.932  1.00 0.56  ? 8   LEU B H    1 
ATOM   1834 H HA   . LEU B 2 8   ? -5.183  11.450  -1.337  1.00 0.78  ? 8   LEU B HA   1 
ATOM   1835 H HB2  . LEU B 2 8   ? -3.283  13.175  -0.051  1.00 0.79  ? 8   LEU B HB2  1 
ATOM   1836 H HB3  . LEU B 2 8   ? -3.864  13.951  -1.527  1.00 1.11  ? 8   LEU B HB3  1 
ATOM   1837 H HG   . LEU B 2 8   ? -6.215  13.165  -0.718  1.00 1.79  ? 8   LEU B HG   1 
ATOM   1838 H HD11 . LEU B 2 8   ? -4.581  12.168  1.344   1.00 2.23  ? 8   LEU B HD11 1 
ATOM   1839 H HD12 . LEU B 2 8   ? -5.441  13.538  2.043   1.00 2.31  ? 8   LEU B HD12 1 
ATOM   1840 H HD13 . LEU B 2 8   ? -6.340  12.207  1.316   1.00 2.44  ? 8   LEU B HD13 1 
ATOM   1841 H HD21 . LEU B 2 8   ? -4.855  15.530  -0.591  1.00 2.25  ? 8   LEU B HD21 1 
ATOM   1842 H HD22 . LEU B 2 8   ? -6.535  15.333  -0.095  1.00 2.45  ? 8   LEU B HD22 1 
ATOM   1843 H HD23 . LEU B 2 8   ? -5.248  15.278  1.109   1.00 2.44  ? 8   LEU B HD23 1 
ATOM   1844 N N    . PRO B 2 9   ? -4.744  11.722  -3.834  1.00 0.81  ? 9   PRO B N    1 
ATOM   1845 C CA   . PRO B 2 9   ? -4.496  11.783  -5.296  1.00 0.90  ? 9   PRO B CA   1 
ATOM   1846 C C    . PRO B 2 9   ? -4.551  13.228  -5.794  1.00 0.99  ? 9   PRO B C    1 
ATOM   1847 O O    . PRO B 2 9   ? -5.556  13.670  -6.316  1.00 1.25  ? 9   PRO B O    1 
ATOM   1848 C CB   . PRO B 2 9   ? -5.602  10.945  -5.930  1.00 1.07  ? 9   PRO B CB   1 
ATOM   1849 C CG   . PRO B 2 9   ? -6.752  10.906  -4.919  1.00 1.13  ? 9   PRO B CG   1 
ATOM   1850 C CD   . PRO B 2 9   ? -6.168  11.348  -3.573  1.00 0.95  ? 9   PRO B CD   1 
ATOM   1851 H HA   . PRO B 2 9   ? -3.529  11.350  -5.528  1.00 0.89  ? 9   PRO B HA   1 
ATOM   1852 H HB2  . PRO B 2 9   ? -5.931  11.406  -6.853  1.00 1.17  ? 9   PRO B HB2  1 
ATOM   1853 H HB3  . PRO B 2 9   ? -5.248  9.944   -6.119  1.00 1.12  ? 9   PRO B HB3  1 
ATOM   1854 H HG2  . PRO B 2 9   ? -7.539  11.580  -5.225  1.00 1.24  ? 9   PRO B HG2  1 
ATOM   1855 H HG3  . PRO B 2 9   ? -7.135  9.900   -4.835  1.00 1.24  ? 9   PRO B HG3  1 
ATOM   1856 H HD2  . PRO B 2 9   ? -6.720  12.201  -3.201  1.00 1.02  ? 9   PRO B HD2  1 
ATOM   1857 H HD3  . PRO B 2 9   ? -6.217  10.535  -2.869  1.00 0.96  ? 9   PRO B HD3  1 
ATOM   1858 N N    . ASP B 2 10  ? -3.462  13.951  -5.635  1.00 1.21  ? 10  ASP B N    1 
ATOM   1859 C CA   . ASP B 2 10  ? -3.387  15.375  -6.085  1.00 1.40  ? 10  ASP B CA   1 
ATOM   1860 C C    . ASP B 2 10  ? -4.293  16.251  -5.201  1.00 1.97  ? 10  ASP B C    1 
ATOM   1861 O O    . ASP B 2 10  ? -5.357  15.824  -4.802  1.00 2.40  ? 10  ASP B O    1 
ATOM   1862 C CB   . ASP B 2 10  ? -3.815  15.490  -7.555  1.00 1.84  ? 10  ASP B CB   1 
ATOM   1863 C CG   . ASP B 2 10  ? -2.647  16.010  -8.395  1.00 2.06  ? 10  ASP B CG   1 
ATOM   1864 O OD1  . ASP B 2 10  ? -1.876  16.800  -7.879  1.00 2.23  ? 10  ASP B OD1  1 
ATOM   1865 O OD2  . ASP B 2 10  ? -2.545  15.609  -9.543  1.00 2.68  ? 10  ASP B OD2  1 
ATOM   1866 H H    . ASP B 2 10  ? -2.676  13.546  -5.213  1.00 1.46  ? 10  ASP B H    1 
ATOM   1867 H HA   . ASP B 2 10  ? -2.367  15.700  -5.990  1.00 1.29  ? 10  ASP B HA   1 
ATOM   1868 H HB2  . ASP B 2 10  ? -4.113  14.518  -7.921  1.00 2.14  ? 10  ASP B HB2  1 
ATOM   1869 H HB3  . ASP B 2 10  ? -4.647  16.173  -7.636  1.00 2.35  ? 10  ASP B HB3  1 
ATOM   1870 N N    . PRO B 2 11  ? -3.855  17.458  -4.909  1.00 2.40  ? 11  PRO B N    1 
ATOM   1871 C CA   . PRO B 2 11  ? -4.603  18.425  -4.068  1.00 3.17  ? 11  PRO B CA   1 
ATOM   1872 C C    . PRO B 2 11  ? -5.647  19.154  -4.920  1.00 3.66  ? 11  PRO B C    1 
ATOM   1873 O O    . PRO B 2 11  ? -5.451  20.283  -5.323  1.00 4.07  ? 11  PRO B O    1 
ATOM   1874 C CB   . PRO B 2 11  ? -3.560  19.408  -3.542  1.00 3.72  ? 11  PRO B CB   1 
ATOM   1875 C CG   . PRO B 2 11  ? -2.386  19.352  -4.524  1.00 3.53  ? 11  PRO B CG   1 
ATOM   1876 C CD   . PRO B 2 11  ? -2.561  18.068  -5.347  1.00 2.63  ? 11  PRO B CD   1 
ATOM   1877 H HA   . PRO B 2 11  ? -5.078  17.916  -3.243  1.00 3.33  ? 11  PRO B HA   1 
ATOM   1878 H HB2  . PRO B 2 11  ? -3.973  20.407  -3.508  1.00 4.25  ? 11  PRO B HB2  1 
ATOM   1879 H HB3  . PRO B 2 11  ? -3.227  19.108  -2.560  1.00 3.99  ? 11  PRO B HB3  1 
ATOM   1880 H HG2  . PRO B 2 11  ? -2.407  20.218  -5.171  1.00 3.88  ? 11  PRO B HG2  1 
ATOM   1881 H HG3  . PRO B 2 11  ? -1.453  19.313  -3.983  1.00 3.92  ? 11  PRO B HG3  1 
ATOM   1882 H HD2  . PRO B 2 11  ? -2.599  18.316  -6.399  1.00 2.68  ? 11  PRO B HD2  1 
ATOM   1883 H HD3  . PRO B 2 11  ? -1.746  17.394  -5.151  1.00 2.55  ? 11  PRO B HD3  1 
ATOM   1884 N N    . LYS B 2 12  ? -6.752  18.511  -5.201  1.00 3.98  ? 12  LYS B N    1 
ATOM   1885 C CA   . LYS B 2 12  ? -7.812  19.155  -6.028  1.00 4.77  ? 12  LYS B CA   1 
ATOM   1886 C C    . LYS B 2 12  ? -9.181  18.873  -5.404  1.00 5.32  ? 12  LYS B C    1 
ATOM   1887 O O    . LYS B 2 12  ? -9.403  19.310  -4.287  1.00 5.84  ? 12  LYS B O    1 
ATOM   1888 C CB   . LYS B 2 12  ? -7.774  18.579  -7.446  1.00 5.15  ? 12  LYS B CB   1 
ATOM   1889 C CG   . LYS B 2 12  ? -6.549  19.106  -8.201  1.00 5.77  ? 12  LYS B CG   1 
ATOM   1890 C CD   . LYS B 2 12  ? -6.942  19.434  -9.645  1.00 6.53  ? 12  LYS B CD   1 
ATOM   1891 C CE   . LYS B 2 12  ? -6.820  20.944  -9.887  1.00 7.09  ? 12  LYS B CE   1 
ATOM   1892 N NZ   . LYS B 2 12  ? -7.770  21.668  -8.996  1.00 7.78  ? 12  LYS B NZ   1 
ATOM   1893 O OXT  . LYS B 2 12  ? -9.983  18.222  -6.054  1.00 5.55  ? 12  LYS B OXT  1 
ATOM   1894 H H    . LYS B 2 12  ? -6.883  17.600  -4.867  1.00 3.91  ? 12  LYS B H    1 
ATOM   1895 H HA   . LYS B 2 12  ? -7.652  20.223  -6.065  1.00 5.13  ? 12  LYS B HA   1 
ATOM   1896 H HB2  . LYS B 2 12  ? -7.721  17.501  -7.391  1.00 5.08  ? 12  LYS B HB2  1 
ATOM   1897 H HB3  . LYS B 2 12  ? -8.670  18.867  -7.974  1.00 5.51  ? 12  LYS B HB3  1 
ATOM   1898 H HG2  . LYS B 2 12  ? -6.178  19.995  -7.714  1.00 6.09  ? 12  LYS B HG2  1 
ATOM   1899 H HG3  . LYS B 2 12  ? -5.776  18.349  -8.206  1.00 5.73  ? 12  LYS B HG3  1 
ATOM   1900 H HD2  . LYS B 2 12  ? -6.288  18.904  -10.324 1.00 6.66  ? 12  LYS B HD2  1 
ATOM   1901 H HD3  . LYS B 2 12  ? -7.963  19.123  -9.819  1.00 6.90  ? 12  LYS B HD3  1 
ATOM   1902 H HE2  . LYS B 2 12  ? -5.811  21.267  -9.673  1.00 7.25  ? 12  LYS B HE2  1 
ATOM   1903 H HE3  . LYS B 2 12  ? -7.055  21.169  -10.919 1.00 7.16  ? 12  LYS B HE3  1 
ATOM   1904 H HZ1  . LYS B 2 12  ? -7.542  21.455  -8.003  1.00 7.89  ? 12  LYS B HZ1  1 
ATOM   1905 H HZ2  . LYS B 2 12  ? -7.687  22.690  -9.159  1.00 8.11  ? 12  LYS B HZ2  1 
ATOM   1906 H HZ3  . LYS B 2 12  ? -8.742  21.362  -9.203  1.00 8.08  ? 12  LYS B HZ3  1 
# 
